data_1WI3
#
_entry.id   1WI3
#
_entity_poly.entity_id   1
_entity_poly.type   'polypeptide(L)'
_entity_poly.pdbx_seq_one_letter_code
;GSSGSSGPRSRTKISLEALGILQSFIHDVGLYPDQEAIHTLSAQLDLPKHTIIKFFQNQRYHVKHSGPSSG
;
_entity_poly.pdbx_strand_id   A
#
# COMPACT_ATOMS: atom_id res chain seq x y z
N GLY A 1 14.69 3.81 11.84
CA GLY A 1 13.35 3.41 12.26
C GLY A 1 13.22 1.88 12.30
N SER A 2 12.08 1.43 12.79
CA SER A 2 11.82 0.01 12.89
C SER A 2 10.43 -0.23 13.49
N SER A 3 9.65 -1.06 12.80
CA SER A 3 8.31 -1.38 13.27
C SER A 3 7.64 -2.33 12.28
N GLY A 4 6.60 -3.00 12.77
CA GLY A 4 5.87 -3.94 11.94
C GLY A 4 4.49 -4.25 12.54
N SER A 5 3.71 -5.01 11.81
CA SER A 5 2.37 -5.39 12.26
C SER A 5 1.74 -6.35 11.25
N SER A 6 1.13 -7.40 11.81
CA SER A 6 0.49 -8.41 10.98
C SER A 6 -0.88 -7.89 10.51
N GLY A 7 -1.36 -8.50 9.42
CA GLY A 7 -2.64 -8.11 8.87
C GLY A 7 -3.15 -9.17 7.89
N PRO A 8 -3.99 -10.09 8.43
CA PRO A 8 -4.56 -11.15 7.62
C PRO A 8 -5.66 -10.62 6.70
N ARG A 9 -6.20 -11.52 5.89
CA ARG A 9 -7.26 -11.16 4.97
C ARG A 9 -6.77 -10.08 3.99
N SER A 10 -7.40 -10.05 2.83
CA SER A 10 -7.05 -9.08 1.81
C SER A 10 -8.21 -8.90 0.84
N ARG A 11 -8.54 -7.64 0.59
CA ARG A 11 -9.63 -7.31 -0.33
C ARG A 11 -9.74 -5.79 -0.50
N THR A 12 -9.40 -5.34 -1.69
CA THR A 12 -9.47 -3.93 -2.00
C THR A 12 -9.92 -3.70 -3.44
N LYS A 13 -10.33 -2.48 -3.72
CA LYS A 13 -10.80 -2.13 -5.06
C LYS A 13 -10.46 -0.66 -5.34
N ILE A 14 -9.25 -0.46 -5.86
CA ILE A 14 -8.81 0.89 -6.18
C ILE A 14 -8.87 1.10 -7.69
N SER A 15 -9.64 2.10 -8.09
CA SER A 15 -9.80 2.41 -9.50
C SER A 15 -8.45 2.28 -10.21
N LEU A 16 -7.43 2.87 -9.61
CA LEU A 16 -6.09 2.83 -10.17
C LEU A 16 -5.30 4.03 -9.68
N GLU A 17 -5.73 5.21 -10.10
CA GLU A 17 -5.07 6.45 -9.72
C GLU A 17 -4.58 6.35 -8.27
N ALA A 18 -5.49 6.62 -7.35
CA ALA A 18 -5.16 6.57 -5.93
C ALA A 18 -4.03 5.55 -5.71
N LEU A 19 -4.32 4.30 -6.09
CA LEU A 19 -3.34 3.24 -5.94
C LEU A 19 -2.00 3.70 -6.51
N GLY A 20 -2.00 3.98 -7.81
CA GLY A 20 -0.80 4.44 -8.48
C GLY A 20 -0.08 5.52 -7.67
N ILE A 21 -0.86 6.53 -7.29
CA ILE A 21 -0.31 7.63 -6.51
C ILE A 21 0.55 7.07 -5.38
N LEU A 22 -0.13 6.56 -4.35
CA LEU A 22 0.57 6.00 -3.21
C LEU A 22 1.70 5.09 -3.69
N GLN A 23 1.41 4.40 -4.79
CA GLN A 23 2.40 3.49 -5.37
C GLN A 23 3.70 4.23 -5.65
N SER A 24 3.56 5.43 -6.19
CA SER A 24 4.72 6.24 -6.51
C SER A 24 5.52 6.55 -5.24
N PHE A 25 4.78 6.87 -4.18
CA PHE A 25 5.40 7.18 -2.91
C PHE A 25 6.12 5.96 -2.33
N ILE A 26 5.59 4.80 -2.67
CA ILE A 26 6.16 3.54 -2.18
C ILE A 26 7.53 3.34 -2.84
N HIS A 27 7.57 3.58 -4.14
CA HIS A 27 8.81 3.42 -4.89
C HIS A 27 9.76 4.58 -4.57
N ASP A 28 9.21 5.57 -3.88
CA ASP A 28 10.00 6.74 -3.50
C ASP A 28 10.57 6.53 -2.09
N VAL A 29 9.68 6.24 -1.16
CA VAL A 29 10.08 6.02 0.21
C VAL A 29 10.64 4.60 0.35
N GLY A 30 9.89 3.64 -0.17
CA GLY A 30 10.29 2.25 -0.12
C GLY A 30 9.13 1.37 0.33
N LEU A 31 9.30 0.78 1.51
CA LEU A 31 8.28 -0.10 2.07
C LEU A 31 8.24 0.09 3.60
N TYR A 32 8.25 1.34 4.01
CA TYR A 32 8.22 1.67 5.43
C TYR A 32 7.47 2.98 5.67
N PRO A 33 6.14 2.94 5.47
CA PRO A 33 5.31 4.12 5.66
C PRO A 33 5.10 4.39 7.15
N ASP A 34 5.15 5.68 7.49
CA ASP A 34 4.97 6.10 8.87
C ASP A 34 3.52 6.52 9.08
N GLN A 35 3.09 6.47 10.33
CA GLN A 35 1.73 6.85 10.68
C GLN A 35 1.35 8.14 9.96
N GLU A 36 2.36 8.94 9.66
CA GLU A 36 2.15 10.20 8.96
C GLU A 36 1.92 9.96 7.47
N ALA A 37 2.79 9.13 6.90
CA ALA A 37 2.69 8.81 5.49
C ALA A 37 1.34 8.15 5.21
N ILE A 38 0.96 7.24 6.09
CA ILE A 38 -0.30 6.54 5.95
C ILE A 38 -1.45 7.55 5.98
N HIS A 39 -1.34 8.49 6.91
CA HIS A 39 -2.36 9.52 7.05
C HIS A 39 -2.52 10.27 5.74
N THR A 40 -1.38 10.55 5.10
CA THR A 40 -1.39 11.25 3.83
C THR A 40 -2.03 10.40 2.74
N LEU A 41 -1.75 9.10 2.82
CA LEU A 41 -2.27 8.16 1.85
C LEU A 41 -3.79 8.01 2.06
N SER A 42 -4.17 8.02 3.32
CA SER A 42 -5.59 7.89 3.68
C SER A 42 -6.32 9.19 3.35
N ALA A 43 -5.55 10.24 3.15
CA ALA A 43 -6.11 11.54 2.84
C ALA A 43 -6.06 11.77 1.32
N GLN A 44 -4.84 11.91 0.82
CA GLN A 44 -4.64 12.12 -0.60
C GLN A 44 -5.58 11.24 -1.41
N LEU A 45 -5.67 9.98 -1.00
CA LEU A 45 -6.52 9.02 -1.67
C LEU A 45 -7.91 9.04 -1.03
N ASP A 46 -7.92 9.36 0.26
CA ASP A 46 -9.16 9.40 1.01
C ASP A 46 -9.56 7.99 1.44
N LEU A 47 -8.56 7.12 1.48
CA LEU A 47 -8.78 5.74 1.87
C LEU A 47 -8.48 5.58 3.36
N PRO A 48 -8.98 4.46 3.93
CA PRO A 48 -8.77 4.17 5.34
C PRO A 48 -7.34 3.71 5.60
N LYS A 49 -6.93 3.83 6.86
CA LYS A 49 -5.59 3.43 7.25
C LYS A 49 -5.43 1.92 7.03
N HIS A 50 -6.35 1.16 7.60
CA HIS A 50 -6.32 -0.28 7.47
C HIS A 50 -6.13 -0.66 6.01
N THR A 51 -6.92 -0.02 5.16
CA THR A 51 -6.85 -0.30 3.72
C THR A 51 -5.42 -0.10 3.22
N ILE A 52 -4.92 1.11 3.38
CA ILE A 52 -3.57 1.44 2.94
C ILE A 52 -2.59 0.45 3.57
N ILE A 53 -2.74 0.26 4.88
CA ILE A 53 -1.87 -0.65 5.60
C ILE A 53 -1.95 -2.04 4.97
N LYS A 54 -3.16 -2.59 4.96
CA LYS A 54 -3.39 -3.91 4.40
C LYS A 54 -2.65 -4.01 3.07
N PHE A 55 -3.14 -3.26 2.09
CA PHE A 55 -2.54 -3.26 0.77
C PHE A 55 -1.02 -3.35 0.86
N PHE A 56 -0.43 -2.42 1.60
CA PHE A 56 1.01 -2.39 1.77
C PHE A 56 1.53 -3.77 2.18
N GLN A 57 0.96 -4.29 3.25
CA GLN A 57 1.35 -5.60 3.76
C GLN A 57 1.60 -6.56 2.59
N ASN A 58 0.72 -6.49 1.61
CA ASN A 58 0.83 -7.35 0.44
C ASN A 58 2.19 -7.12 -0.24
N GLN A 59 2.49 -5.85 -0.44
CA GLN A 59 3.75 -5.48 -1.06
C GLN A 59 4.93 -6.09 -0.30
N ARG A 60 4.87 -5.96 1.02
CA ARG A 60 5.92 -6.49 1.87
C ARG A 60 6.01 -8.01 1.71
N TYR A 61 4.89 -8.66 1.97
CA TYR A 61 4.83 -10.11 1.86
C TYR A 61 5.51 -10.60 0.58
N HIS A 62 5.20 -9.91 -0.52
CA HIS A 62 5.78 -10.25 -1.80
C HIS A 62 7.29 -10.07 -1.76
N VAL A 63 7.70 -8.83 -1.56
CA VAL A 63 9.12 -8.51 -1.49
C VAL A 63 9.82 -9.48 -0.53
N LYS A 64 10.81 -10.18 -1.06
CA LYS A 64 11.55 -11.13 -0.27
C LYS A 64 12.94 -11.32 -0.88
N HIS A 65 12.94 -11.80 -2.12
CA HIS A 65 14.19 -12.04 -2.82
C HIS A 65 14.99 -10.74 -2.91
N SER A 66 14.40 -9.76 -3.55
CA SER A 66 15.04 -8.46 -3.70
C SER A 66 14.87 -7.64 -2.42
N GLY A 67 15.99 -7.18 -1.90
CA GLY A 67 15.98 -6.38 -0.68
C GLY A 67 16.58 -4.99 -0.93
N PRO A 68 17.16 -4.42 0.16
CA PRO A 68 17.77 -3.10 0.07
C PRO A 68 19.11 -3.17 -0.65
N SER A 69 19.71 -2.00 -0.85
CA SER A 69 20.99 -1.92 -1.53
C SER A 69 20.90 -2.58 -2.91
N SER A 70 20.79 -1.73 -3.93
CA SER A 70 20.69 -2.21 -5.29
C SER A 70 21.80 -3.24 -5.57
N GLY A 71 21.46 -4.24 -6.36
CA GLY A 71 22.40 -5.28 -6.71
C GLY A 71 22.21 -6.50 -5.82
N GLY A 1 8.98 -6.09 17.65
CA GLY A 1 9.04 -7.21 16.72
C GLY A 1 7.99 -8.27 17.07
N SER A 2 7.28 -8.70 16.03
CA SER A 2 6.24 -9.71 16.21
C SER A 2 6.69 -11.03 15.58
N SER A 3 6.96 -10.97 14.29
CA SER A 3 7.40 -12.15 13.55
C SER A 3 6.30 -13.21 13.57
N GLY A 4 5.52 -13.23 12.50
CA GLY A 4 4.43 -14.19 12.38
C GLY A 4 3.94 -14.27 10.93
N SER A 5 3.43 -15.45 10.58
CA SER A 5 2.92 -15.68 9.25
C SER A 5 1.49 -15.15 9.13
N SER A 6 1.14 -14.76 7.92
CA SER A 6 -0.20 -14.23 7.65
C SER A 6 -0.62 -14.58 6.23
N GLY A 7 -1.94 -14.54 6.02
CA GLY A 7 -2.49 -14.84 4.71
C GLY A 7 -2.34 -13.66 3.76
N PRO A 8 -2.40 -13.96 2.43
CA PRO A 8 -2.27 -12.93 1.43
C PRO A 8 -3.56 -12.10 1.32
N ARG A 9 -4.68 -12.81 1.20
CA ARG A 9 -5.96 -12.16 1.10
C ARG A 9 -5.94 -11.09 0.01
N SER A 10 -6.41 -11.47 -1.17
CA SER A 10 -6.45 -10.57 -2.30
C SER A 10 -7.74 -9.76 -2.28
N ARG A 11 -7.71 -8.67 -1.52
CA ARG A 11 -8.87 -7.81 -1.41
C ARG A 11 -8.46 -6.34 -1.61
N THR A 12 -8.94 -5.77 -2.71
CA THR A 12 -8.62 -4.39 -3.01
C THR A 12 -9.68 -3.81 -3.97
N LYS A 13 -9.92 -2.52 -3.83
CA LYS A 13 -10.89 -1.84 -4.67
C LYS A 13 -10.42 -0.40 -4.93
N ILE A 14 -9.35 -0.29 -5.70
CA ILE A 14 -8.80 1.01 -6.02
C ILE A 14 -8.86 1.22 -7.54
N SER A 15 -9.59 2.25 -7.94
CA SER A 15 -9.73 2.57 -9.35
C SER A 15 -8.39 2.38 -10.07
N LEU A 16 -7.35 2.94 -9.47
CA LEU A 16 -6.02 2.84 -10.04
C LEU A 16 -5.17 4.02 -9.55
N GLU A 17 -5.57 5.21 -9.98
CA GLU A 17 -4.86 6.42 -9.60
C GLU A 17 -4.36 6.31 -8.16
N ALA A 18 -5.25 6.61 -7.23
CA ALA A 18 -4.90 6.55 -5.82
C ALA A 18 -3.80 5.51 -5.61
N LEU A 19 -4.15 4.26 -5.92
CA LEU A 19 -3.21 3.17 -5.76
C LEU A 19 -1.85 3.60 -6.31
N GLY A 20 -1.82 3.89 -7.59
CA GLY A 20 -0.59 4.32 -8.24
C GLY A 20 0.02 5.52 -7.52
N ILE A 21 -0.84 6.45 -7.17
CA ILE A 21 -0.41 7.66 -6.47
C ILE A 21 0.40 7.26 -5.23
N LEU A 22 -0.16 6.31 -4.48
CA LEU A 22 0.51 5.85 -3.27
C LEU A 22 1.68 4.94 -3.66
N GLN A 23 1.48 4.19 -4.73
CA GLN A 23 2.51 3.28 -5.21
C GLN A 23 3.79 4.07 -5.54
N SER A 24 3.62 5.11 -6.32
CA SER A 24 4.75 5.94 -6.72
C SER A 24 5.55 6.37 -5.48
N PHE A 25 4.82 6.69 -4.43
CA PHE A 25 5.44 7.11 -3.19
C PHE A 25 6.20 5.95 -2.53
N ILE A 26 5.69 4.75 -2.77
CA ILE A 26 6.31 3.56 -2.21
C ILE A 26 7.66 3.33 -2.88
N HIS A 27 7.67 3.46 -4.20
CA HIS A 27 8.90 3.28 -4.97
C HIS A 27 9.82 4.49 -4.76
N ASP A 28 9.26 5.51 -4.12
CA ASP A 28 10.02 6.73 -3.85
C ASP A 28 10.62 6.65 -2.45
N VAL A 29 9.75 6.45 -1.48
CA VAL A 29 10.18 6.36 -0.09
C VAL A 29 10.68 4.94 0.19
N GLY A 30 9.85 3.97 -0.20
CA GLY A 30 10.19 2.58 0.00
C GLY A 30 8.98 1.79 0.52
N LEU A 31 9.28 0.77 1.32
CA LEU A 31 8.23 -0.07 1.88
C LEU A 31 8.33 -0.03 3.41
N TYR A 32 7.99 1.13 3.97
CA TYR A 32 8.03 1.30 5.41
C TYR A 32 7.62 2.73 5.79
N PRO A 33 6.34 3.07 5.48
CA PRO A 33 5.82 4.38 5.79
C PRO A 33 5.52 4.52 7.28
N ASP A 34 5.18 5.73 7.68
CA ASP A 34 4.88 6.01 9.08
C ASP A 34 3.41 6.42 9.19
N GLN A 35 2.91 6.39 10.42
CA GLN A 35 1.54 6.75 10.69
C GLN A 35 1.19 8.06 9.98
N GLU A 36 2.22 8.84 9.72
CA GLU A 36 2.04 10.13 9.05
C GLU A 36 1.86 9.92 7.55
N ALA A 37 2.77 9.15 6.97
CA ALA A 37 2.71 8.86 5.54
C ALA A 37 1.39 8.18 5.22
N ILE A 38 0.98 7.29 6.11
CA ILE A 38 -0.26 6.57 5.93
C ILE A 38 -1.44 7.54 5.98
N HIS A 39 -1.34 8.48 6.92
CA HIS A 39 -2.38 9.48 7.08
C HIS A 39 -2.56 10.27 5.78
N THR A 40 -1.43 10.53 5.13
CA THR A 40 -1.44 11.27 3.89
C THR A 40 -2.07 10.43 2.77
N LEU A 41 -1.80 9.13 2.83
CA LEU A 41 -2.33 8.21 1.85
C LEU A 41 -3.84 8.05 2.06
N SER A 42 -4.23 8.01 3.32
CA SER A 42 -5.63 7.86 3.66
C SER A 42 -6.38 9.16 3.35
N ALA A 43 -5.61 10.22 3.16
CA ALA A 43 -6.19 11.52 2.86
C ALA A 43 -6.13 11.77 1.35
N GLN A 44 -4.91 11.93 0.86
CA GLN A 44 -4.70 12.16 -0.56
C GLN A 44 -5.64 11.28 -1.39
N LEU A 45 -5.76 10.04 -0.97
CA LEU A 45 -6.61 9.09 -1.65
C LEU A 45 -8.00 9.09 -1.01
N ASP A 46 -8.01 9.39 0.29
CA ASP A 46 -9.25 9.43 1.03
C ASP A 46 -9.65 8.01 1.45
N LEU A 47 -8.64 7.15 1.49
CA LEU A 47 -8.87 5.76 1.86
C LEU A 47 -8.55 5.58 3.34
N PRO A 48 -9.05 4.45 3.92
CA PRO A 48 -8.83 4.15 5.31
C PRO A 48 -7.39 3.66 5.55
N LYS A 49 -6.96 3.76 6.80
CA LYS A 49 -5.63 3.34 7.17
C LYS A 49 -5.49 1.83 6.94
N HIS A 50 -6.43 1.09 7.52
CA HIS A 50 -6.42 -0.35 7.38
C HIS A 50 -6.26 -0.74 5.91
N THR A 51 -6.99 -0.02 5.06
CA THR A 51 -6.93 -0.28 3.64
C THR A 51 -5.51 -0.08 3.11
N ILE A 52 -5.01 1.13 3.30
CA ILE A 52 -3.67 1.47 2.85
C ILE A 52 -2.67 0.51 3.50
N ILE A 53 -2.81 0.35 4.81
CA ILE A 53 -1.92 -0.53 5.55
C ILE A 53 -1.99 -1.93 4.95
N LYS A 54 -3.18 -2.50 4.98
CA LYS A 54 -3.40 -3.83 4.44
C LYS A 54 -2.63 -3.97 3.12
N PHE A 55 -3.10 -3.22 2.13
CA PHE A 55 -2.47 -3.26 0.82
C PHE A 55 -0.95 -3.37 0.94
N PHE A 56 -0.38 -2.38 1.62
CA PHE A 56 1.06 -2.36 1.81
C PHE A 56 1.59 -3.72 2.27
N GLN A 57 0.98 -4.22 3.33
CA GLN A 57 1.37 -5.51 3.87
C GLN A 57 1.50 -6.55 2.75
N ASN A 58 0.67 -6.37 1.73
CA ASN A 58 0.68 -7.27 0.60
C ASN A 58 1.97 -7.07 -0.21
N GLN A 59 2.33 -5.81 -0.35
CA GLN A 59 3.54 -5.46 -1.10
C GLN A 59 4.76 -6.10 -0.45
N ARG A 60 4.88 -5.91 0.86
CA ARG A 60 5.98 -6.47 1.62
C ARG A 60 6.12 -7.97 1.34
N TYR A 61 5.04 -8.69 1.64
CA TYR A 61 5.02 -10.12 1.43
C TYR A 61 5.57 -10.49 0.05
N HIS A 62 5.14 -9.73 -0.94
CA HIS A 62 5.59 -9.96 -2.31
C HIS A 62 7.11 -9.83 -2.38
N VAL A 63 7.57 -8.59 -2.33
CA VAL A 63 9.00 -8.31 -2.38
C VAL A 63 9.71 -9.16 -1.33
N LYS A 64 10.94 -9.54 -1.66
CA LYS A 64 11.74 -10.33 -0.75
C LYS A 64 13.16 -9.75 -0.67
N HIS A 65 13.88 -10.19 0.34
CA HIS A 65 15.24 -9.72 0.54
C HIS A 65 15.25 -8.19 0.65
N SER A 66 15.09 -7.72 1.87
CA SER A 66 15.08 -6.28 2.12
C SER A 66 16.27 -5.90 3.00
N GLY A 67 16.55 -4.60 3.02
CA GLY A 67 17.66 -4.09 3.81
C GLY A 67 17.47 -4.44 5.29
N PRO A 68 16.63 -3.62 5.98
CA PRO A 68 16.36 -3.84 7.40
C PRO A 68 15.43 -5.03 7.60
N SER A 69 16.04 -6.15 8.01
CA SER A 69 15.28 -7.37 8.25
C SER A 69 14.25 -7.13 9.35
N SER A 70 12.99 -7.39 9.01
CA SER A 70 11.91 -7.21 9.95
C SER A 70 10.57 -7.55 9.30
N GLY A 71 9.88 -8.50 9.88
CA GLY A 71 8.58 -8.92 9.36
C GLY A 71 8.76 -9.72 8.06
N GLY A 1 3.26 -11.19 21.02
CA GLY A 1 2.92 -12.07 19.91
C GLY A 1 1.58 -11.70 19.30
N SER A 2 1.31 -12.26 18.13
CA SER A 2 0.07 -12.01 17.44
C SER A 2 -0.31 -13.20 16.56
N SER A 3 0.57 -13.50 15.61
CA SER A 3 0.36 -14.62 14.71
C SER A 3 -0.87 -14.34 13.84
N GLY A 4 -0.94 -15.08 12.73
CA GLY A 4 -2.05 -14.92 11.81
C GLY A 4 -1.58 -14.30 10.49
N SER A 5 -1.80 -15.05 9.41
CA SER A 5 -1.40 -14.58 8.09
C SER A 5 -2.41 -15.06 7.04
N SER A 6 -3.52 -14.35 6.97
CA SER A 6 -4.57 -14.69 6.02
C SER A 6 -5.05 -13.42 5.29
N GLY A 7 -5.26 -13.58 4.00
CA GLY A 7 -5.72 -12.47 3.18
C GLY A 7 -5.93 -12.90 1.73
N PRO A 8 -7.21 -13.20 1.39
CA PRO A 8 -7.55 -13.62 0.05
C PRO A 8 -7.53 -12.44 -0.93
N ARG A 9 -6.78 -12.60 -2.00
CA ARG A 9 -6.67 -11.55 -2.99
C ARG A 9 -8.06 -11.15 -3.50
N SER A 10 -8.11 -9.96 -4.09
CA SER A 10 -9.36 -9.45 -4.61
C SER A 10 -9.26 -9.23 -6.12
N ARG A 11 -10.40 -9.26 -6.77
CA ARG A 11 -10.46 -9.07 -8.21
C ARG A 11 -9.97 -7.66 -8.58
N THR A 12 -10.73 -6.67 -8.12
CA THR A 12 -10.38 -5.29 -8.40
C THR A 12 -10.32 -4.49 -7.10
N LYS A 13 -9.34 -3.60 -7.04
CA LYS A 13 -9.15 -2.77 -5.86
C LYS A 13 -8.54 -1.42 -6.27
N ILE A 14 -9.15 -0.36 -5.77
CA ILE A 14 -8.67 0.98 -6.09
C ILE A 14 -8.78 1.23 -7.58
N SER A 15 -9.57 2.22 -7.93
CA SER A 15 -9.77 2.57 -9.33
C SER A 15 -8.45 2.44 -10.10
N LEU A 16 -7.41 3.02 -9.52
CA LEU A 16 -6.09 2.98 -10.13
C LEU A 16 -5.27 4.18 -9.64
N GLU A 17 -5.72 5.36 -10.05
CA GLU A 17 -5.04 6.58 -9.66
C GLU A 17 -4.49 6.46 -8.23
N ALA A 18 -5.36 6.72 -7.28
CA ALA A 18 -4.97 6.64 -5.88
C ALA A 18 -3.86 5.62 -5.72
N LEU A 19 -4.16 4.38 -6.08
CA LEU A 19 -3.19 3.30 -5.98
C LEU A 19 -1.86 3.77 -6.57
N GLY A 20 -1.90 4.10 -7.86
CA GLY A 20 -0.71 4.56 -8.55
C GLY A 20 -0.04 5.70 -7.79
N ILE A 21 -0.87 6.62 -7.32
CA ILE A 21 -0.38 7.78 -6.58
C ILE A 21 0.47 7.28 -5.40
N LEU A 22 -0.16 6.49 -4.56
CA LEU A 22 0.53 5.95 -3.39
C LEU A 22 1.69 5.07 -3.84
N GLN A 23 1.45 4.34 -4.93
CA GLN A 23 2.47 3.46 -5.47
C GLN A 23 3.76 4.24 -5.72
N SER A 24 3.60 5.43 -6.27
CA SER A 24 4.75 6.27 -6.56
C SER A 24 5.51 6.58 -5.27
N PHE A 25 4.76 6.86 -4.22
CA PHE A 25 5.35 7.17 -2.94
C PHE A 25 6.08 5.96 -2.36
N ILE A 26 5.58 4.79 -2.71
CA ILE A 26 6.17 3.55 -2.24
C ILE A 26 7.55 3.36 -2.89
N HIS A 27 7.60 3.69 -4.17
CA HIS A 27 8.84 3.57 -4.91
C HIS A 27 9.78 4.72 -4.55
N ASP A 28 9.22 5.70 -3.85
CA ASP A 28 9.98 6.86 -3.44
C ASP A 28 10.57 6.61 -2.05
N VAL A 29 9.67 6.27 -1.12
CA VAL A 29 10.08 6.01 0.24
C VAL A 29 10.64 4.58 0.34
N GLY A 30 9.91 3.66 -0.27
CA GLY A 30 10.32 2.26 -0.26
C GLY A 30 9.16 1.35 0.15
N LEU A 31 9.28 0.80 1.34
CA LEU A 31 8.25 -0.08 1.86
C LEU A 31 8.16 0.08 3.39
N TYR A 32 8.19 1.34 3.81
CA TYR A 32 8.12 1.64 5.23
C TYR A 32 7.38 2.96 5.46
N PRO A 33 6.03 2.91 5.31
CA PRO A 33 5.20 4.08 5.49
C PRO A 33 5.04 4.40 6.99
N ASP A 34 5.21 5.68 7.30
CA ASP A 34 5.09 6.13 8.67
C ASP A 34 3.64 6.51 8.95
N GLN A 35 3.25 6.37 10.21
CA GLN A 35 1.90 6.70 10.63
C GLN A 35 1.43 7.98 9.93
N GLU A 36 2.40 8.83 9.62
CA GLU A 36 2.11 10.10 8.97
C GLU A 36 1.85 9.87 7.47
N ALA A 37 2.77 9.13 6.86
CA ALA A 37 2.66 8.83 5.44
C ALA A 37 1.31 8.16 5.16
N ILE A 38 0.95 7.24 6.04
CA ILE A 38 -0.31 6.53 5.92
C ILE A 38 -1.47 7.53 5.94
N HIS A 39 -1.39 8.44 6.89
CA HIS A 39 -2.42 9.46 7.04
C HIS A 39 -2.57 10.23 5.73
N THR A 40 -1.43 10.52 5.12
CA THR A 40 -1.41 11.25 3.87
C THR A 40 -2.04 10.41 2.75
N LEU A 41 -1.79 9.11 2.83
CA LEU A 41 -2.32 8.19 1.83
C LEU A 41 -3.83 8.03 2.05
N SER A 42 -4.21 8.02 3.31
CA SER A 42 -5.62 7.87 3.66
C SER A 42 -6.37 9.16 3.37
N ALA A 43 -5.61 10.23 3.18
CA ALA A 43 -6.19 11.53 2.89
C ALA A 43 -6.13 11.78 1.38
N GLN A 44 -4.90 11.94 0.89
CA GLN A 44 -4.69 12.18 -0.53
C GLN A 44 -5.61 11.29 -1.37
N LEU A 45 -5.69 10.04 -0.96
CA LEU A 45 -6.52 9.08 -1.66
C LEU A 45 -7.91 9.06 -1.03
N ASP A 46 -7.94 9.36 0.26
CA ASP A 46 -9.20 9.39 1.00
C ASP A 46 -9.57 7.96 1.40
N LEU A 47 -8.56 7.11 1.42
CA LEU A 47 -8.77 5.71 1.80
C LEU A 47 -8.50 5.53 3.29
N PRO A 48 -9.00 4.39 3.83
CA PRO A 48 -8.81 4.10 5.25
C PRO A 48 -7.38 3.65 5.53
N LYS A 49 -6.99 3.76 6.79
CA LYS A 49 -5.65 3.37 7.20
C LYS A 49 -5.48 1.87 7.00
N HIS A 50 -6.44 1.12 7.53
CA HIS A 50 -6.41 -0.33 7.41
C HIS A 50 -6.18 -0.73 5.95
N THR A 51 -6.93 -0.07 5.08
CA THR A 51 -6.83 -0.34 3.65
C THR A 51 -5.39 -0.14 3.18
N ILE A 52 -4.90 1.07 3.35
CA ILE A 52 -3.55 1.41 2.95
C ILE A 52 -2.57 0.41 3.58
N ILE A 53 -2.78 0.18 4.87
CA ILE A 53 -1.93 -0.75 5.60
C ILE A 53 -2.01 -2.13 4.96
N LYS A 54 -3.20 -2.71 5.03
CA LYS A 54 -3.43 -4.03 4.47
C LYS A 54 -2.71 -4.13 3.13
N PHE A 55 -3.08 -3.25 2.21
CA PHE A 55 -2.48 -3.24 0.89
C PHE A 55 -0.95 -3.33 1.00
N PHE A 56 -0.39 -2.40 1.75
CA PHE A 56 1.06 -2.36 1.92
C PHE A 56 1.59 -3.71 2.41
N GLN A 57 0.96 -4.21 3.47
CA GLN A 57 1.37 -5.48 4.04
C GLN A 57 1.65 -6.50 2.93
N ASN A 58 0.70 -6.57 2.00
CA ASN A 58 0.84 -7.49 0.88
C ASN A 58 2.19 -7.28 0.20
N GLN A 59 2.44 -6.04 -0.16
CA GLN A 59 3.69 -5.69 -0.82
C GLN A 59 4.87 -6.33 -0.08
N ARG A 60 4.90 -6.09 1.22
CA ARG A 60 5.97 -6.64 2.05
C ARG A 60 6.09 -8.15 1.83
N TYR A 61 4.95 -8.82 1.95
CA TYR A 61 4.92 -10.27 1.77
C TYR A 61 5.33 -10.66 0.35
N HIS A 62 4.91 -9.83 -0.60
CA HIS A 62 5.23 -10.07 -2.00
C HIS A 62 6.50 -9.31 -2.37
N VAL A 63 7.63 -9.87 -1.97
CA VAL A 63 8.92 -9.27 -2.26
C VAL A 63 9.96 -10.36 -2.49
N LYS A 64 10.96 -10.02 -3.29
CA LYS A 64 12.02 -10.97 -3.60
C LYS A 64 11.46 -12.11 -4.44
N HIS A 65 12.35 -12.79 -5.13
CA HIS A 65 11.95 -13.91 -5.98
C HIS A 65 11.09 -14.87 -5.17
N SER A 66 11.63 -15.34 -4.06
CA SER A 66 10.92 -16.26 -3.21
C SER A 66 9.45 -15.86 -3.11
N GLY A 67 9.23 -14.65 -2.61
CA GLY A 67 7.88 -14.13 -2.47
C GLY A 67 7.04 -14.42 -3.73
N PRO A 68 5.70 -14.44 -3.53
CA PRO A 68 4.78 -14.70 -4.63
C PRO A 68 4.66 -13.47 -5.53
N SER A 69 4.39 -13.74 -6.80
CA SER A 69 4.24 -12.67 -7.78
C SER A 69 2.79 -12.17 -7.80
N SER A 70 2.66 -10.86 -7.70
CA SER A 70 1.35 -10.24 -7.70
C SER A 70 0.88 -10.00 -9.15
N GLY A 71 -0.20 -10.68 -9.51
CA GLY A 71 -0.75 -10.54 -10.84
C GLY A 71 -2.28 -10.62 -10.82
N GLY A 1 -5.34 -15.04 -24.33
CA GLY A 1 -4.97 -13.67 -24.04
C GLY A 1 -6.20 -12.84 -23.62
N SER A 2 -6.22 -12.46 -22.35
CA SER A 2 -7.32 -11.67 -21.83
C SER A 2 -7.10 -11.41 -20.34
N SER A 3 -7.81 -10.40 -19.84
CA SER A 3 -7.69 -10.03 -18.44
C SER A 3 -8.66 -8.88 -18.12
N GLY A 4 -8.86 -8.66 -16.84
CA GLY A 4 -9.76 -7.60 -16.39
C GLY A 4 -10.53 -8.03 -15.15
N SER A 5 -11.69 -8.65 -15.39
CA SER A 5 -12.53 -9.11 -14.30
C SER A 5 -13.24 -7.92 -13.64
N SER A 6 -12.43 -6.98 -13.16
CA SER A 6 -12.97 -5.80 -12.51
C SER A 6 -14.05 -5.17 -13.38
N GLY A 7 -14.82 -4.29 -12.77
CA GLY A 7 -15.90 -3.61 -13.48
C GLY A 7 -16.08 -2.18 -12.96
N PRO A 8 -16.96 -1.42 -13.66
CA PRO A 8 -17.24 -0.05 -13.29
C PRO A 8 -18.12 0.01 -12.05
N ARG A 9 -17.55 -0.37 -10.92
CA ARG A 9 -18.27 -0.36 -9.66
C ARG A 9 -17.32 -0.09 -8.50
N SER A 10 -17.86 0.55 -7.47
CA SER A 10 -17.08 0.88 -6.30
C SER A 10 -16.78 -0.39 -5.48
N ARG A 11 -15.50 -0.74 -5.44
CA ARG A 11 -15.08 -1.92 -4.71
C ARG A 11 -13.90 -1.58 -3.80
N THR A 12 -13.56 -2.54 -2.95
CA THR A 12 -12.45 -2.36 -2.03
C THR A 12 -11.14 -2.17 -2.78
N LYS A 13 -11.16 -2.59 -4.04
CA LYS A 13 -9.98 -2.46 -4.89
C LYS A 13 -9.86 -1.02 -5.39
N ILE A 14 -8.66 -0.47 -5.27
CA ILE A 14 -8.41 0.89 -5.69
C ILE A 14 -8.54 0.97 -7.21
N SER A 15 -9.42 1.87 -7.67
CA SER A 15 -9.64 2.05 -9.09
C SER A 15 -8.32 1.96 -9.84
N LEU A 16 -7.32 2.64 -9.31
CA LEU A 16 -6.00 2.65 -9.91
C LEU A 16 -5.23 3.89 -9.46
N GLU A 17 -5.67 5.03 -9.96
CA GLU A 17 -5.03 6.29 -9.61
C GLU A 17 -4.56 6.27 -8.16
N ALA A 18 -5.50 6.57 -7.27
CA ALA A 18 -5.20 6.58 -5.84
C ALA A 18 -4.07 5.59 -5.56
N LEU A 19 -4.27 4.36 -6.03
CA LEU A 19 -3.30 3.31 -5.83
C LEU A 19 -1.93 3.80 -6.29
N GLY A 20 -1.80 3.91 -7.61
CA GLY A 20 -0.55 4.37 -8.20
C GLY A 20 0.04 5.55 -7.42
N ILE A 21 -0.83 6.51 -7.13
CA ILE A 21 -0.42 7.69 -6.39
C ILE A 21 0.42 7.26 -5.19
N LEU A 22 -0.10 6.27 -4.47
CA LEU A 22 0.59 5.76 -3.29
C LEU A 22 1.67 4.78 -3.72
N GLN A 23 1.33 3.97 -4.72
CA GLN A 23 2.26 2.99 -5.24
C GLN A 23 3.58 3.66 -5.65
N SER A 24 3.45 4.88 -6.12
CA SER A 24 4.61 5.64 -6.55
C SER A 24 5.46 6.04 -5.34
N PHE A 25 4.80 6.64 -4.37
CA PHE A 25 5.47 7.08 -3.15
C PHE A 25 6.19 5.90 -2.48
N ILE A 26 5.61 4.72 -2.66
CA ILE A 26 6.18 3.51 -2.08
C ILE A 26 7.53 3.23 -2.73
N HIS A 27 7.54 3.30 -4.05
CA HIS A 27 8.76 3.05 -4.81
C HIS A 27 9.72 4.22 -4.63
N ASP A 28 9.21 5.29 -4.04
CA ASP A 28 10.01 6.47 -3.80
C ASP A 28 10.63 6.40 -2.41
N VAL A 29 9.76 6.24 -1.42
CA VAL A 29 10.20 6.15 -0.04
C VAL A 29 10.74 4.73 0.23
N GLY A 30 9.93 3.76 -0.15
CA GLY A 30 10.30 2.36 0.03
C GLY A 30 9.12 1.55 0.56
N LEU A 31 9.38 0.80 1.63
CA LEU A 31 8.34 -0.03 2.22
C LEU A 31 8.41 0.11 3.75
N TYR A 32 8.47 1.36 4.20
CA TYR A 32 8.53 1.63 5.62
C TYR A 32 7.94 3.01 5.93
N PRO A 33 6.62 3.15 5.64
CA PRO A 33 5.92 4.40 5.89
C PRO A 33 5.65 4.59 7.39
N ASP A 34 5.12 5.76 7.72
CA ASP A 34 4.81 6.07 9.10
C ASP A 34 3.36 6.54 9.20
N GLN A 35 2.81 6.44 10.40
CA GLN A 35 1.44 6.84 10.64
C GLN A 35 1.13 8.14 9.90
N GLU A 36 2.18 8.94 9.70
CA GLU A 36 2.03 10.21 9.01
C GLU A 36 1.87 9.98 7.51
N ALA A 37 2.78 9.18 6.96
CA ALA A 37 2.75 8.87 5.55
C ALA A 37 1.42 8.20 5.20
N ILE A 38 1.00 7.29 6.08
CA ILE A 38 -0.24 6.57 5.88
C ILE A 38 -1.41 7.57 5.91
N HIS A 39 -1.37 8.45 6.90
CA HIS A 39 -2.40 9.45 7.05
C HIS A 39 -2.57 10.22 5.74
N THR A 40 -1.44 10.62 5.18
CA THR A 40 -1.45 11.37 3.93
C THR A 40 -2.08 10.53 2.82
N LEU A 41 -1.83 9.23 2.88
CA LEU A 41 -2.38 8.31 1.88
C LEU A 41 -3.88 8.15 2.11
N SER A 42 -4.26 8.17 3.38
CA SER A 42 -5.66 8.02 3.75
C SER A 42 -6.41 9.32 3.47
N ALA A 43 -5.64 10.38 3.27
CA ALA A 43 -6.21 11.68 2.99
C ALA A 43 -6.17 11.95 1.48
N GLN A 44 -4.96 12.09 0.97
CA GLN A 44 -4.77 12.35 -0.44
C GLN A 44 -5.72 11.49 -1.26
N LEU A 45 -5.82 10.23 -0.87
CA LEU A 45 -6.69 9.29 -1.57
C LEU A 45 -8.07 9.29 -0.90
N ASP A 46 -8.06 9.56 0.40
CA ASP A 46 -9.30 9.59 1.16
C ASP A 46 -9.69 8.16 1.55
N LEU A 47 -8.70 7.29 1.56
CA LEU A 47 -8.92 5.89 1.91
C LEU A 47 -8.57 5.68 3.38
N PRO A 48 -9.07 4.54 3.92
CA PRO A 48 -8.82 4.20 5.32
C PRO A 48 -7.38 3.73 5.51
N LYS A 49 -6.95 3.77 6.77
CA LYS A 49 -5.60 3.35 7.11
C LYS A 49 -5.47 1.84 6.85
N HIS A 50 -6.41 1.09 7.39
CA HIS A 50 -6.41 -0.35 7.23
C HIS A 50 -6.24 -0.70 5.75
N THR A 51 -7.06 -0.03 4.93
CA THR A 51 -7.01 -0.26 3.49
C THR A 51 -5.60 -0.02 2.95
N ILE A 52 -5.10 1.18 3.23
CA ILE A 52 -3.76 1.54 2.78
C ILE A 52 -2.75 0.56 3.36
N ILE A 53 -2.89 0.31 4.65
CA ILE A 53 -1.99 -0.61 5.34
C ILE A 53 -2.06 -1.98 4.67
N LYS A 54 -3.26 -2.54 4.65
CA LYS A 54 -3.47 -3.84 4.04
C LYS A 54 -2.65 -3.94 2.75
N PHE A 55 -2.99 -3.09 1.80
CA PHE A 55 -2.30 -3.08 0.53
C PHE A 55 -0.79 -3.22 0.73
N PHE A 56 -0.23 -2.25 1.42
CA PHE A 56 1.20 -2.26 1.69
C PHE A 56 1.68 -3.65 2.08
N GLN A 57 1.04 -4.20 3.09
CA GLN A 57 1.39 -5.53 3.57
C GLN A 57 1.54 -6.50 2.40
N ASN A 58 0.75 -6.25 1.37
CA ASN A 58 0.79 -7.08 0.17
C ASN A 58 2.15 -6.94 -0.51
N GLN A 59 2.62 -5.70 -0.56
CA GLN A 59 3.91 -5.41 -1.17
C GLN A 59 5.02 -6.15 -0.45
N ARG A 60 5.04 -5.99 0.87
CA ARG A 60 6.05 -6.64 1.69
C ARG A 60 6.10 -8.14 1.37
N TYR A 61 4.95 -8.78 1.50
CA TYR A 61 4.86 -10.20 1.23
C TYR A 61 5.74 -10.61 0.05
N HIS A 62 5.49 -9.95 -1.08
CA HIS A 62 6.25 -10.23 -2.28
C HIS A 62 7.24 -9.09 -2.54
N VAL A 63 8.48 -9.32 -2.14
CA VAL A 63 9.53 -8.32 -2.33
C VAL A 63 10.84 -9.03 -2.63
N LYS A 64 11.62 -8.40 -3.51
CA LYS A 64 12.91 -8.96 -3.89
C LYS A 64 13.95 -7.84 -3.91
N HIS A 65 14.78 -7.83 -2.87
CA HIS A 65 15.82 -6.82 -2.76
C HIS A 65 16.76 -7.19 -1.61
N SER A 66 17.42 -8.33 -1.76
CA SER A 66 18.35 -8.80 -0.75
C SER A 66 19.67 -8.02 -0.84
N GLY A 67 20.06 -7.46 0.30
CA GLY A 67 21.30 -6.69 0.36
C GLY A 67 22.46 -7.56 0.85
N PRO A 68 23.10 -7.07 1.95
CA PRO A 68 24.23 -7.80 2.53
C PRO A 68 23.75 -9.02 3.31
N SER A 69 23.05 -9.89 2.60
CA SER A 69 22.53 -11.11 3.21
C SER A 69 21.49 -10.76 4.26
N SER A 70 20.23 -10.73 3.82
CA SER A 70 19.14 -10.42 4.71
C SER A 70 18.91 -11.57 5.70
N GLY A 71 18.77 -11.20 6.96
CA GLY A 71 18.55 -12.19 8.01
C GLY A 71 19.46 -13.39 7.82
N GLY A 1 0.24 4.66 17.53
CA GLY A 1 -0.04 3.45 18.28
C GLY A 1 -1.41 2.88 17.90
N SER A 2 -1.96 2.10 18.82
CA SER A 2 -3.25 1.48 18.60
C SER A 2 -3.27 0.77 17.24
N SER A 3 -2.89 -0.50 17.27
CA SER A 3 -2.85 -1.31 16.06
C SER A 3 -3.81 -2.49 16.19
N GLY A 4 -4.19 -3.03 15.04
CA GLY A 4 -5.10 -4.16 15.01
C GLY A 4 -6.39 -3.81 14.27
N SER A 5 -7.04 -4.83 13.74
CA SER A 5 -8.28 -4.64 13.01
C SER A 5 -8.92 -6.00 12.70
N SER A 6 -10.22 -5.96 12.47
CA SER A 6 -10.96 -7.18 12.16
C SER A 6 -12.21 -6.83 11.36
N GLY A 7 -12.74 -7.84 10.67
CA GLY A 7 -13.94 -7.66 9.87
C GLY A 7 -14.17 -8.86 8.95
N PRO A 8 -15.34 -8.85 8.27
CA PRO A 8 -15.69 -9.93 7.36
C PRO A 8 -14.90 -9.82 6.05
N ARG A 9 -13.59 -9.94 6.17
CA ARG A 9 -12.72 -9.86 5.01
C ARG A 9 -13.14 -8.70 4.12
N SER A 10 -12.64 -7.51 4.46
CA SER A 10 -12.95 -6.32 3.69
C SER A 10 -12.10 -6.27 2.42
N ARG A 11 -12.75 -6.58 1.31
CA ARG A 11 -12.08 -6.57 0.02
C ARG A 11 -11.66 -5.14 -0.35
N THR A 12 -10.45 -5.02 -0.88
CA THR A 12 -9.94 -3.73 -1.28
C THR A 12 -10.09 -3.54 -2.80
N LYS A 13 -10.22 -2.28 -3.20
CA LYS A 13 -10.38 -1.96 -4.60
C LYS A 13 -10.00 -0.49 -4.82
N ILE A 14 -9.07 -0.28 -5.74
CA ILE A 14 -8.61 1.06 -6.06
C ILE A 14 -8.74 1.30 -7.56
N SER A 15 -9.53 2.30 -7.90
CA SER A 15 -9.75 2.64 -9.30
C SER A 15 -8.44 2.53 -10.07
N LEU A 16 -7.40 3.13 -9.51
CA LEU A 16 -6.09 3.11 -10.13
C LEU A 16 -5.28 4.32 -9.64
N GLU A 17 -5.75 5.50 -10.02
CA GLU A 17 -5.08 6.72 -9.63
C GLU A 17 -4.53 6.60 -8.21
N ALA A 18 -5.40 6.84 -7.24
CA ALA A 18 -5.01 6.76 -5.84
C ALA A 18 -3.89 5.75 -5.69
N LEU A 19 -4.19 4.51 -6.07
CA LEU A 19 -3.21 3.45 -5.99
C LEU A 19 -1.88 3.92 -6.57
N GLY A 20 -1.91 4.23 -7.86
CA GLY A 20 -0.72 4.69 -8.54
C GLY A 20 -0.06 5.84 -7.78
N ILE A 21 -0.89 6.76 -7.31
CA ILE A 21 -0.40 7.91 -6.57
C ILE A 21 0.45 7.42 -5.40
N LEU A 22 -0.15 6.58 -4.58
CA LEU A 22 0.56 6.04 -3.43
C LEU A 22 1.69 5.14 -3.91
N GLN A 23 1.42 4.42 -4.98
CA GLN A 23 2.41 3.51 -5.55
C GLN A 23 3.71 4.27 -5.83
N SER A 24 3.57 5.46 -6.38
CA SER A 24 4.72 6.28 -6.71
C SER A 24 5.53 6.57 -5.44
N PHE A 25 4.80 6.78 -4.35
CA PHE A 25 5.43 7.06 -3.07
C PHE A 25 6.13 5.82 -2.51
N ILE A 26 5.60 4.67 -2.89
CA ILE A 26 6.16 3.40 -2.43
C ILE A 26 7.54 3.20 -3.06
N HIS A 27 7.63 3.57 -4.32
CA HIS A 27 8.89 3.44 -5.05
C HIS A 27 9.79 4.64 -4.73
N ASP A 28 9.20 5.63 -4.09
CA ASP A 28 9.93 6.83 -3.72
C ASP A 28 10.53 6.65 -2.33
N VAL A 29 9.68 6.26 -1.39
CA VAL A 29 10.11 6.04 -0.02
C VAL A 29 10.60 4.60 0.14
N GLY A 30 9.78 3.67 -0.34
CA GLY A 30 10.12 2.26 -0.25
C GLY A 30 8.92 1.44 0.23
N LEU A 31 9.11 0.83 1.39
CA LEU A 31 8.06 0.01 1.97
C LEU A 31 8.04 0.22 3.49
N TYR A 32 8.31 1.45 3.89
CA TYR A 32 8.34 1.79 5.30
C TYR A 32 7.55 3.08 5.57
N PRO A 33 6.22 3.02 5.29
CA PRO A 33 5.36 4.16 5.50
C PRO A 33 5.08 4.39 6.98
N ASP A 34 5.30 5.62 7.42
CA ASP A 34 5.07 5.97 8.81
C ASP A 34 3.60 6.33 9.01
N GLN A 35 3.14 6.15 10.24
CA GLN A 35 1.76 6.46 10.57
C GLN A 35 1.32 7.77 9.91
N GLU A 36 2.30 8.63 9.68
CA GLU A 36 2.03 9.91 9.06
C GLU A 36 1.85 9.74 7.55
N ALA A 37 2.78 9.01 6.96
CA ALA A 37 2.73 8.75 5.53
C ALA A 37 1.41 8.08 5.17
N ILE A 38 0.99 7.16 6.04
CA ILE A 38 -0.25 6.44 5.82
C ILE A 38 -1.42 7.42 5.87
N HIS A 39 -1.38 8.29 6.88
CA HIS A 39 -2.42 9.29 7.05
C HIS A 39 -2.59 10.09 5.75
N THR A 40 -1.46 10.46 5.18
CA THR A 40 -1.46 11.23 3.94
C THR A 40 -2.09 10.41 2.81
N LEU A 41 -1.81 9.11 2.83
CA LEU A 41 -2.34 8.21 1.82
C LEU A 41 -3.84 8.04 2.03
N SER A 42 -4.23 7.97 3.29
CA SER A 42 -5.63 7.80 3.64
C SER A 42 -6.38 9.10 3.36
N ALA A 43 -5.63 10.18 3.23
CA ALA A 43 -6.22 11.48 2.98
C ALA A 43 -6.16 11.76 1.47
N GLN A 44 -4.94 11.95 0.98
CA GLN A 44 -4.74 12.23 -0.44
C GLN A 44 -5.66 11.35 -1.28
N LEU A 45 -5.73 10.08 -0.91
CA LEU A 45 -6.57 9.14 -1.63
C LEU A 45 -7.97 9.12 -1.00
N ASP A 46 -8.00 9.38 0.30
CA ASP A 46 -9.25 9.39 1.04
C ASP A 46 -9.63 7.96 1.40
N LEU A 47 -8.62 7.11 1.46
CA LEU A 47 -8.84 5.72 1.81
C LEU A 47 -8.53 5.50 3.29
N PRO A 48 -9.02 4.36 3.82
CA PRO A 48 -8.79 4.02 5.22
C PRO A 48 -7.35 3.54 5.44
N LYS A 49 -6.93 3.63 6.69
CA LYS A 49 -5.58 3.22 7.05
C LYS A 49 -5.42 1.71 6.78
N HIS A 50 -6.34 0.95 7.36
CA HIS A 50 -6.30 -0.49 7.19
C HIS A 50 -6.14 -0.83 5.71
N THR A 51 -6.90 -0.12 4.89
CA THR A 51 -6.85 -0.34 3.45
C THR A 51 -5.42 -0.12 2.93
N ILE A 52 -4.94 1.10 3.14
CA ILE A 52 -3.60 1.45 2.68
C ILE A 52 -2.59 0.48 3.30
N ILE A 53 -2.83 0.14 4.56
CA ILE A 53 -1.95 -0.76 5.28
C ILE A 53 -2.01 -2.14 4.61
N LYS A 54 -3.21 -2.68 4.53
CA LYS A 54 -3.41 -3.99 3.93
C LYS A 54 -2.61 -4.06 2.61
N PHE A 55 -2.70 -2.98 1.85
CA PHE A 55 -2.00 -2.91 0.58
C PHE A 55 -0.49 -2.99 0.78
N PHE A 56 -0.04 -2.43 1.89
CA PHE A 56 1.38 -2.43 2.22
C PHE A 56 1.78 -3.73 2.92
N GLN A 57 1.12 -4.00 4.04
CA GLN A 57 1.40 -5.20 4.80
C GLN A 57 1.62 -6.39 3.86
N ASN A 58 0.72 -6.51 2.89
CA ASN A 58 0.80 -7.58 1.92
C ASN A 58 2.03 -7.38 1.03
N GLN A 59 2.15 -6.17 0.51
CA GLN A 59 3.26 -5.83 -0.36
C GLN A 59 4.55 -6.45 0.19
N ARG A 60 4.80 -6.21 1.47
CA ARG A 60 5.99 -6.73 2.11
C ARG A 60 6.19 -8.20 1.75
N TYR A 61 5.13 -8.98 1.91
CA TYR A 61 5.18 -10.40 1.60
C TYR A 61 5.39 -10.62 0.10
N HIS A 62 4.91 -9.67 -0.68
CA HIS A 62 5.03 -9.75 -2.13
C HIS A 62 6.16 -8.83 -2.59
N VAL A 63 7.38 -9.31 -2.41
CA VAL A 63 8.55 -8.55 -2.82
C VAL A 63 9.66 -9.51 -3.26
N LYS A 64 10.44 -9.07 -4.23
CA LYS A 64 11.53 -9.87 -4.75
C LYS A 64 12.86 -9.33 -4.22
N HIS A 65 13.24 -8.17 -4.73
CA HIS A 65 14.48 -7.55 -4.32
C HIS A 65 14.23 -6.66 -3.09
N SER A 66 14.70 -7.15 -1.96
CA SER A 66 14.54 -6.43 -0.71
C SER A 66 15.74 -6.66 0.20
N GLY A 67 16.65 -5.69 0.19
CA GLY A 67 17.84 -5.78 1.01
C GLY A 67 18.57 -7.11 0.78
N PRO A 68 19.21 -7.61 1.87
CA PRO A 68 19.93 -8.86 1.80
C PRO A 68 18.97 -10.05 1.77
N SER A 69 18.31 -10.21 0.64
CA SER A 69 17.35 -11.30 0.47
C SER A 69 16.11 -11.04 1.32
N SER A 70 16.30 -11.08 2.63
CA SER A 70 15.21 -10.85 3.55
C SER A 70 14.04 -11.78 3.22
N GLY A 71 14.01 -12.92 3.91
CA GLY A 71 12.96 -13.89 3.69
C GLY A 71 13.46 -15.31 3.95
N GLY A 1 -8.13 6.83 -19.85
CA GLY A 1 -8.69 7.30 -18.60
C GLY A 1 -8.15 8.68 -18.24
N SER A 2 -8.82 9.33 -17.30
CA SER A 2 -8.42 10.65 -16.86
C SER A 2 -8.58 10.77 -15.34
N SER A 3 -9.80 10.56 -14.88
CA SER A 3 -10.10 10.63 -13.46
C SER A 3 -11.03 9.50 -13.06
N GLY A 4 -11.19 9.34 -11.75
CA GLY A 4 -12.06 8.30 -11.22
C GLY A 4 -13.11 8.89 -10.28
N SER A 5 -13.32 8.19 -9.17
CA SER A 5 -14.30 8.64 -8.18
C SER A 5 -13.73 8.45 -6.77
N SER A 6 -13.55 7.18 -6.41
CA SER A 6 -13.02 6.86 -5.10
C SER A 6 -13.89 7.51 -4.00
N GLY A 7 -14.68 6.68 -3.34
CA GLY A 7 -15.55 7.16 -2.29
C GLY A 7 -15.74 6.09 -1.21
N PRO A 8 -16.00 6.57 0.04
CA PRO A 8 -16.21 5.68 1.16
C PRO A 8 -17.59 5.01 1.09
N ARG A 9 -17.58 3.69 1.14
CA ARG A 9 -18.82 2.94 1.09
C ARG A 9 -18.54 1.45 1.34
N SER A 10 -17.82 0.84 0.41
CA SER A 10 -17.48 -0.57 0.53
C SER A 10 -15.99 -0.77 0.22
N ARG A 11 -15.54 -2.00 0.45
CA ARG A 11 -14.15 -2.34 0.21
C ARG A 11 -13.95 -2.72 -1.26
N THR A 12 -14.05 -1.72 -2.12
CA THR A 12 -13.88 -1.93 -3.54
C THR A 12 -12.41 -1.74 -3.94
N LYS A 13 -12.04 -2.37 -5.04
CA LYS A 13 -10.68 -2.28 -5.54
C LYS A 13 -10.36 -0.81 -5.88
N ILE A 14 -9.07 -0.50 -5.84
CA ILE A 14 -8.63 0.85 -6.14
C ILE A 14 -8.71 1.09 -7.65
N SER A 15 -9.51 2.08 -8.02
CA SER A 15 -9.67 2.42 -9.42
C SER A 15 -8.33 2.31 -10.15
N LEU A 16 -7.31 2.88 -9.55
CA LEU A 16 -5.98 2.85 -10.13
C LEU A 16 -5.18 4.06 -9.62
N GLU A 17 -5.63 5.24 -10.04
CA GLU A 17 -4.97 6.47 -9.64
C GLU A 17 -4.45 6.36 -8.21
N ALA A 18 -5.35 6.60 -7.26
CA ALA A 18 -5.00 6.54 -5.85
C ALA A 18 -3.86 5.52 -5.66
N LEU A 19 -4.15 4.29 -6.04
CA LEU A 19 -3.18 3.22 -5.93
C LEU A 19 -1.84 3.68 -6.50
N GLY A 20 -1.87 4.00 -7.79
CA GLY A 20 -0.66 4.46 -8.46
C GLY A 20 -0.04 5.65 -7.73
N ILE A 21 -0.91 6.51 -7.23
CA ILE A 21 -0.45 7.69 -6.51
C ILE A 21 0.37 7.25 -5.29
N LEU A 22 -0.21 6.35 -4.51
CA LEU A 22 0.46 5.84 -3.33
C LEU A 22 1.64 4.95 -3.76
N GLN A 23 1.43 4.23 -4.85
CA GLN A 23 2.46 3.34 -5.37
C GLN A 23 3.73 4.13 -5.66
N SER A 24 3.54 5.31 -6.23
CA SER A 24 4.67 6.17 -6.57
C SER A 24 5.46 6.52 -5.31
N PHE A 25 4.72 6.79 -4.24
CA PHE A 25 5.33 7.14 -2.97
C PHE A 25 6.09 5.94 -2.38
N ILE A 26 5.60 4.75 -2.71
CA ILE A 26 6.20 3.53 -2.22
C ILE A 26 7.57 3.35 -2.87
N HIS A 27 7.61 3.62 -4.17
CA HIS A 27 8.85 3.49 -4.92
C HIS A 27 9.78 4.66 -4.59
N ASP A 28 9.21 5.65 -3.93
CA ASP A 28 9.97 6.83 -3.56
C ASP A 28 10.54 6.64 -2.15
N VAL A 29 9.63 6.33 -1.22
CA VAL A 29 10.03 6.13 0.16
C VAL A 29 10.61 4.72 0.31
N GLY A 30 9.91 3.76 -0.24
CA GLY A 30 10.34 2.37 -0.18
C GLY A 30 9.21 1.45 0.25
N LEU A 31 9.34 0.89 1.44
CA LEU A 31 8.33 -0.01 1.97
C LEU A 31 8.27 0.15 3.50
N TYR A 32 8.32 1.40 3.92
CA TYR A 32 8.26 1.71 5.35
C TYR A 32 7.51 3.02 5.60
N PRO A 33 6.17 2.95 5.39
CA PRO A 33 5.33 4.12 5.59
C PRO A 33 5.13 4.40 7.09
N ASP A 34 5.17 5.68 7.42
CA ASP A 34 5.00 6.10 8.81
C ASP A 34 3.55 6.52 9.03
N GLN A 35 3.12 6.42 10.28
CA GLN A 35 1.76 6.79 10.64
C GLN A 35 1.37 8.10 9.94
N GLU A 36 2.37 8.91 9.65
CA GLU A 36 2.14 10.18 8.98
C GLU A 36 1.93 9.96 7.48
N ALA A 37 2.79 9.14 6.91
CA ALA A 37 2.72 8.84 5.49
C ALA A 37 1.36 8.18 5.19
N ILE A 38 0.98 7.26 6.07
CA ILE A 38 -0.28 6.55 5.91
C ILE A 38 -1.43 7.55 5.96
N HIS A 39 -1.35 8.46 6.93
CA HIS A 39 -2.37 9.47 7.10
C HIS A 39 -2.55 10.25 5.78
N THR A 40 -1.41 10.56 5.17
CA THR A 40 -1.43 11.30 3.91
C THR A 40 -2.06 10.45 2.80
N LEU A 41 -1.79 9.15 2.86
CA LEU A 41 -2.33 8.23 1.88
C LEU A 41 -3.83 8.07 2.10
N SER A 42 -4.22 8.07 3.37
CA SER A 42 -5.62 7.92 3.73
C SER A 42 -6.37 9.22 3.44
N ALA A 43 -5.60 10.29 3.24
CA ALA A 43 -6.17 11.58 2.96
C ALA A 43 -6.14 11.84 1.45
N GLN A 44 -4.93 11.99 0.94
CA GLN A 44 -4.74 12.23 -0.48
C GLN A 44 -5.69 11.37 -1.30
N LEU A 45 -5.75 10.09 -0.93
CA LEU A 45 -6.62 9.15 -1.63
C LEU A 45 -8.00 9.15 -0.96
N ASP A 46 -8.00 9.45 0.33
CA ASP A 46 -9.23 9.49 1.09
C ASP A 46 -9.63 8.06 1.49
N LEU A 47 -8.62 7.20 1.52
CA LEU A 47 -8.85 5.81 1.88
C LEU A 47 -8.53 5.62 3.38
N PRO A 48 -9.03 4.48 3.93
CA PRO A 48 -8.80 4.17 5.32
C PRO A 48 -7.36 3.70 5.56
N LYS A 49 -6.95 3.77 6.82
CA LYS A 49 -5.60 3.36 7.18
C LYS A 49 -5.45 1.86 6.95
N HIS A 50 -6.40 1.11 7.49
CA HIS A 50 -6.38 -0.34 7.35
C HIS A 50 -6.20 -0.70 5.87
N THR A 51 -6.98 -0.05 5.03
CA THR A 51 -6.91 -0.28 3.60
C THR A 51 -5.49 -0.08 3.08
N ILE A 52 -5.01 1.14 3.27
CA ILE A 52 -3.67 1.49 2.83
C ILE A 52 -2.67 0.50 3.43
N ILE A 53 -2.82 0.28 4.72
CA ILE A 53 -1.94 -0.64 5.43
C ILE A 53 -2.02 -2.03 4.78
N LYS A 54 -3.23 -2.56 4.77
CA LYS A 54 -3.45 -3.87 4.18
C LYS A 54 -2.63 -4.00 2.90
N PHE A 55 -2.99 -3.17 1.92
CA PHE A 55 -2.28 -3.18 0.64
C PHE A 55 -0.78 -3.34 0.84
N PHE A 56 -0.21 -2.44 1.62
CA PHE A 56 1.21 -2.47 1.89
C PHE A 56 1.64 -3.84 2.41
N GLN A 57 0.99 -4.26 3.48
CA GLN A 57 1.30 -5.54 4.09
C GLN A 57 1.55 -6.59 3.00
N ASN A 58 0.63 -6.64 2.06
CA ASN A 58 0.74 -7.59 0.96
C ASN A 58 2.03 -7.33 0.19
N GLN A 59 2.27 -6.06 -0.11
CA GLN A 59 3.46 -5.66 -0.84
C GLN A 59 4.69 -6.41 -0.30
N ARG A 60 4.94 -6.18 0.98
CA ARG A 60 6.09 -6.81 1.64
C ARG A 60 6.12 -8.31 1.30
N TYR A 61 4.96 -8.94 1.41
CA TYR A 61 4.85 -10.36 1.13
C TYR A 61 5.57 -10.71 -0.18
N HIS A 62 5.60 -9.74 -1.09
CA HIS A 62 6.25 -9.94 -2.37
C HIS A 62 7.65 -9.31 -2.33
N VAL A 63 8.41 -9.70 -1.32
CA VAL A 63 9.76 -9.18 -1.16
C VAL A 63 10.70 -10.33 -0.78
N LYS A 64 11.64 -10.60 -1.69
CA LYS A 64 12.60 -11.66 -1.46
C LYS A 64 13.84 -11.10 -0.78
N HIS A 65 13.91 -11.30 0.52
CA HIS A 65 15.03 -10.82 1.30
C HIS A 65 15.18 -11.65 2.57
N SER A 66 14.14 -11.60 3.39
CA SER A 66 14.14 -12.35 4.65
C SER A 66 13.21 -13.56 4.53
N GLY A 67 13.83 -14.72 4.30
CA GLY A 67 13.07 -15.95 4.17
C GLY A 67 13.64 -16.82 3.04
N PRO A 68 14.60 -17.70 3.42
CA PRO A 68 15.23 -18.59 2.46
C PRO A 68 14.27 -19.73 2.07
N SER A 69 13.46 -19.46 1.06
CA SER A 69 12.51 -20.46 0.59
C SER A 69 11.91 -20.00 -0.76
N SER A 70 11.70 -20.98 -1.62
CA SER A 70 11.13 -20.71 -2.93
C SER A 70 10.66 -22.00 -3.58
N GLY A 71 11.59 -22.93 -3.74
CA GLY A 71 11.29 -24.21 -4.34
C GLY A 71 11.83 -24.29 -5.77
N GLY A 1 0.34 -12.57 5.87
CA GLY A 1 -0.48 -12.40 4.69
C GLY A 1 -0.76 -13.75 4.03
N SER A 2 -1.84 -13.78 3.25
CA SER A 2 -2.21 -15.00 2.55
C SER A 2 -3.42 -14.72 1.65
N SER A 3 -4.46 -14.17 2.26
CA SER A 3 -5.68 -13.86 1.52
C SER A 3 -5.45 -12.63 0.63
N GLY A 4 -6.37 -12.45 -0.30
CA GLY A 4 -6.28 -11.33 -1.22
C GLY A 4 -6.92 -11.68 -2.58
N SER A 5 -7.51 -10.67 -3.19
CA SER A 5 -8.16 -10.86 -4.48
C SER A 5 -9.35 -11.81 -4.34
N SER A 6 -10.39 -11.51 -5.10
CA SER A 6 -11.59 -12.34 -5.07
C SER A 6 -12.51 -11.96 -6.24
N GLY A 7 -12.60 -12.89 -7.19
CA GLY A 7 -13.44 -12.67 -8.36
C GLY A 7 -12.84 -11.59 -9.26
N PRO A 8 -13.23 -11.64 -10.56
CA PRO A 8 -12.76 -10.67 -11.53
C PRO A 8 -13.43 -9.32 -11.34
N ARG A 9 -14.76 -9.34 -11.39
CA ARG A 9 -15.54 -8.13 -11.22
C ARG A 9 -15.21 -7.13 -12.33
N SER A 10 -16.06 -6.12 -12.45
CA SER A 10 -15.88 -5.11 -13.47
C SER A 10 -15.28 -3.84 -12.85
N ARG A 11 -15.96 -3.36 -11.81
CA ARG A 11 -15.52 -2.16 -11.12
C ARG A 11 -15.37 -2.44 -9.62
N THR A 12 -14.13 -2.69 -9.22
CA THR A 12 -13.85 -2.98 -7.82
C THR A 12 -12.40 -2.59 -7.49
N LYS A 13 -12.11 -2.53 -6.19
CA LYS A 13 -10.78 -2.19 -5.74
C LYS A 13 -10.46 -0.76 -6.19
N ILE A 14 -9.26 -0.33 -5.81
CA ILE A 14 -8.80 1.01 -6.17
C ILE A 14 -8.88 1.19 -7.68
N SER A 15 -9.60 2.21 -8.10
CA SER A 15 -9.76 2.50 -9.51
C SER A 15 -8.42 2.35 -10.23
N LEU A 16 -7.39 2.92 -9.62
CA LEU A 16 -6.06 2.86 -10.19
C LEU A 16 -5.24 4.05 -9.69
N GLU A 17 -5.65 5.24 -10.13
CA GLU A 17 -4.97 6.46 -9.74
C GLU A 17 -4.49 6.36 -8.29
N ALA A 18 -5.42 6.65 -7.38
CA ALA A 18 -5.11 6.60 -5.96
C ALA A 18 -4.03 5.55 -5.71
N LEU A 19 -4.31 4.33 -6.14
CA LEU A 19 -3.37 3.24 -5.98
C LEU A 19 -2.01 3.65 -6.56
N GLY A 20 -2.00 3.89 -7.86
CA GLY A 20 -0.78 4.28 -8.54
C GLY A 20 -0.07 5.40 -7.78
N ILE A 21 -0.86 6.36 -7.32
CA ILE A 21 -0.33 7.49 -6.59
C ILE A 21 0.50 6.97 -5.41
N LEU A 22 -0.18 6.32 -4.48
CA LEU A 22 0.48 5.77 -3.30
C LEU A 22 1.64 4.88 -3.75
N GLN A 23 1.43 4.19 -4.87
CA GLN A 23 2.44 3.31 -5.40
C GLN A 23 3.73 4.08 -5.69
N SER A 24 3.55 5.29 -6.21
CA SER A 24 4.69 6.14 -6.52
C SER A 24 5.47 6.46 -5.25
N PHE A 25 4.73 6.78 -4.20
CA PHE A 25 5.34 7.11 -2.92
C PHE A 25 6.07 5.92 -2.33
N ILE A 26 5.59 4.73 -2.69
CA ILE A 26 6.20 3.50 -2.21
C ILE A 26 7.58 3.33 -2.84
N HIS A 27 7.65 3.62 -4.13
CA HIS A 27 8.91 3.51 -4.85
C HIS A 27 9.82 4.68 -4.48
N ASP A 28 9.22 5.67 -3.83
CA ASP A 28 9.96 6.85 -3.42
C ASP A 28 10.53 6.63 -2.01
N VAL A 29 9.65 6.24 -1.11
CA VAL A 29 10.04 5.99 0.27
C VAL A 29 10.63 4.59 0.38
N GLY A 30 9.89 3.62 -0.16
CA GLY A 30 10.33 2.23 -0.13
C GLY A 30 9.19 1.31 0.31
N LEU A 31 9.33 0.79 1.52
CA LEU A 31 8.33 -0.10 2.07
C LEU A 31 8.25 0.09 3.58
N TYR A 32 8.18 1.35 3.99
CA TYR A 32 8.11 1.68 5.40
C TYR A 32 7.34 2.98 5.62
N PRO A 33 6.00 2.90 5.42
CA PRO A 33 5.15 4.06 5.58
C PRO A 33 4.94 4.38 7.07
N ASP A 34 5.20 5.62 7.42
CA ASP A 34 5.04 6.06 8.79
C ASP A 34 3.59 6.47 9.03
N GLN A 35 3.18 6.36 10.28
CA GLN A 35 1.82 6.72 10.66
C GLN A 35 1.40 8.02 9.94
N GLU A 36 2.40 8.83 9.65
CA GLU A 36 2.14 10.10 8.98
C GLU A 36 1.91 9.87 7.48
N ALA A 37 2.79 9.07 6.90
CA ALA A 37 2.69 8.76 5.48
C ALA A 37 1.33 8.11 5.19
N ILE A 38 0.95 7.21 6.09
CA ILE A 38 -0.31 6.51 5.95
C ILE A 38 -1.46 7.53 5.98
N HIS A 39 -1.34 8.47 6.91
CA HIS A 39 -2.35 9.50 7.05
C HIS A 39 -2.51 10.27 5.74
N THR A 40 -1.38 10.54 5.11
CA THR A 40 -1.37 11.27 3.85
C THR A 40 -2.02 10.42 2.75
N LEU A 41 -1.77 9.12 2.81
CA LEU A 41 -2.31 8.20 1.84
C LEU A 41 -3.81 8.06 2.07
N SER A 42 -4.19 8.03 3.35
CA SER A 42 -5.58 7.90 3.71
C SER A 42 -6.33 9.20 3.41
N ALA A 43 -5.56 10.26 3.20
CA ALA A 43 -6.13 11.56 2.89
C ALA A 43 -6.08 11.79 1.38
N GLN A 44 -4.87 11.94 0.88
CA GLN A 44 -4.67 12.18 -0.54
C GLN A 44 -5.62 11.30 -1.36
N LEU A 45 -5.73 10.05 -0.92
CA LEU A 45 -6.60 9.10 -1.61
C LEU A 45 -7.98 9.11 -0.94
N ASP A 46 -7.98 9.42 0.35
CA ASP A 46 -9.21 9.47 1.11
C ASP A 46 -9.61 8.05 1.52
N LEU A 47 -8.60 7.18 1.55
CA LEU A 47 -8.83 5.80 1.92
C LEU A 47 -8.51 5.62 3.42
N PRO A 48 -9.01 4.48 3.98
CA PRO A 48 -8.78 4.19 5.39
C PRO A 48 -7.34 3.72 5.63
N LYS A 49 -6.92 3.84 6.87
CA LYS A 49 -5.58 3.44 7.25
C LYS A 49 -5.42 1.93 7.02
N HIS A 50 -6.35 1.17 7.59
CA HIS A 50 -6.32 -0.27 7.45
C HIS A 50 -6.16 -0.64 5.98
N THR A 51 -6.92 0.04 5.14
CA THR A 51 -6.87 -0.21 3.71
C THR A 51 -5.44 -0.04 3.19
N ILE A 52 -4.92 1.17 3.36
CA ILE A 52 -3.57 1.48 2.91
C ILE A 52 -2.60 0.49 3.54
N ILE A 53 -2.75 0.29 4.84
CA ILE A 53 -1.88 -0.63 5.56
C ILE A 53 -1.98 -2.02 4.92
N LYS A 54 -3.19 -2.56 4.95
CA LYS A 54 -3.43 -3.88 4.39
C LYS A 54 -2.67 -4.01 3.07
N PHE A 55 -3.15 -3.28 2.06
CA PHE A 55 -2.53 -3.31 0.75
C PHE A 55 -1.00 -3.38 0.87
N PHE A 56 -0.46 -2.44 1.62
CA PHE A 56 0.98 -2.37 1.82
C PHE A 56 1.52 -3.73 2.28
N GLN A 57 0.92 -4.24 3.33
CA GLN A 57 1.33 -5.53 3.89
C GLN A 57 1.61 -6.53 2.76
N ASN A 58 0.84 -6.39 1.69
CA ASN A 58 1.00 -7.28 0.55
C ASN A 58 2.33 -6.96 -0.14
N GLN A 59 2.55 -5.67 -0.38
CA GLN A 59 3.78 -5.23 -1.03
C GLN A 59 4.99 -5.86 -0.35
N ARG A 60 4.95 -5.86 0.98
CA ARG A 60 6.04 -6.43 1.76
C ARG A 60 6.10 -7.95 1.57
N TYR A 61 5.02 -8.60 1.97
CA TYR A 61 4.93 -10.04 1.85
C TYR A 61 5.55 -10.52 0.54
N HIS A 62 5.36 -9.72 -0.50
CA HIS A 62 5.89 -10.05 -1.82
C HIS A 62 7.41 -10.27 -1.72
N VAL A 63 8.08 -9.24 -1.20
CA VAL A 63 9.53 -9.30 -1.05
C VAL A 63 9.88 -10.22 0.13
N LYS A 64 10.99 -10.91 -0.02
CA LYS A 64 11.45 -11.82 1.02
C LYS A 64 12.71 -11.26 1.67
N HIS A 65 13.77 -11.16 0.87
CA HIS A 65 15.03 -10.64 1.36
C HIS A 65 14.80 -9.29 2.04
N SER A 66 15.70 -8.96 2.96
CA SER A 66 15.61 -7.71 3.68
C SER A 66 16.90 -7.45 4.45
N GLY A 67 17.13 -6.19 4.76
CA GLY A 67 18.32 -5.80 5.49
C GLY A 67 18.05 -5.72 6.99
N PRO A 68 19.13 -5.95 7.78
CA PRO A 68 19.02 -5.91 9.23
C PRO A 68 18.92 -4.47 9.73
N SER A 69 18.57 -4.34 11.00
CA SER A 69 18.43 -3.03 11.61
C SER A 69 18.54 -3.15 13.13
N SER A 70 17.62 -3.92 13.71
CA SER A 70 17.61 -4.12 15.15
C SER A 70 17.04 -5.50 15.48
N GLY A 71 17.78 -6.23 16.31
CA GLY A 71 17.36 -7.56 16.70
C GLY A 71 16.04 -7.52 17.47
N GLY A 1 -18.29 6.32 3.02
CA GLY A 1 -19.61 5.72 2.90
C GLY A 1 -20.07 5.13 4.23
N SER A 2 -19.59 3.92 4.51
CA SER A 2 -19.95 3.23 5.73
C SER A 2 -18.76 2.43 6.25
N SER A 3 -18.78 2.15 7.54
CA SER A 3 -17.71 1.39 8.17
C SER A 3 -18.24 0.03 8.64
N GLY A 4 -19.25 0.10 9.51
CA GLY A 4 -19.85 -1.11 10.05
C GLY A 4 -21.00 -1.58 9.17
N SER A 5 -21.67 -2.63 9.63
CA SER A 5 -22.80 -3.19 8.90
C SER A 5 -22.32 -3.76 7.57
N SER A 6 -22.20 -5.09 7.54
CA SER A 6 -21.76 -5.76 6.34
C SER A 6 -21.73 -7.27 6.58
N GLY A 7 -21.97 -8.01 5.50
CA GLY A 7 -21.97 -9.46 5.58
C GLY A 7 -20.93 -10.08 4.63
N PRO A 8 -21.28 -10.07 3.32
CA PRO A 8 -20.39 -10.62 2.31
C PRO A 8 -19.22 -9.66 2.04
N ARG A 9 -18.06 -10.25 1.77
CA ARG A 9 -16.88 -9.47 1.49
C ARG A 9 -17.07 -8.62 0.23
N SER A 10 -16.95 -7.32 0.39
CA SER A 10 -17.11 -6.40 -0.72
C SER A 10 -15.79 -5.69 -1.00
N ARG A 11 -15.17 -6.07 -2.11
CA ARG A 11 -13.90 -5.48 -2.50
C ARG A 11 -14.14 -4.26 -3.39
N THR A 12 -13.86 -3.09 -2.83
CA THR A 12 -14.04 -1.84 -3.55
C THR A 12 -12.95 -1.68 -4.61
N LYS A 13 -11.77 -2.19 -4.29
CA LYS A 13 -10.64 -2.11 -5.19
C LYS A 13 -10.31 -0.63 -5.46
N ILE A 14 -9.09 -0.42 -5.90
CA ILE A 14 -8.63 0.94 -6.20
C ILE A 14 -8.68 1.16 -7.71
N SER A 15 -9.46 2.15 -8.10
CA SER A 15 -9.60 2.48 -9.51
C SER A 15 -8.25 2.37 -10.22
N LEU A 16 -7.24 2.96 -9.59
CA LEU A 16 -5.90 2.92 -10.15
C LEU A 16 -5.11 4.12 -9.62
N GLU A 17 -5.54 5.30 -10.03
CA GLU A 17 -4.88 6.53 -9.61
C GLU A 17 -4.41 6.41 -8.17
N ALA A 18 -5.33 6.66 -7.25
CA ALA A 18 -5.01 6.59 -5.83
C ALA A 18 -3.89 5.58 -5.62
N LEU A 19 -4.16 4.34 -6.03
CA LEU A 19 -3.18 3.28 -5.89
C LEU A 19 -1.83 3.75 -6.45
N GLY A 20 -1.83 4.03 -7.75
CA GLY A 20 -0.62 4.49 -8.41
C GLY A 20 0.03 5.65 -7.65
N ILE A 21 -0.83 6.59 -7.22
CA ILE A 21 -0.35 7.74 -6.48
C ILE A 21 0.51 7.27 -5.30
N LEU A 22 -0.11 6.45 -4.46
CA LEU A 22 0.59 5.93 -3.29
C LEU A 22 1.73 5.02 -3.76
N GLN A 23 1.47 4.28 -4.81
CA GLN A 23 2.46 3.37 -5.36
C GLN A 23 3.75 4.12 -5.67
N SER A 24 3.60 5.25 -6.36
CA SER A 24 4.74 6.06 -6.72
C SER A 24 5.55 6.44 -5.47
N PHE A 25 4.81 6.79 -4.42
CA PHE A 25 5.44 7.16 -3.16
C PHE A 25 6.17 5.98 -2.54
N ILE A 26 5.66 4.79 -2.81
CA ILE A 26 6.25 3.57 -2.28
C ILE A 26 7.62 3.36 -2.94
N HIS A 27 7.65 3.58 -4.24
CA HIS A 27 8.89 3.41 -4.99
C HIS A 27 9.81 4.61 -4.74
N ASP A 28 9.24 5.63 -4.11
CA ASP A 28 9.99 6.83 -3.81
C ASP A 28 10.58 6.72 -2.40
N VAL A 29 9.71 6.43 -1.44
CA VAL A 29 10.14 6.29 -0.06
C VAL A 29 10.68 4.88 0.16
N GLY A 30 9.90 3.90 -0.28
CA GLY A 30 10.30 2.51 -0.13
C GLY A 30 9.11 1.65 0.29
N LEU A 31 9.33 0.85 1.32
CA LEU A 31 8.29 -0.03 1.83
C LEU A 31 8.32 -0.01 3.36
N TYR A 32 8.15 1.17 3.91
CA TYR A 32 8.15 1.34 5.36
C TYR A 32 7.71 2.75 5.75
N PRO A 33 6.43 3.06 5.43
CA PRO A 33 5.88 4.37 5.73
C PRO A 33 5.56 4.50 7.23
N ASP A 34 5.21 5.70 7.63
CA ASP A 34 4.88 5.97 9.02
C ASP A 34 3.42 6.40 9.12
N GLN A 35 2.91 6.37 10.34
CA GLN A 35 1.53 6.75 10.59
C GLN A 35 1.21 8.07 9.88
N GLU A 36 2.25 8.84 9.64
CA GLU A 36 2.09 10.12 8.98
C GLU A 36 1.91 9.92 7.47
N ALA A 37 2.81 9.15 6.89
CA ALA A 37 2.75 8.87 5.47
C ALA A 37 1.42 8.20 5.14
N ILE A 38 1.02 7.30 6.02
CA ILE A 38 -0.23 6.58 5.84
C ILE A 38 -1.40 7.56 5.89
N HIS A 39 -1.35 8.45 6.88
CA HIS A 39 -2.40 9.44 7.04
C HIS A 39 -2.56 10.23 5.74
N THR A 40 -1.44 10.52 5.11
CA THR A 40 -1.45 11.26 3.87
C THR A 40 -2.08 10.42 2.75
N LEU A 41 -1.81 9.13 2.80
CA LEU A 41 -2.36 8.21 1.81
C LEU A 41 -3.87 8.05 2.04
N SER A 42 -4.23 8.00 3.31
CA SER A 42 -5.63 7.85 3.68
C SER A 42 -6.39 9.14 3.39
N ALA A 43 -5.63 10.22 3.23
CA ALA A 43 -6.22 11.52 2.95
C ALA A 43 -6.18 11.77 1.45
N GLN A 44 -4.98 11.94 0.93
CA GLN A 44 -4.80 12.20 -0.49
C GLN A 44 -5.75 11.33 -1.31
N LEU A 45 -5.84 10.07 -0.91
CA LEU A 45 -6.71 9.13 -1.60
C LEU A 45 -8.08 9.13 -0.93
N ASP A 46 -8.07 9.41 0.37
CA ASP A 46 -9.31 9.44 1.14
C ASP A 46 -9.69 8.02 1.55
N LEU A 47 -8.68 7.16 1.58
CA LEU A 47 -8.90 5.77 1.95
C LEU A 47 -8.55 5.58 3.43
N PRO A 48 -9.05 4.45 3.99
CA PRO A 48 -8.79 4.14 5.39
C PRO A 48 -7.35 3.64 5.59
N LYS A 49 -6.91 3.69 6.83
CA LYS A 49 -5.57 3.26 7.17
C LYS A 49 -5.45 1.75 6.92
N HIS A 50 -6.38 1.01 7.50
CA HIS A 50 -6.39 -0.43 7.36
C HIS A 50 -6.25 -0.80 5.88
N THR A 51 -6.94 -0.04 5.05
CA THR A 51 -6.90 -0.27 3.61
C THR A 51 -5.48 -0.07 3.07
N ILE A 52 -4.97 1.13 3.28
CA ILE A 52 -3.63 1.46 2.83
C ILE A 52 -2.63 0.49 3.47
N ILE A 53 -2.81 0.25 4.75
CA ILE A 53 -1.94 -0.64 5.49
C ILE A 53 -2.05 -2.05 4.89
N LYS A 54 -3.26 -2.60 4.96
CA LYS A 54 -3.51 -3.93 4.44
C LYS A 54 -2.78 -4.09 3.11
N PHE A 55 -3.07 -3.17 2.19
CA PHE A 55 -2.46 -3.20 0.87
C PHE A 55 -0.94 -3.32 0.99
N PHE A 56 -0.37 -2.45 1.81
CA PHE A 56 1.07 -2.44 2.01
C PHE A 56 1.56 -3.79 2.53
N GLN A 57 0.81 -4.33 3.49
CA GLN A 57 1.16 -5.61 4.07
C GLN A 57 1.39 -6.65 2.98
N ASN A 58 0.63 -6.52 1.91
CA ASN A 58 0.74 -7.44 0.80
C ASN A 58 2.08 -7.23 0.10
N GLN A 59 2.35 -5.97 -0.25
CA GLN A 59 3.59 -5.63 -0.91
C GLN A 59 4.77 -6.29 -0.21
N ARG A 60 4.85 -6.08 1.09
CA ARG A 60 5.92 -6.64 1.89
C ARG A 60 5.87 -8.18 1.82
N TYR A 61 4.67 -8.71 2.03
CA TYR A 61 4.48 -10.15 2.00
C TYR A 61 4.97 -10.74 0.66
N HIS A 62 4.99 -9.88 -0.34
CA HIS A 62 5.43 -10.30 -1.67
C HIS A 62 6.93 -10.06 -1.82
N VAL A 63 7.30 -8.79 -1.70
CA VAL A 63 8.71 -8.41 -1.81
C VAL A 63 9.54 -9.27 -0.87
N LYS A 64 10.08 -10.35 -1.43
CA LYS A 64 10.90 -11.26 -0.66
C LYS A 64 12.35 -11.17 -1.13
N HIS A 65 12.97 -10.03 -0.84
CA HIS A 65 14.34 -9.80 -1.23
C HIS A 65 15.25 -9.90 -0.01
N SER A 66 16.11 -10.90 -0.02
CA SER A 66 17.04 -11.11 1.09
C SER A 66 18.45 -11.37 0.54
N GLY A 67 18.56 -12.43 -0.24
CA GLY A 67 19.83 -12.80 -0.82
C GLY A 67 19.86 -14.28 -1.20
N PRO A 68 20.91 -14.98 -0.70
CA PRO A 68 21.06 -16.40 -0.97
C PRO A 68 20.08 -17.23 -0.15
N SER A 69 18.85 -17.29 -0.65
CA SER A 69 17.81 -18.05 0.03
C SER A 69 16.55 -18.11 -0.84
N SER A 70 16.46 -19.17 -1.61
CA SER A 70 15.32 -19.36 -2.50
C SER A 70 15.29 -18.26 -3.57
N GLY A 71 15.52 -18.68 -4.80
CA GLY A 71 15.52 -17.75 -5.92
C GLY A 71 14.33 -18.00 -6.85
N GLY A 1 1.34 -12.70 15.63
CA GLY A 1 0.35 -12.85 14.58
C GLY A 1 0.98 -12.67 13.19
N SER A 2 0.60 -11.59 12.54
CA SER A 2 1.12 -11.30 11.21
C SER A 2 0.61 -12.33 10.21
N SER A 3 0.46 -11.88 8.97
CA SER A 3 -0.01 -12.76 7.91
C SER A 3 -1.43 -13.24 8.23
N GLY A 4 -2.21 -13.44 7.16
CA GLY A 4 -3.58 -13.90 7.31
C GLY A 4 -4.55 -12.96 6.60
N SER A 5 -5.60 -13.54 6.06
CA SER A 5 -6.61 -12.78 5.35
C SER A 5 -8.00 -13.36 5.62
N SER A 6 -8.15 -14.63 5.26
CA SER A 6 -9.42 -15.31 5.45
C SER A 6 -10.51 -14.65 4.61
N GLY A 7 -11.54 -15.43 4.31
CA GLY A 7 -12.65 -14.92 3.52
C GLY A 7 -12.49 -15.32 2.05
N PRO A 8 -13.37 -14.73 1.20
CA PRO A 8 -13.33 -15.01 -0.23
C PRO A 8 -12.15 -14.31 -0.90
N ARG A 9 -11.86 -14.74 -2.12
CA ARG A 9 -10.76 -14.16 -2.88
C ARG A 9 -11.05 -12.70 -3.20
N SER A 10 -10.27 -11.82 -2.60
CA SER A 10 -10.44 -10.40 -2.82
C SER A 10 -9.43 -9.61 -1.98
N ARG A 11 -8.90 -8.55 -2.58
CA ARG A 11 -7.93 -7.72 -1.89
C ARG A 11 -7.56 -6.51 -2.76
N THR A 12 -8.59 -5.93 -3.37
CA THR A 12 -8.39 -4.77 -4.22
C THR A 12 -9.72 -4.07 -4.50
N LYS A 13 -9.66 -2.75 -4.53
CA LYS A 13 -10.85 -1.96 -4.78
C LYS A 13 -10.44 -0.51 -5.06
N ILE A 14 -9.29 -0.36 -5.71
CA ILE A 14 -8.78 0.95 -6.04
C ILE A 14 -8.85 1.15 -7.56
N SER A 15 -9.59 2.17 -7.95
CA SER A 15 -9.74 2.48 -9.36
C SER A 15 -8.40 2.32 -10.09
N LEU A 16 -7.37 2.90 -9.48
CA LEU A 16 -6.04 2.83 -10.05
C LEU A 16 -5.21 4.02 -9.56
N GLU A 17 -5.63 5.20 -9.99
CA GLU A 17 -4.94 6.42 -9.59
C GLU A 17 -4.44 6.31 -8.15
N ALA A 18 -5.34 6.60 -7.23
CA ALA A 18 -5.00 6.54 -5.81
C ALA A 18 -3.90 5.51 -5.61
N LEU A 19 -4.21 4.27 -5.97
CA LEU A 19 -3.25 3.18 -5.81
C LEU A 19 -1.90 3.62 -6.37
N GLY A 20 -1.90 3.91 -7.67
CA GLY A 20 -0.68 4.35 -8.34
C GLY A 20 -0.02 5.50 -7.58
N ILE A 21 -0.84 6.48 -7.21
CA ILE A 21 -0.35 7.63 -6.48
C ILE A 21 0.51 7.16 -5.30
N LEU A 22 -0.10 6.36 -4.44
CA LEU A 22 0.58 5.83 -3.28
C LEU A 22 1.72 4.91 -3.74
N GLN A 23 1.46 4.20 -4.82
CA GLN A 23 2.45 3.29 -5.37
C GLN A 23 3.75 4.03 -5.68
N SER A 24 3.60 5.23 -6.23
CA SER A 24 4.74 6.05 -6.58
C SER A 24 5.55 6.37 -5.32
N PHE A 25 4.82 6.66 -4.25
CA PHE A 25 5.47 6.98 -2.98
C PHE A 25 6.18 5.76 -2.40
N ILE A 26 5.63 4.59 -2.70
CA ILE A 26 6.20 3.34 -2.21
C ILE A 26 7.58 3.14 -2.83
N HIS A 27 7.66 3.44 -4.12
CA HIS A 27 8.91 3.30 -4.85
C HIS A 27 9.84 4.47 -4.52
N ASP A 28 9.26 5.49 -3.90
CA ASP A 28 10.01 6.67 -3.52
C ASP A 28 10.57 6.48 -2.11
N VAL A 29 9.67 6.16 -1.19
CA VAL A 29 10.06 5.96 0.19
C VAL A 29 10.59 4.53 0.36
N GLY A 30 9.84 3.59 -0.21
CA GLY A 30 10.22 2.19 -0.12
C GLY A 30 9.04 1.33 0.34
N LEU A 31 9.24 0.71 1.50
CA LEU A 31 8.21 -0.15 2.08
C LEU A 31 8.18 0.04 3.59
N TYR A 32 8.31 1.30 4.00
CA TYR A 32 8.31 1.62 5.42
C TYR A 32 7.59 2.95 5.67
N PRO A 33 6.23 2.91 5.52
CA PRO A 33 5.41 4.09 5.72
C PRO A 33 5.26 4.39 7.21
N ASP A 34 4.98 5.66 7.50
CA ASP A 34 4.82 6.09 8.88
C ASP A 34 3.38 6.58 9.08
N GLN A 35 2.95 6.55 10.34
CA GLN A 35 1.60 6.98 10.68
C GLN A 35 1.26 8.28 9.94
N GLU A 36 2.29 9.03 9.61
CA GLU A 36 2.12 10.29 8.92
C GLU A 36 1.92 10.04 7.42
N ALA A 37 2.74 9.15 6.88
CA ALA A 37 2.66 8.81 5.47
C ALA A 37 1.32 8.14 5.19
N ILE A 38 0.94 7.23 6.07
CA ILE A 38 -0.31 6.52 5.93
C ILE A 38 -1.47 7.51 5.96
N HIS A 39 -1.34 8.49 6.86
CA HIS A 39 -2.37 9.51 7.00
C HIS A 39 -2.55 10.25 5.67
N THR A 40 -1.42 10.61 5.08
CA THR A 40 -1.43 11.33 3.82
C THR A 40 -2.07 10.46 2.72
N LEU A 41 -1.80 9.17 2.82
CA LEU A 41 -2.34 8.23 1.85
C LEU A 41 -3.85 8.06 2.08
N SER A 42 -4.21 8.06 3.35
CA SER A 42 -5.61 7.92 3.72
C SER A 42 -6.38 9.21 3.40
N ALA A 43 -5.62 10.27 3.22
CA ALA A 43 -6.21 11.56 2.91
C ALA A 43 -6.16 11.80 1.40
N GLN A 44 -4.95 11.95 0.89
CA GLN A 44 -4.76 12.17 -0.53
C GLN A 44 -5.71 11.29 -1.34
N LEU A 45 -5.77 10.04 -0.95
CA LEU A 45 -6.64 9.08 -1.63
C LEU A 45 -8.02 9.09 -0.96
N ASP A 46 -8.02 9.39 0.32
CA ASP A 46 -9.25 9.43 1.09
C ASP A 46 -9.65 8.01 1.50
N LEU A 47 -8.64 7.15 1.55
CA LEU A 47 -8.86 5.76 1.93
C LEU A 47 -8.53 5.58 3.41
N PRO A 48 -9.03 4.45 3.98
CA PRO A 48 -8.80 4.15 5.38
C PRO A 48 -7.36 3.67 5.61
N LYS A 49 -6.92 3.78 6.85
CA LYS A 49 -5.58 3.36 7.20
C LYS A 49 -5.44 1.85 6.98
N HIS A 50 -6.37 1.11 7.57
CA HIS A 50 -6.36 -0.34 7.45
C HIS A 50 -6.21 -0.72 5.97
N THR A 51 -7.00 -0.05 5.13
CA THR A 51 -6.96 -0.30 3.71
C THR A 51 -5.55 -0.08 3.16
N ILE A 52 -5.06 1.15 3.33
CA ILE A 52 -3.74 1.50 2.87
C ILE A 52 -2.71 0.55 3.47
N ILE A 53 -2.85 0.33 4.77
CA ILE A 53 -1.94 -0.56 5.48
C ILE A 53 -1.99 -1.95 4.84
N LYS A 54 -3.19 -2.51 4.84
CA LYS A 54 -3.38 -3.84 4.26
C LYS A 54 -2.56 -3.95 2.97
N PHE A 55 -2.95 -3.17 1.98
CA PHE A 55 -2.26 -3.18 0.71
C PHE A 55 -0.75 -3.29 0.90
N PHE A 56 -0.21 -2.32 1.61
CA PHE A 56 1.23 -2.31 1.87
C PHE A 56 1.72 -3.67 2.34
N GLN A 57 1.06 -4.18 3.38
CA GLN A 57 1.41 -5.47 3.94
C GLN A 57 1.57 -6.50 2.82
N ASN A 58 0.82 -6.29 1.75
CA ASN A 58 0.87 -7.19 0.61
C ASN A 58 2.08 -6.84 -0.26
N GLN A 59 2.37 -5.55 -0.34
CA GLN A 59 3.49 -5.08 -1.12
C GLN A 59 4.79 -5.75 -0.65
N ARG A 60 4.93 -5.85 0.66
CA ARG A 60 6.11 -6.47 1.24
C ARG A 60 6.20 -7.94 0.82
N TYR A 61 5.22 -8.71 1.28
CA TYR A 61 5.19 -10.13 0.96
C TYR A 61 5.55 -10.38 -0.51
N HIS A 62 5.04 -9.50 -1.36
CA HIS A 62 5.30 -9.62 -2.79
C HIS A 62 6.82 -9.63 -3.03
N VAL A 63 7.49 -8.67 -2.43
CA VAL A 63 8.93 -8.57 -2.58
C VAL A 63 9.61 -9.43 -1.51
N LYS A 64 10.90 -9.66 -1.70
CA LYS A 64 11.66 -10.46 -0.77
C LYS A 64 13.13 -10.50 -1.22
N HIS A 65 14.01 -10.65 -0.24
CA HIS A 65 15.43 -10.70 -0.52
C HIS A 65 16.20 -11.07 0.75
N SER A 66 16.01 -10.24 1.77
CA SER A 66 16.67 -10.47 3.04
C SER A 66 15.72 -11.18 4.01
N GLY A 67 16.25 -12.20 4.67
CA GLY A 67 15.46 -12.97 5.62
C GLY A 67 15.15 -12.14 6.87
N PRO A 68 13.83 -11.96 7.12
CA PRO A 68 13.38 -11.20 8.27
C PRO A 68 13.55 -12.00 9.57
N SER A 69 13.67 -11.28 10.67
CA SER A 69 13.83 -11.90 11.96
C SER A 69 12.55 -12.62 12.37
N SER A 70 12.72 -13.66 13.18
CA SER A 70 11.59 -14.44 13.65
C SER A 70 10.53 -13.51 14.24
N GLY A 71 10.95 -12.75 15.25
CA GLY A 71 10.05 -11.83 15.92
C GLY A 71 10.76 -10.51 16.23
N GLY A 1 -23.81 4.36 -23.11
CA GLY A 1 -22.95 4.76 -22.02
C GLY A 1 -21.77 5.60 -22.53
N SER A 2 -20.68 4.91 -22.83
CA SER A 2 -19.49 5.57 -23.33
C SER A 2 -18.77 6.28 -22.19
N SER A 3 -19.48 7.20 -21.56
CA SER A 3 -18.92 7.96 -20.45
C SER A 3 -19.50 7.44 -19.13
N GLY A 4 -18.77 6.51 -18.52
CA GLY A 4 -19.19 5.94 -17.26
C GLY A 4 -20.23 4.84 -17.48
N SER A 5 -19.75 3.70 -17.98
CA SER A 5 -20.63 2.58 -18.24
C SER A 5 -20.29 1.42 -17.29
N SER A 6 -19.04 1.01 -17.35
CA SER A 6 -18.57 -0.08 -16.51
C SER A 6 -19.23 -1.40 -16.94
N GLY A 7 -18.62 -2.49 -16.52
CA GLY A 7 -19.13 -3.82 -16.86
C GLY A 7 -18.53 -4.88 -15.95
N PRO A 8 -18.31 -6.09 -16.55
CA PRO A 8 -17.74 -7.20 -15.80
C PRO A 8 -16.24 -7.00 -15.58
N ARG A 9 -15.92 -6.00 -14.77
CA ARG A 9 -14.53 -5.70 -14.47
C ARG A 9 -14.08 -6.44 -13.21
N SER A 10 -12.77 -6.49 -13.02
CA SER A 10 -12.21 -7.15 -11.87
C SER A 10 -12.33 -6.26 -10.63
N ARG A 11 -11.74 -5.08 -10.73
CA ARG A 11 -11.77 -4.13 -9.64
C ARG A 11 -10.97 -4.65 -8.45
N THR A 12 -10.08 -3.81 -7.96
CA THR A 12 -9.24 -4.18 -6.82
C THR A 12 -9.25 -3.07 -5.77
N LYS A 13 -10.45 -2.75 -5.29
CA LYS A 13 -10.61 -1.72 -4.29
C LYS A 13 -10.23 -0.37 -4.90
N ILE A 14 -8.94 -0.06 -4.82
CA ILE A 14 -8.43 1.19 -5.35
C ILE A 14 -8.71 1.25 -6.86
N SER A 15 -9.55 2.21 -7.24
CA SER A 15 -9.89 2.38 -8.63
C SER A 15 -8.67 2.15 -9.51
N LEU A 16 -7.57 2.81 -9.14
CA LEU A 16 -6.33 2.69 -9.87
C LEU A 16 -5.41 3.86 -9.52
N GLU A 17 -5.82 5.04 -9.97
CA GLU A 17 -5.05 6.24 -9.71
C GLU A 17 -4.43 6.18 -8.31
N ALA A 18 -5.23 6.57 -7.33
CA ALA A 18 -4.77 6.57 -5.94
C ALA A 18 -3.67 5.52 -5.78
N LEU A 19 -3.99 4.30 -6.17
CA LEU A 19 -3.05 3.20 -6.08
C LEU A 19 -1.68 3.67 -6.58
N GLY A 20 -1.62 3.94 -7.88
CA GLY A 20 -0.38 4.40 -8.50
C GLY A 20 0.25 5.52 -7.68
N ILE A 21 -0.57 6.49 -7.32
CA ILE A 21 -0.11 7.62 -6.53
C ILE A 21 0.68 7.12 -5.33
N LEU A 22 0.01 6.32 -4.52
CA LEU A 22 0.63 5.76 -3.33
C LEU A 22 1.75 4.80 -3.74
N GLN A 23 1.60 4.27 -4.95
CA GLN A 23 2.58 3.34 -5.48
C GLN A 23 3.89 4.07 -5.80
N SER A 24 3.75 5.17 -6.51
CA SER A 24 4.91 5.98 -6.88
C SER A 24 5.68 6.40 -5.62
N PHE A 25 4.92 6.80 -4.62
CA PHE A 25 5.51 7.24 -3.37
C PHE A 25 6.33 6.12 -2.72
N ILE A 26 5.80 4.91 -2.83
CA ILE A 26 6.47 3.74 -2.27
C ILE A 26 7.83 3.56 -2.95
N HIS A 27 7.81 3.68 -4.27
CA HIS A 27 9.02 3.54 -5.06
C HIS A 27 9.93 4.76 -4.84
N ASP A 28 9.35 5.76 -4.20
CA ASP A 28 10.09 6.99 -3.93
C ASP A 28 10.72 6.91 -2.54
N VAL A 29 9.87 6.69 -1.54
CA VAL A 29 10.33 6.59 -0.17
C VAL A 29 10.84 5.16 0.08
N GLY A 30 10.00 4.20 -0.27
CA GLY A 30 10.34 2.80 -0.09
C GLY A 30 9.14 1.99 0.37
N LEU A 31 9.39 1.05 1.26
CA LEU A 31 8.34 0.19 1.78
C LEU A 31 8.40 0.20 3.31
N TYR A 32 8.27 1.39 3.88
CA TYR A 32 8.31 1.54 5.32
C TYR A 32 7.72 2.89 5.75
N PRO A 33 6.41 3.06 5.46
CA PRO A 33 5.72 4.30 5.81
C PRO A 33 5.44 4.36 7.31
N ASP A 34 5.01 5.53 7.75
CA ASP A 34 4.69 5.74 9.15
C ASP A 34 3.25 6.23 9.28
N GLN A 35 2.75 6.19 10.50
CA GLN A 35 1.40 6.63 10.78
C GLN A 35 1.10 7.94 10.06
N GLU A 36 2.17 8.69 9.81
CA GLU A 36 2.05 9.97 9.13
C GLU A 36 1.86 9.75 7.62
N ALA A 37 2.75 8.96 7.06
CA ALA A 37 2.69 8.66 5.64
C ALA A 37 1.33 8.04 5.30
N ILE A 38 0.93 7.11 6.16
CA ILE A 38 -0.34 6.42 5.97
C ILE A 38 -1.48 7.44 6.03
N HIS A 39 -1.34 8.38 6.95
CA HIS A 39 -2.35 9.41 7.11
C HIS A 39 -2.47 10.23 5.82
N THR A 40 -1.33 10.41 5.16
CA THR A 40 -1.29 11.16 3.92
C THR A 40 -1.92 10.33 2.79
N LEU A 41 -1.73 9.03 2.88
CA LEU A 41 -2.27 8.13 1.87
C LEU A 41 -3.78 8.00 2.05
N SER A 42 -4.19 8.01 3.31
CA SER A 42 -5.60 7.89 3.65
C SER A 42 -6.32 9.20 3.31
N ALA A 43 -5.54 10.25 3.16
CA ALA A 43 -6.09 11.56 2.84
C ALA A 43 -5.99 11.79 1.34
N GLN A 44 -4.75 11.93 0.87
CA GLN A 44 -4.50 12.16 -0.55
C GLN A 44 -5.43 11.29 -1.39
N LEU A 45 -5.58 10.04 -0.96
CA LEU A 45 -6.44 9.11 -1.67
C LEU A 45 -7.84 9.15 -1.06
N ASP A 46 -7.89 9.44 0.23
CA ASP A 46 -9.15 9.52 0.94
C ASP A 46 -9.58 8.10 1.36
N LEU A 47 -8.59 7.22 1.46
CA LEU A 47 -8.85 5.85 1.84
C LEU A 47 -8.54 5.67 3.33
N PRO A 48 -9.08 4.56 3.90
CA PRO A 48 -8.87 4.26 5.30
C PRO A 48 -7.44 3.74 5.55
N LYS A 49 -7.04 3.80 6.81
CA LYS A 49 -5.72 3.34 7.19
C LYS A 49 -5.62 1.83 6.97
N HIS A 50 -6.58 1.12 7.53
CA HIS A 50 -6.61 -0.33 7.40
C HIS A 50 -6.43 -0.71 5.93
N THR A 51 -7.25 -0.10 5.08
CA THR A 51 -7.18 -0.37 3.66
C THR A 51 -5.75 -0.18 3.13
N ILE A 52 -5.23 1.01 3.41
CA ILE A 52 -3.88 1.34 2.98
C ILE A 52 -2.88 0.35 3.60
N ILE A 53 -3.00 0.19 4.91
CA ILE A 53 -2.12 -0.71 5.64
C ILE A 53 -2.21 -2.10 5.01
N LYS A 54 -3.42 -2.65 5.02
CA LYS A 54 -3.65 -3.97 4.46
C LYS A 54 -2.90 -4.09 3.14
N PHE A 55 -3.26 -3.23 2.20
CA PHE A 55 -2.63 -3.23 0.90
C PHE A 55 -1.10 -3.40 1.02
N PHE A 56 -0.52 -2.53 1.83
CA PHE A 56 0.92 -2.55 2.04
C PHE A 56 1.37 -3.93 2.53
N GLN A 57 0.67 -4.43 3.54
CA GLN A 57 1.00 -5.72 4.10
C GLN A 57 1.26 -6.74 2.99
N ASN A 58 0.58 -6.53 1.87
CA ASN A 58 0.74 -7.41 0.73
C ASN A 58 2.00 -7.02 -0.05
N GLN A 59 2.16 -5.72 -0.23
CA GLN A 59 3.32 -5.20 -0.94
C GLN A 59 4.60 -5.84 -0.40
N ARG A 60 4.79 -5.70 0.90
CA ARG A 60 5.97 -6.25 1.54
C ARG A 60 6.32 -7.61 0.94
N TYR A 61 5.45 -8.57 1.22
CA TYR A 61 5.64 -9.92 0.72
C TYR A 61 6.09 -9.90 -0.75
N HIS A 62 5.47 -9.01 -1.51
CA HIS A 62 5.80 -8.88 -2.92
C HIS A 62 7.01 -7.97 -3.09
N VAL A 63 8.18 -8.54 -2.85
CA VAL A 63 9.42 -7.79 -2.98
C VAL A 63 10.57 -8.75 -3.29
N LYS A 64 11.35 -8.40 -4.30
CA LYS A 64 12.47 -9.21 -4.70
C LYS A 64 11.96 -10.57 -5.20
N HIS A 65 12.75 -11.18 -6.08
CA HIS A 65 12.39 -12.47 -6.64
C HIS A 65 11.31 -12.28 -7.70
N SER A 66 10.15 -11.83 -7.25
CA SER A 66 9.04 -11.60 -8.15
C SER A 66 8.81 -10.10 -8.35
N GLY A 67 9.28 -9.60 -9.48
CA GLY A 67 9.14 -8.20 -9.79
C GLY A 67 7.66 -7.80 -9.91
N PRO A 68 7.32 -6.65 -9.26
CA PRO A 68 5.96 -6.17 -9.28
C PRO A 68 5.62 -5.54 -10.64
N SER A 69 5.73 -6.36 -11.68
CA SER A 69 5.43 -5.90 -13.02
C SER A 69 6.13 -4.57 -13.29
N SER A 70 7.40 -4.66 -13.68
CA SER A 70 8.18 -3.47 -13.96
C SER A 70 8.21 -3.21 -15.48
N GLY A 71 7.38 -2.27 -15.90
CA GLY A 71 7.30 -1.92 -17.31
C GLY A 71 8.43 -0.96 -17.70
N GLY A 1 -12.73 13.61 17.90
CA GLY A 1 -14.11 13.79 17.48
C GLY A 1 -14.46 12.88 16.31
N SER A 2 -14.16 13.36 15.11
CA SER A 2 -14.44 12.59 13.90
C SER A 2 -13.49 11.38 13.82
N SER A 3 -14.00 10.25 14.29
CA SER A 3 -13.21 9.02 14.27
C SER A 3 -14.11 7.83 14.58
N GLY A 4 -13.94 6.78 13.78
CA GLY A 4 -14.72 5.57 13.95
C GLY A 4 -15.12 4.98 12.60
N SER A 5 -16.40 4.67 12.47
CA SER A 5 -16.92 4.10 11.24
C SER A 5 -16.29 2.72 11.00
N SER A 6 -17.11 1.69 11.14
CA SER A 6 -16.64 0.33 10.94
C SER A 6 -16.72 -0.04 9.45
N GLY A 7 -15.88 -0.99 9.06
CA GLY A 7 -15.86 -1.44 7.69
C GLY A 7 -17.27 -1.68 7.16
N PRO A 8 -17.74 -0.71 6.32
CA PRO A 8 -19.07 -0.79 5.74
C PRO A 8 -19.11 -1.83 4.62
N ARG A 9 -18.09 -1.76 3.76
CA ARG A 9 -18.00 -2.68 2.63
C ARG A 9 -16.56 -3.15 2.47
N SER A 10 -15.67 -2.19 2.27
CA SER A 10 -14.26 -2.50 2.09
C SER A 10 -14.11 -3.75 1.22
N ARG A 11 -14.09 -3.52 -0.09
CA ARG A 11 -13.96 -4.61 -1.03
C ARG A 11 -13.51 -4.08 -2.40
N THR A 12 -14.25 -3.08 -2.88
CA THR A 12 -13.94 -2.47 -4.16
C THR A 12 -12.44 -2.25 -4.29
N LYS A 13 -11.92 -2.63 -5.45
CA LYS A 13 -10.50 -2.46 -5.72
C LYS A 13 -10.22 -1.01 -6.10
N ILE A 14 -8.98 -0.60 -5.87
CA ILE A 14 -8.57 0.76 -6.18
C ILE A 14 -8.60 0.97 -7.70
N SER A 15 -9.35 1.98 -8.11
CA SER A 15 -9.47 2.29 -9.52
C SER A 15 -8.10 2.18 -10.20
N LEU A 16 -7.11 2.76 -9.55
CA LEU A 16 -5.75 2.73 -10.08
C LEU A 16 -4.98 3.94 -9.54
N GLU A 17 -5.41 5.11 -9.98
CA GLU A 17 -4.77 6.35 -9.56
C GLU A 17 -4.32 6.25 -8.10
N ALA A 18 -5.27 6.50 -7.21
CA ALA A 18 -5.00 6.44 -5.78
C ALA A 18 -3.88 5.41 -5.52
N LEU A 19 -4.13 4.19 -5.97
CA LEU A 19 -3.16 3.12 -5.79
C LEU A 19 -1.80 3.58 -6.33
N GLY A 20 -1.75 3.73 -7.65
CA GLY A 20 -0.52 4.17 -8.30
C GLY A 20 0.11 5.34 -7.56
N ILE A 21 -0.73 6.30 -7.20
CA ILE A 21 -0.27 7.47 -6.49
C ILE A 21 0.59 7.04 -5.30
N LEU A 22 -0.04 6.35 -4.36
CA LEU A 22 0.64 5.87 -3.19
C LEU A 22 1.76 4.91 -3.60
N GLN A 23 1.47 4.14 -4.64
CA GLN A 23 2.43 3.17 -5.15
C GLN A 23 3.73 3.88 -5.53
N SER A 24 3.58 4.94 -6.30
CA SER A 24 4.73 5.72 -6.75
C SER A 24 5.56 6.17 -5.54
N PHE A 25 4.85 6.61 -4.52
CA PHE A 25 5.51 7.08 -3.31
C PHE A 25 6.31 5.95 -2.66
N ILE A 26 5.80 4.74 -2.80
CA ILE A 26 6.46 3.58 -2.23
C ILE A 26 7.81 3.37 -2.92
N HIS A 27 7.79 3.50 -4.24
CA HIS A 27 9.00 3.33 -5.03
C HIS A 27 9.91 4.55 -4.84
N ASP A 28 9.34 5.58 -4.22
CA ASP A 28 10.09 6.81 -3.98
C ASP A 28 10.73 6.74 -2.60
N VAL A 29 9.88 6.55 -1.59
CA VAL A 29 10.36 6.47 -0.23
C VAL A 29 10.81 5.03 0.07
N GLY A 30 9.93 4.10 -0.26
CA GLY A 30 10.21 2.69 -0.04
C GLY A 30 8.98 1.95 0.47
N LEU A 31 9.22 0.97 1.32
CA LEU A 31 8.14 0.18 1.89
C LEU A 31 8.23 0.22 3.41
N TYR A 32 8.23 1.44 3.94
CA TYR A 32 8.31 1.62 5.38
C TYR A 32 7.76 2.99 5.79
N PRO A 33 6.44 3.18 5.51
CA PRO A 33 5.79 4.44 5.85
C PRO A 33 5.53 4.54 7.35
N ASP A 34 4.96 5.67 7.75
CA ASP A 34 4.67 5.91 9.15
C ASP A 34 3.23 6.41 9.28
N GLN A 35 2.71 6.33 10.50
CA GLN A 35 1.35 6.77 10.77
C GLN A 35 1.06 8.07 10.03
N GLU A 36 2.12 8.84 9.80
CA GLU A 36 1.99 10.11 9.11
C GLU A 36 1.82 9.88 7.61
N ALA A 37 2.75 9.10 7.06
CA ALA A 37 2.73 8.80 5.63
C ALA A 37 1.40 8.14 5.28
N ILE A 38 0.97 7.25 6.17
CA ILE A 38 -0.29 6.54 5.96
C ILE A 38 -1.45 7.54 5.99
N HIS A 39 -1.40 8.43 6.97
CA HIS A 39 -2.44 9.44 7.10
C HIS A 39 -2.58 10.21 5.80
N THR A 40 -1.45 10.48 5.18
CA THR A 40 -1.43 11.22 3.92
C THR A 40 -2.06 10.37 2.81
N LEU A 41 -1.81 9.08 2.88
CA LEU A 41 -2.34 8.16 1.89
C LEU A 41 -3.86 8.01 2.10
N SER A 42 -4.25 8.04 3.37
CA SER A 42 -5.66 7.91 3.71
C SER A 42 -6.39 9.22 3.41
N ALA A 43 -5.61 10.27 3.24
CA ALA A 43 -6.16 11.59 2.94
C ALA A 43 -6.10 11.83 1.44
N GLN A 44 -4.89 11.96 0.94
CA GLN A 44 -4.68 12.19 -0.49
C GLN A 44 -5.64 11.32 -1.31
N LEU A 45 -5.74 10.06 -0.90
CA LEU A 45 -6.61 9.13 -1.59
C LEU A 45 -7.99 9.14 -0.93
N ASP A 46 -8.01 9.48 0.35
CA ASP A 46 -9.25 9.53 1.10
C ASP A 46 -9.66 8.12 1.51
N LEU A 47 -8.66 7.24 1.55
CA LEU A 47 -8.90 5.85 1.93
C LEU A 47 -8.58 5.67 3.42
N PRO A 48 -9.09 4.54 3.98
CA PRO A 48 -8.86 4.23 5.38
C PRO A 48 -7.43 3.75 5.60
N LYS A 49 -7.00 3.86 6.86
CA LYS A 49 -5.66 3.44 7.22
C LYS A 49 -5.52 1.94 6.98
N HIS A 50 -6.43 1.18 7.56
CA HIS A 50 -6.43 -0.26 7.41
C HIS A 50 -6.26 -0.63 5.93
N THR A 51 -7.07 0.02 5.10
CA THR A 51 -7.03 -0.23 3.67
C THR A 51 -5.60 -0.06 3.15
N ILE A 52 -5.03 1.11 3.42
CA ILE A 52 -3.68 1.41 2.98
C ILE A 52 -2.71 0.41 3.63
N ILE A 53 -2.79 0.32 4.94
CA ILE A 53 -1.93 -0.58 5.69
C ILE A 53 -2.01 -1.98 5.08
N LYS A 54 -3.21 -2.55 5.13
CA LYS A 54 -3.43 -3.87 4.59
C LYS A 54 -2.68 -4.01 3.26
N PHE A 55 -3.13 -3.22 2.29
CA PHE A 55 -2.52 -3.24 0.97
C PHE A 55 -1.00 -3.37 1.07
N PHE A 56 -0.39 -2.36 1.67
CA PHE A 56 1.05 -2.35 1.83
C PHE A 56 1.57 -3.74 2.23
N GLN A 57 1.04 -4.24 3.33
CA GLN A 57 1.44 -5.56 3.81
C GLN A 57 1.59 -6.53 2.65
N ASN A 58 0.58 -6.56 1.79
CA ASN A 58 0.60 -7.44 0.64
C ASN A 58 1.76 -7.05 -0.28
N GLN A 59 1.91 -5.74 -0.46
CA GLN A 59 2.97 -5.22 -1.31
C GLN A 59 4.30 -5.90 -0.97
N ARG A 60 4.66 -5.83 0.30
CA ARG A 60 5.90 -6.43 0.76
C ARG A 60 5.85 -7.95 0.59
N TYR A 61 4.88 -8.56 1.25
CA TYR A 61 4.72 -10.00 1.18
C TYR A 61 4.91 -10.50 -0.26
N HIS A 62 4.58 -9.62 -1.21
CA HIS A 62 4.71 -9.96 -2.61
C HIS A 62 6.15 -9.69 -3.08
N VAL A 63 6.54 -8.43 -2.96
CA VAL A 63 7.87 -8.03 -3.37
C VAL A 63 8.91 -8.79 -2.54
N LYS A 64 10.13 -8.83 -3.06
CA LYS A 64 11.21 -9.53 -2.38
C LYS A 64 12.53 -8.82 -2.66
N HIS A 65 12.95 -8.90 -3.92
CA HIS A 65 14.19 -8.25 -4.33
C HIS A 65 14.01 -6.74 -4.32
N SER A 66 14.68 -6.10 -3.36
CA SER A 66 14.61 -4.66 -3.23
C SER A 66 15.93 -4.13 -2.68
N GLY A 67 16.32 -2.97 -3.20
CA GLY A 67 17.57 -2.34 -2.77
C GLY A 67 18.78 -3.06 -3.36
N PRO A 68 19.30 -2.52 -4.49
CA PRO A 68 20.45 -3.11 -5.14
C PRO A 68 21.74 -2.80 -4.37
N SER A 69 22.02 -3.65 -3.41
CA SER A 69 23.21 -3.49 -2.59
C SER A 69 24.36 -4.31 -3.18
N SER A 70 24.10 -5.59 -3.39
CA SER A 70 25.10 -6.49 -3.93
C SER A 70 26.43 -6.30 -3.20
N GLY A 71 26.57 -7.01 -2.09
CA GLY A 71 27.78 -6.92 -1.30
C GLY A 71 28.98 -7.48 -2.06
N GLY A 1 -5.42 -14.57 -12.97
CA GLY A 1 -5.82 -13.99 -14.23
C GLY A 1 -7.10 -13.16 -14.07
N SER A 2 -6.89 -11.85 -13.88
CA SER A 2 -8.01 -10.94 -13.71
C SER A 2 -8.17 -10.07 -14.96
N SER A 3 -9.42 -9.83 -15.31
CA SER A 3 -9.72 -9.01 -16.48
C SER A 3 -11.21 -8.67 -16.51
N GLY A 4 -11.48 -7.37 -16.42
CA GLY A 4 -12.85 -6.90 -16.43
C GLY A 4 -13.41 -6.77 -15.01
N SER A 5 -12.87 -5.80 -14.29
CA SER A 5 -13.29 -5.56 -12.92
C SER A 5 -14.29 -4.40 -12.87
N SER A 6 -15.54 -4.75 -12.63
CA SER A 6 -16.60 -3.74 -12.56
C SER A 6 -17.89 -4.37 -12.03
N GLY A 7 -18.19 -4.09 -10.78
CA GLY A 7 -19.39 -4.61 -10.16
C GLY A 7 -20.14 -3.52 -9.41
N PRO A 8 -21.41 -3.84 -9.04
CA PRO A 8 -22.26 -2.90 -8.33
C PRO A 8 -21.84 -2.80 -6.85
N ARG A 9 -20.70 -2.15 -6.64
CA ARG A 9 -20.18 -1.97 -5.30
C ARG A 9 -19.44 -0.64 -5.18
N SER A 10 -19.99 0.23 -4.35
CA SER A 10 -19.41 1.54 -4.14
C SER A 10 -18.23 1.44 -3.16
N ARG A 11 -17.18 2.21 -3.46
CA ARG A 11 -16.00 2.21 -2.63
C ARG A 11 -15.49 0.78 -2.42
N THR A 12 -14.56 0.38 -3.27
CA THR A 12 -13.99 -0.95 -3.20
C THR A 12 -12.94 -1.14 -4.29
N LYS A 13 -11.78 -1.64 -3.87
CA LYS A 13 -10.68 -1.87 -4.79
C LYS A 13 -10.25 -0.54 -5.41
N ILE A 14 -9.02 -0.15 -5.10
CA ILE A 14 -8.48 1.09 -5.62
C ILE A 14 -8.76 1.17 -7.12
N SER A 15 -9.62 2.11 -7.49
CA SER A 15 -9.99 2.31 -8.88
C SER A 15 -8.74 2.13 -9.77
N LEU A 16 -7.68 2.82 -9.38
CA LEU A 16 -6.43 2.76 -10.13
C LEU A 16 -5.56 3.95 -9.75
N GLU A 17 -6.00 5.13 -10.18
CA GLU A 17 -5.27 6.36 -9.90
C GLU A 17 -4.64 6.28 -8.51
N ALA A 18 -5.45 6.64 -7.50
CA ALA A 18 -4.98 6.62 -6.13
C ALA A 18 -3.84 5.62 -5.99
N LEU A 19 -4.09 4.40 -6.45
CA LEU A 19 -3.09 3.34 -6.39
C LEU A 19 -1.72 3.93 -6.73
N GLY A 20 -1.56 4.25 -8.01
CA GLY A 20 -0.31 4.81 -8.48
C GLY A 20 0.14 5.98 -7.60
N ILE A 21 -0.82 6.84 -7.29
CA ILE A 21 -0.54 8.00 -6.45
C ILE A 21 0.17 7.55 -5.17
N LEU A 22 -0.26 6.40 -4.67
CA LEU A 22 0.32 5.84 -3.46
C LEU A 22 1.55 5.01 -3.83
N GLN A 23 1.46 4.35 -4.97
CA GLN A 23 2.55 3.52 -5.45
C GLN A 23 3.81 4.36 -5.65
N SER A 24 3.64 5.49 -6.32
CA SER A 24 4.75 6.39 -6.58
C SER A 24 5.52 6.66 -5.29
N PHE A 25 4.76 6.92 -4.24
CA PHE A 25 5.34 7.20 -2.93
C PHE A 25 6.11 5.98 -2.41
N ILE A 26 5.46 4.84 -2.50
CA ILE A 26 6.06 3.60 -2.03
C ILE A 26 7.44 3.43 -2.69
N HIS A 27 7.55 3.97 -3.89
CA HIS A 27 8.80 3.89 -4.63
C HIS A 27 9.74 5.01 -4.18
N ASP A 28 9.14 6.04 -3.61
CA ASP A 28 9.91 7.18 -3.13
C ASP A 28 10.47 6.88 -1.74
N VAL A 29 9.93 5.81 -1.15
CA VAL A 29 10.35 5.40 0.18
C VAL A 29 10.72 3.92 0.15
N GLY A 30 9.72 3.09 0.41
CA GLY A 30 9.92 1.65 0.42
C GLY A 30 8.65 0.92 0.84
N LEU A 31 8.71 0.29 2.01
CA LEU A 31 7.58 -0.43 2.53
C LEU A 31 7.52 -0.27 4.06
N TYR A 32 8.04 0.87 4.51
CA TYR A 32 8.05 1.17 5.93
C TYR A 32 7.72 2.64 6.19
N PRO A 33 6.47 3.02 5.79
CA PRO A 33 6.02 4.40 5.97
C PRO A 33 5.68 4.67 7.43
N ASP A 34 5.36 5.92 7.71
CA ASP A 34 5.00 6.33 9.05
C ASP A 34 3.54 6.77 9.09
N GLN A 35 2.97 6.72 10.28
CA GLN A 35 1.58 7.12 10.46
C GLN A 35 1.27 8.38 9.65
N GLU A 36 2.30 9.20 9.47
CA GLU A 36 2.16 10.43 8.73
C GLU A 36 1.99 10.14 7.23
N ALA A 37 2.90 9.31 6.72
CA ALA A 37 2.86 8.94 5.32
C ALA A 37 1.55 8.23 5.01
N ILE A 38 1.12 7.42 5.97
CA ILE A 38 -0.12 6.67 5.82
C ILE A 38 -1.30 7.66 5.81
N HIS A 39 -1.23 8.61 6.73
CA HIS A 39 -2.29 9.61 6.84
C HIS A 39 -2.46 10.33 5.50
N THR A 40 -1.34 10.61 4.87
CA THR A 40 -1.35 11.29 3.59
C THR A 40 -1.98 10.40 2.51
N LEU A 41 -1.74 9.10 2.65
CA LEU A 41 -2.27 8.13 1.71
C LEU A 41 -3.78 7.96 1.96
N SER A 42 -4.13 8.00 3.24
CA SER A 42 -5.52 7.84 3.64
C SER A 42 -6.31 9.11 3.29
N ALA A 43 -5.56 10.18 3.05
CA ALA A 43 -6.17 11.46 2.71
C ALA A 43 -6.14 11.64 1.19
N GLN A 44 -4.93 11.80 0.67
CA GLN A 44 -4.75 11.99 -0.75
C GLN A 44 -5.70 11.08 -1.53
N LEU A 45 -5.77 9.83 -1.08
CA LEU A 45 -6.62 8.85 -1.73
C LEU A 45 -7.99 8.86 -1.05
N ASP A 46 -7.99 9.20 0.23
CA ASP A 46 -9.22 9.25 1.00
C ASP A 46 -9.59 7.85 1.46
N LEU A 47 -8.58 6.99 1.52
CA LEU A 47 -8.78 5.61 1.94
C LEU A 47 -8.43 5.48 3.42
N PRO A 48 -8.93 4.36 4.02
CA PRO A 48 -8.68 4.10 5.43
C PRO A 48 -7.23 3.63 5.65
N LYS A 49 -6.80 3.73 6.89
CA LYS A 49 -5.46 3.31 7.25
C LYS A 49 -5.32 1.80 7.06
N HIS A 50 -6.24 1.07 7.67
CA HIS A 50 -6.23 -0.37 7.57
C HIS A 50 -6.08 -0.79 6.11
N THR A 51 -6.82 -0.10 5.25
CA THR A 51 -6.79 -0.38 3.83
C THR A 51 -5.37 -0.17 3.28
N ILE A 52 -4.89 1.05 3.45
CA ILE A 52 -3.56 1.40 2.98
C ILE A 52 -2.53 0.47 3.62
N ILE A 53 -2.70 0.26 4.92
CA ILE A 53 -1.80 -0.61 5.65
C ILE A 53 -1.88 -2.03 5.08
N LYS A 54 -3.08 -2.59 5.11
CA LYS A 54 -3.29 -3.93 4.59
C LYS A 54 -2.57 -4.07 3.25
N PHE A 55 -3.03 -3.30 2.28
CA PHE A 55 -2.45 -3.34 0.95
C PHE A 55 -0.92 -3.38 1.03
N PHE A 56 -0.38 -2.41 1.74
CA PHE A 56 1.06 -2.32 1.90
C PHE A 56 1.66 -3.68 2.28
N GLN A 57 1.05 -4.30 3.29
CA GLN A 57 1.51 -5.59 3.76
C GLN A 57 1.61 -6.58 2.60
N ASN A 58 0.74 -6.38 1.62
CA ASN A 58 0.72 -7.24 0.45
C ASN A 58 1.98 -6.99 -0.37
N GLN A 59 2.22 -5.73 -0.66
CA GLN A 59 3.39 -5.35 -1.44
C GLN A 59 4.62 -6.11 -0.96
N ARG A 60 4.89 -5.97 0.33
CA ARG A 60 6.04 -6.64 0.93
C ARG A 60 6.06 -8.12 0.53
N TYR A 61 4.98 -8.80 0.89
CA TYR A 61 4.86 -10.22 0.58
C TYR A 61 4.99 -10.47 -0.92
N HIS A 62 4.59 -9.47 -1.70
CA HIS A 62 4.65 -9.55 -3.14
C HIS A 62 5.80 -8.68 -3.66
N VAL A 63 7.01 -9.16 -3.46
CA VAL A 63 8.19 -8.44 -3.90
C VAL A 63 9.21 -9.43 -4.47
N LYS A 64 9.84 -9.01 -5.56
CA LYS A 64 10.83 -9.84 -6.22
C LYS A 64 12.10 -9.02 -6.48
N HIS A 65 11.94 -8.01 -7.32
CA HIS A 65 13.05 -7.14 -7.65
C HIS A 65 13.41 -6.26 -6.45
N SER A 66 14.68 -6.31 -6.07
CA SER A 66 15.15 -5.53 -4.94
C SER A 66 15.53 -4.12 -5.40
N GLY A 67 14.84 -3.14 -4.81
CA GLY A 67 15.10 -1.75 -5.16
C GLY A 67 14.50 -1.40 -6.51
N PRO A 68 14.71 -0.13 -6.93
CA PRO A 68 14.21 0.34 -8.20
C PRO A 68 15.04 -0.21 -9.37
N SER A 69 14.46 -1.21 -10.04
CA SER A 69 15.13 -1.83 -11.16
C SER A 69 14.13 -2.64 -11.98
N SER A 70 14.18 -2.44 -13.30
CA SER A 70 13.29 -3.14 -14.19
C SER A 70 14.02 -4.32 -14.84
N GLY A 71 13.25 -5.15 -15.54
CA GLY A 71 13.81 -6.31 -16.21
C GLY A 71 12.71 -7.20 -16.77
N GLY A 1 -8.68 1.39 14.04
CA GLY A 1 -9.67 0.45 14.54
C GLY A 1 -9.04 -0.55 15.52
N SER A 2 -8.99 -1.80 15.09
CA SER A 2 -8.41 -2.85 15.92
C SER A 2 -8.33 -4.15 15.13
N SER A 3 -9.49 -4.59 14.66
CA SER A 3 -9.56 -5.82 13.89
C SER A 3 -10.89 -5.89 13.13
N GLY A 4 -11.98 -5.79 13.89
CA GLY A 4 -13.30 -5.83 13.30
C GLY A 4 -13.95 -4.45 13.32
N SER A 5 -15.10 -4.36 12.65
CA SER A 5 -15.83 -3.10 12.58
C SER A 5 -17.29 -3.36 12.19
N SER A 6 -17.45 -4.00 11.05
CA SER A 6 -18.79 -4.31 10.55
C SER A 6 -18.73 -5.57 9.69
N GLY A 7 -17.94 -5.49 8.63
CA GLY A 7 -17.79 -6.61 7.71
C GLY A 7 -16.48 -7.36 7.96
N PRO A 8 -16.38 -8.55 7.32
CA PRO A 8 -15.19 -9.37 7.47
C PRO A 8 -14.01 -8.79 6.67
N ARG A 9 -13.01 -8.34 7.40
CA ARG A 9 -11.83 -7.75 6.77
C ARG A 9 -12.18 -6.41 6.13
N SER A 10 -12.97 -6.49 5.07
CA SER A 10 -13.38 -5.30 4.35
C SER A 10 -12.23 -4.77 3.50
N ARG A 11 -12.44 -4.79 2.19
CA ARG A 11 -11.44 -4.33 1.25
C ARG A 11 -12.08 -3.87 -0.05
N THR A 12 -11.74 -2.66 -0.45
CA THR A 12 -12.29 -2.08 -1.68
C THR A 12 -11.23 -2.09 -2.78
N LYS A 13 -11.71 -2.00 -4.01
CA LYS A 13 -10.82 -1.98 -5.16
C LYS A 13 -10.44 -0.55 -5.49
N ILE A 14 -9.14 -0.33 -5.69
CA ILE A 14 -8.65 1.00 -6.01
C ILE A 14 -8.69 1.20 -7.54
N SER A 15 -9.45 2.20 -7.95
CA SER A 15 -9.59 2.50 -9.36
C SER A 15 -8.24 2.34 -10.06
N LEU A 16 -7.21 2.92 -9.46
CA LEU A 16 -5.87 2.84 -10.00
C LEU A 16 -5.06 4.04 -9.51
N GLU A 17 -5.46 5.22 -9.96
CA GLU A 17 -4.77 6.43 -9.57
C GLU A 17 -4.29 6.34 -8.13
N ALA A 18 -5.20 6.64 -7.21
CA ALA A 18 -4.88 6.59 -5.79
C ALA A 18 -3.79 5.55 -5.55
N LEU A 19 -4.11 4.31 -5.92
CA LEU A 19 -3.16 3.22 -5.76
C LEU A 19 -1.79 3.64 -6.30
N GLY A 20 -1.76 3.89 -7.61
CA GLY A 20 -0.54 4.31 -8.26
C GLY A 20 0.13 5.47 -7.51
N ILE A 21 -0.70 6.45 -7.17
CA ILE A 21 -0.21 7.62 -6.46
C ILE A 21 0.64 7.17 -5.28
N LEU A 22 0.04 6.34 -4.43
CA LEU A 22 0.73 5.83 -3.26
C LEU A 22 1.82 4.85 -3.71
N GLN A 23 1.54 4.16 -4.80
CA GLN A 23 2.48 3.20 -5.34
C GLN A 23 3.78 3.89 -5.75
N SER A 24 3.62 5.06 -6.35
CA SER A 24 4.77 5.83 -6.79
C SER A 24 5.62 6.26 -5.58
N PHE A 25 4.92 6.64 -4.53
CA PHE A 25 5.58 7.08 -3.31
C PHE A 25 6.36 5.92 -2.66
N ILE A 26 5.83 4.72 -2.87
CA ILE A 26 6.46 3.53 -2.31
C ILE A 26 7.84 3.35 -2.95
N HIS A 27 7.90 3.60 -4.25
CA HIS A 27 9.14 3.46 -4.98
C HIS A 27 10.01 4.69 -4.76
N ASP A 28 9.38 5.73 -4.21
CA ASP A 28 10.09 6.97 -3.93
C ASP A 28 10.71 6.90 -2.54
N VAL A 29 9.89 6.52 -1.57
CA VAL A 29 10.36 6.40 -0.19
C VAL A 29 10.77 4.95 0.08
N GLY A 30 9.89 4.04 -0.30
CA GLY A 30 10.14 2.63 -0.08
C GLY A 30 8.89 1.90 0.39
N LEU A 31 9.10 0.95 1.30
CA LEU A 31 7.99 0.18 1.84
C LEU A 31 8.04 0.23 3.37
N TYR A 32 8.23 1.43 3.89
CA TYR A 32 8.31 1.63 5.32
C TYR A 32 7.74 2.99 5.72
N PRO A 33 6.41 3.16 5.46
CA PRO A 33 5.74 4.40 5.78
C PRO A 33 5.49 4.52 7.29
N ASP A 34 4.99 5.68 7.69
CA ASP A 34 4.70 5.92 9.10
C ASP A 34 3.26 6.40 9.23
N GLN A 35 2.77 6.35 10.47
CA GLN A 35 1.41 6.77 10.76
C GLN A 35 1.09 8.08 10.02
N GLU A 36 2.14 8.84 9.75
CA GLU A 36 1.99 10.10 9.06
C GLU A 36 1.81 9.86 7.56
N ALA A 37 2.73 9.10 7.01
CA ALA A 37 2.68 8.78 5.59
C ALA A 37 1.34 8.12 5.25
N ILE A 38 0.93 7.22 6.15
CA ILE A 38 -0.33 6.51 5.96
C ILE A 38 -1.48 7.51 5.99
N HIS A 39 -1.37 8.45 6.92
CA HIS A 39 -2.40 9.47 7.07
C HIS A 39 -2.56 10.25 5.76
N THR A 40 -1.42 10.48 5.11
CA THR A 40 -1.42 11.21 3.85
C THR A 40 -2.05 10.35 2.74
N LEU A 41 -1.81 9.06 2.83
CA LEU A 41 -2.35 8.13 1.85
C LEU A 41 -3.85 7.99 2.05
N SER A 42 -4.25 7.99 3.31
CA SER A 42 -5.65 7.86 3.67
C SER A 42 -6.39 9.16 3.34
N ALA A 43 -5.61 10.22 3.15
CA ALA A 43 -6.17 11.52 2.83
C ALA A 43 -6.10 11.75 1.32
N GLN A 44 -4.88 11.88 0.83
CA GLN A 44 -4.67 12.11 -0.59
C GLN A 44 -5.61 11.21 -1.41
N LEU A 45 -5.74 9.98 -0.97
CA LEU A 45 -6.60 9.03 -1.65
C LEU A 45 -7.99 9.05 -1.01
N ASP A 46 -8.00 9.36 0.27
CA ASP A 46 -9.26 9.43 1.01
C ASP A 46 -9.66 8.01 1.45
N LEU A 47 -8.66 7.15 1.53
CA LEU A 47 -8.90 5.77 1.92
C LEU A 47 -8.58 5.62 3.41
N PRO A 48 -9.09 4.50 3.99
CA PRO A 48 -8.85 4.21 5.40
C PRO A 48 -7.43 3.73 5.63
N LYS A 49 -6.99 3.86 6.88
CA LYS A 49 -5.66 3.45 7.25
C LYS A 49 -5.51 1.94 7.02
N HIS A 50 -6.42 1.19 7.63
CA HIS A 50 -6.41 -0.26 7.49
C HIS A 50 -6.25 -0.64 6.02
N THR A 51 -7.07 -0.01 5.19
CA THR A 51 -7.04 -0.28 3.76
C THR A 51 -5.61 -0.11 3.22
N ILE A 52 -5.06 1.07 3.45
CA ILE A 52 -3.72 1.37 3.00
C ILE A 52 -2.73 0.41 3.67
N ILE A 53 -2.88 0.27 4.97
CA ILE A 53 -2.03 -0.62 5.73
C ILE A 53 -2.08 -2.02 5.12
N LYS A 54 -3.24 -2.63 5.22
CA LYS A 54 -3.44 -3.97 4.70
C LYS A 54 -2.72 -4.09 3.35
N PHE A 55 -3.22 -3.32 2.38
CA PHE A 55 -2.63 -3.32 1.05
C PHE A 55 -1.11 -3.45 1.12
N PHE A 56 -0.49 -2.47 1.74
CA PHE A 56 0.96 -2.46 1.88
C PHE A 56 1.48 -3.85 2.30
N GLN A 57 0.90 -4.35 3.37
CA GLN A 57 1.30 -5.66 3.88
C GLN A 57 1.54 -6.63 2.72
N ASN A 58 0.57 -6.68 1.83
CA ASN A 58 0.66 -7.55 0.67
C ASN A 58 1.87 -7.15 -0.18
N GLN A 59 1.99 -5.84 -0.38
CA GLN A 59 3.09 -5.31 -1.17
C GLN A 59 4.41 -5.95 -0.74
N ARG A 60 4.72 -5.77 0.54
CA ARG A 60 5.95 -6.32 1.10
C ARG A 60 6.18 -7.74 0.57
N TYR A 61 5.14 -8.55 0.67
CA TYR A 61 5.22 -9.93 0.21
C TYR A 61 5.30 -9.99 -1.32
N HIS A 62 4.62 -9.04 -1.95
CA HIS A 62 4.61 -8.98 -3.40
C HIS A 62 5.62 -7.93 -3.89
N VAL A 63 6.84 -8.37 -4.08
CA VAL A 63 7.90 -7.48 -4.53
C VAL A 63 8.99 -8.29 -5.23
N LYS A 64 9.60 -7.68 -6.24
CA LYS A 64 10.65 -8.33 -6.99
C LYS A 64 11.96 -7.55 -6.82
N HIS A 65 11.99 -6.37 -7.42
CA HIS A 65 13.16 -5.52 -7.33
C HIS A 65 12.90 -4.38 -6.35
N SER A 66 12.95 -4.73 -5.07
CA SER A 66 12.73 -3.75 -4.01
C SER A 66 12.90 -4.40 -2.64
N GLY A 67 13.30 -3.59 -1.68
CA GLY A 67 13.51 -4.08 -0.33
C GLY A 67 14.75 -3.44 0.31
N PRO A 68 15.75 -4.32 0.63
CA PRO A 68 16.98 -3.86 1.23
C PRO A 68 17.88 -3.17 0.19
N SER A 69 18.39 -2.01 0.57
CA SER A 69 19.26 -1.26 -0.31
C SER A 69 20.58 -0.95 0.39
N SER A 70 21.64 -1.58 -0.09
CA SER A 70 22.96 -1.39 0.48
C SER A 70 22.96 -1.79 1.96
N GLY A 71 24.13 -2.20 2.44
CA GLY A 71 24.27 -2.60 3.82
C GLY A 71 24.32 -4.14 3.93
N GLY A 1 -0.89 -32.63 -5.08
CA GLY A 1 0.09 -32.38 -4.03
C GLY A 1 -0.20 -31.07 -3.31
N SER A 2 0.87 -30.41 -2.88
CA SER A 2 0.74 -29.15 -2.17
C SER A 2 0.31 -28.05 -3.15
N SER A 3 -0.92 -27.59 -2.96
CA SER A 3 -1.47 -26.55 -3.81
C SER A 3 -1.72 -25.28 -2.98
N GLY A 4 -0.83 -24.31 -3.15
CA GLY A 4 -0.94 -23.06 -2.43
C GLY A 4 -1.97 -22.14 -3.10
N SER A 5 -1.58 -20.88 -3.25
CA SER A 5 -2.46 -19.89 -3.86
C SER A 5 -1.88 -19.45 -5.21
N SER A 6 -2.54 -19.87 -6.28
CA SER A 6 -2.11 -19.51 -7.62
C SER A 6 -3.10 -20.08 -8.64
N GLY A 7 -3.68 -19.17 -9.41
CA GLY A 7 -4.63 -19.56 -10.43
C GLY A 7 -5.44 -18.34 -10.92
N PRO A 8 -6.79 -18.47 -10.81
CA PRO A 8 -7.68 -17.40 -11.23
C PRO A 8 -7.66 -16.24 -10.22
N ARG A 9 -6.89 -15.23 -10.55
CA ARG A 9 -6.77 -14.06 -9.69
C ARG A 9 -7.54 -12.88 -10.29
N SER A 10 -8.78 -12.73 -9.84
CA SER A 10 -9.63 -11.66 -10.32
C SER A 10 -10.27 -10.93 -9.14
N ARG A 11 -9.58 -9.92 -8.66
CA ARG A 11 -10.07 -9.13 -7.54
C ARG A 11 -9.67 -7.66 -7.70
N THR A 12 -10.65 -6.87 -8.13
CA THR A 12 -10.42 -5.44 -8.33
C THR A 12 -10.10 -4.77 -7.00
N LYS A 13 -9.12 -3.89 -7.04
CA LYS A 13 -8.71 -3.16 -5.85
C LYS A 13 -8.19 -1.77 -6.25
N ILE A 14 -8.89 -0.76 -5.77
CA ILE A 14 -8.51 0.62 -6.08
C ILE A 14 -8.59 0.84 -7.58
N SER A 15 -9.42 1.80 -7.96
CA SER A 15 -9.59 2.12 -9.37
C SER A 15 -8.25 2.04 -10.10
N LEU A 16 -7.25 2.67 -9.49
CA LEU A 16 -5.92 2.69 -10.06
C LEU A 16 -5.16 3.93 -9.57
N GLU A 17 -5.66 5.08 -9.99
CA GLU A 17 -5.04 6.34 -9.59
C GLU A 17 -4.52 6.26 -8.16
N ALA A 18 -5.43 6.49 -7.23
CA ALA A 18 -5.09 6.44 -5.81
C ALA A 18 -3.93 5.47 -5.61
N LEU A 19 -4.16 4.22 -5.98
CA LEU A 19 -3.15 3.19 -5.84
C LEU A 19 -1.83 3.71 -6.41
N GLY A 20 -1.85 3.99 -7.72
CA GLY A 20 -0.66 4.50 -8.39
C GLY A 20 -0.05 5.67 -7.63
N ILE A 21 -0.92 6.62 -7.29
CA ILE A 21 -0.48 7.80 -6.56
C ILE A 21 0.44 7.38 -5.42
N LEU A 22 -0.12 6.58 -4.52
CA LEU A 22 0.64 6.10 -3.38
C LEU A 22 1.79 5.22 -3.86
N GLN A 23 1.51 4.45 -4.90
CA GLN A 23 2.52 3.56 -5.47
C GLN A 23 3.80 4.33 -5.77
N SER A 24 3.61 5.58 -6.20
CA SER A 24 4.73 6.44 -6.52
C SER A 24 5.54 6.74 -5.26
N PHE A 25 4.83 6.92 -4.17
CA PHE A 25 5.46 7.22 -2.89
C PHE A 25 6.22 6.00 -2.36
N ILE A 26 5.70 4.83 -2.70
CA ILE A 26 6.31 3.58 -2.27
C ILE A 26 7.68 3.42 -2.93
N HIS A 27 7.72 3.81 -4.20
CA HIS A 27 8.95 3.72 -4.96
C HIS A 27 9.87 4.88 -4.60
N ASP A 28 9.30 5.86 -3.92
CA ASP A 28 10.05 7.03 -3.50
C ASP A 28 10.63 6.79 -2.11
N VAL A 29 9.76 6.40 -1.20
CA VAL A 29 10.17 6.13 0.17
C VAL A 29 10.74 4.71 0.26
N GLY A 30 9.99 3.77 -0.31
CA GLY A 30 10.42 2.39 -0.31
C GLY A 30 9.22 1.45 -0.04
N LEU A 31 8.97 1.22 1.24
CA LEU A 31 7.88 0.36 1.64
C LEU A 31 7.37 0.79 3.01
N TYR A 32 8.01 0.25 4.04
CA TYR A 32 7.63 0.58 5.41
C TYR A 32 7.24 2.06 5.54
N PRO A 33 5.90 2.30 5.50
CA PRO A 33 5.38 3.65 5.60
C PRO A 33 5.46 4.16 7.05
N ASP A 34 4.74 5.24 7.31
CA ASP A 34 4.73 5.83 8.63
C ASP A 34 3.32 6.37 8.93
N GLN A 35 2.96 6.33 10.20
CA GLN A 35 1.66 6.81 10.63
C GLN A 35 1.33 8.13 9.92
N GLU A 36 2.37 8.85 9.55
CA GLU A 36 2.21 10.13 8.88
C GLU A 36 1.98 9.91 7.39
N ALA A 37 2.76 8.99 6.82
CA ALA A 37 2.65 8.68 5.41
C ALA A 37 1.28 8.05 5.13
N ILE A 38 0.90 7.16 6.04
CA ILE A 38 -0.37 6.46 5.91
C ILE A 38 -1.51 7.50 5.95
N HIS A 39 -1.36 8.47 6.84
CA HIS A 39 -2.36 9.51 6.99
C HIS A 39 -2.52 10.26 5.67
N THR A 40 -1.38 10.55 5.05
CA THR A 40 -1.37 11.27 3.78
C THR A 40 -2.03 10.42 2.69
N LEU A 41 -1.75 9.12 2.75
CA LEU A 41 -2.32 8.20 1.77
C LEU A 41 -3.82 8.07 2.00
N SER A 42 -4.19 8.04 3.28
CA SER A 42 -5.59 7.92 3.65
C SER A 42 -6.33 9.23 3.33
N ALA A 43 -5.54 10.28 3.14
CA ALA A 43 -6.11 11.59 2.84
C ALA A 43 -6.06 11.82 1.33
N GLN A 44 -4.85 11.97 0.82
CA GLN A 44 -4.65 12.19 -0.61
C GLN A 44 -5.61 11.31 -1.42
N LEU A 45 -5.70 10.05 -1.00
CA LEU A 45 -6.56 9.11 -1.68
C LEU A 45 -7.94 9.12 -1.03
N ASP A 46 -7.95 9.44 0.26
CA ASP A 46 -9.19 9.50 1.01
C ASP A 46 -9.59 8.09 1.44
N LEU A 47 -8.59 7.21 1.48
CA LEU A 47 -8.82 5.83 1.87
C LEU A 47 -8.53 5.67 3.36
N PRO A 48 -9.04 4.55 3.94
CA PRO A 48 -8.82 4.26 5.35
C PRO A 48 -7.40 3.79 5.61
N LYS A 49 -6.99 3.89 6.87
CA LYS A 49 -5.66 3.48 7.25
C LYS A 49 -5.51 1.97 7.05
N HIS A 50 -6.46 1.24 7.62
CA HIS A 50 -6.45 -0.22 7.51
C HIS A 50 -6.27 -0.62 6.04
N THR A 51 -6.99 0.07 5.17
CA THR A 51 -6.92 -0.20 3.75
C THR A 51 -5.49 -0.04 3.25
N ILE A 52 -4.95 1.15 3.45
CA ILE A 52 -3.59 1.45 3.03
C ILE A 52 -2.63 0.48 3.70
N ILE A 53 -2.88 0.23 4.98
CA ILE A 53 -2.05 -0.67 5.74
C ILE A 53 -2.09 -2.07 5.10
N LYS A 54 -3.28 -2.65 5.11
CA LYS A 54 -3.47 -3.96 4.53
C LYS A 54 -2.67 -4.07 3.23
N PHE A 55 -3.00 -3.19 2.30
CA PHE A 55 -2.33 -3.17 1.01
C PHE A 55 -0.81 -3.24 1.19
N PHE A 56 -0.27 -2.29 1.93
CA PHE A 56 1.15 -2.25 2.19
C PHE A 56 1.67 -3.62 2.62
N GLN A 57 0.96 -4.22 3.57
CA GLN A 57 1.34 -5.52 4.08
C GLN A 57 1.39 -6.54 2.94
N ASN A 58 0.60 -6.26 1.91
CA ASN A 58 0.55 -7.16 0.75
C ASN A 58 1.56 -6.68 -0.29
N GLN A 59 2.61 -6.02 0.19
CA GLN A 59 3.65 -5.53 -0.69
C GLN A 59 4.97 -6.26 -0.43
N ARG A 60 5.39 -6.22 0.82
CA ARG A 60 6.63 -6.89 1.21
C ARG A 60 6.56 -8.38 0.88
N TYR A 61 5.35 -8.84 0.65
CA TYR A 61 5.14 -10.24 0.31
C TYR A 61 5.38 -10.49 -1.18
N HIS A 62 5.26 -9.42 -1.95
CA HIS A 62 5.46 -9.51 -3.39
C HIS A 62 6.68 -8.68 -3.79
N VAL A 63 7.33 -8.13 -2.78
CA VAL A 63 8.51 -7.31 -3.01
C VAL A 63 9.37 -7.94 -4.11
N LYS A 64 10.15 -7.11 -4.77
CA LYS A 64 11.01 -7.58 -5.84
C LYS A 64 11.64 -8.91 -5.44
N HIS A 65 12.48 -8.85 -4.41
CA HIS A 65 13.16 -10.04 -3.92
C HIS A 65 12.13 -11.15 -3.69
N SER A 66 12.61 -12.38 -3.76
CA SER A 66 11.74 -13.54 -3.56
C SER A 66 12.56 -14.82 -3.65
N GLY A 67 12.36 -15.68 -2.66
CA GLY A 67 13.06 -16.96 -2.61
C GLY A 67 12.08 -18.12 -2.60
N PRO A 68 11.58 -18.46 -3.81
CA PRO A 68 10.63 -19.56 -3.95
C PRO A 68 11.35 -20.91 -3.84
N SER A 69 11.30 -21.47 -2.64
CA SER A 69 11.94 -22.75 -2.39
C SER A 69 10.88 -23.86 -2.36
N SER A 70 9.97 -23.74 -1.41
CA SER A 70 8.92 -24.72 -1.26
C SER A 70 9.51 -26.13 -1.25
N GLY A 71 10.05 -26.50 -0.10
CA GLY A 71 10.65 -27.82 0.05
C GLY A 71 9.81 -28.70 0.98
N GLY A 1 14.72 -19.73 -4.99
CA GLY A 1 13.90 -20.25 -6.06
C GLY A 1 13.28 -21.60 -5.68
N SER A 2 12.13 -21.87 -6.25
CA SER A 2 11.43 -23.12 -5.98
C SER A 2 10.32 -23.34 -7.02
N SER A 3 9.89 -24.58 -7.12
CA SER A 3 8.84 -24.94 -8.05
C SER A 3 7.46 -24.58 -7.47
N GLY A 4 7.11 -23.32 -7.61
CA GLY A 4 5.83 -22.83 -7.10
C GLY A 4 4.67 -23.59 -7.74
N SER A 5 3.49 -23.38 -7.17
CA SER A 5 2.29 -24.04 -7.66
C SER A 5 1.05 -23.36 -7.09
N SER A 6 0.17 -22.95 -8.00
CA SER A 6 -1.06 -22.29 -7.59
C SER A 6 -0.74 -20.98 -6.85
N GLY A 7 -1.78 -20.22 -6.60
CA GLY A 7 -1.62 -18.95 -5.90
C GLY A 7 -2.78 -18.00 -6.21
N PRO A 8 -2.70 -16.78 -5.63
CA PRO A 8 -3.74 -15.77 -5.83
C PRO A 8 -3.62 -15.15 -7.22
N ARG A 9 -4.75 -14.65 -7.71
CA ARG A 9 -4.80 -14.02 -9.01
C ARG A 9 -6.06 -13.18 -9.16
N SER A 10 -5.92 -12.07 -9.87
CA SER A 10 -7.05 -11.18 -10.10
C SER A 10 -7.53 -10.60 -8.76
N ARG A 11 -7.27 -9.32 -8.58
CA ARG A 11 -7.67 -8.63 -7.36
C ARG A 11 -7.84 -7.14 -7.62
N THR A 12 -9.07 -6.67 -7.37
CA THR A 12 -9.38 -5.26 -7.58
C THR A 12 -9.66 -4.58 -6.24
N LYS A 13 -9.58 -3.26 -6.26
CA LYS A 13 -9.81 -2.48 -5.06
C LYS A 13 -9.76 -0.99 -5.40
N ILE A 14 -8.55 -0.49 -5.56
CA ILE A 14 -8.34 0.91 -5.88
C ILE A 14 -8.51 1.11 -7.40
N SER A 15 -9.36 2.06 -7.75
CA SER A 15 -9.61 2.35 -9.15
C SER A 15 -8.30 2.26 -9.95
N LEU A 16 -7.26 2.85 -9.38
CA LEU A 16 -5.96 2.85 -10.02
C LEU A 16 -5.16 4.05 -9.52
N GLU A 17 -5.57 5.23 -9.97
CA GLU A 17 -4.89 6.45 -9.58
C GLU A 17 -4.40 6.35 -8.13
N ALA A 18 -5.32 6.63 -7.21
CA ALA A 18 -4.99 6.57 -5.80
C ALA A 18 -3.88 5.54 -5.57
N LEU A 19 -4.10 4.35 -6.12
CA LEU A 19 -3.13 3.28 -5.99
C LEU A 19 -1.78 3.74 -6.53
N GLY A 20 -1.70 3.84 -7.85
CA GLY A 20 -0.48 4.27 -8.50
C GLY A 20 0.15 5.47 -7.76
N ILE A 21 -0.73 6.31 -7.25
CA ILE A 21 -0.28 7.49 -6.52
C ILE A 21 0.56 7.06 -5.32
N LEU A 22 -0.01 6.17 -4.52
CA LEU A 22 0.67 5.67 -3.34
C LEU A 22 1.76 4.69 -3.77
N GLN A 23 1.44 3.91 -4.81
CA GLN A 23 2.38 2.94 -5.32
C GLN A 23 3.69 3.62 -5.73
N SER A 24 3.55 4.77 -6.34
CA SER A 24 4.72 5.53 -6.79
C SER A 24 5.55 5.97 -5.58
N PHE A 25 4.85 6.56 -4.62
CA PHE A 25 5.51 7.03 -3.41
C PHE A 25 6.32 5.91 -2.76
N ILE A 26 5.77 4.70 -2.83
CA ILE A 26 6.44 3.54 -2.25
C ILE A 26 7.80 3.35 -2.94
N HIS A 27 7.77 3.39 -4.26
CA HIS A 27 8.98 3.22 -5.04
C HIS A 27 9.87 4.46 -4.90
N ASP A 28 9.30 5.49 -4.29
CA ASP A 28 10.02 6.73 -4.08
C ASP A 28 10.66 6.72 -2.69
N VAL A 29 9.81 6.59 -1.68
CA VAL A 29 10.26 6.56 -0.31
C VAL A 29 10.75 5.14 0.04
N GLY A 30 9.89 4.18 -0.27
CA GLY A 30 10.22 2.78 0.00
C GLY A 30 8.97 2.01 0.43
N LEU A 31 9.20 1.01 1.29
CA LEU A 31 8.10 0.20 1.79
C LEU A 31 8.16 0.15 3.31
N TYR A 32 8.10 1.34 3.90
CA TYR A 32 8.14 1.46 5.35
C TYR A 32 7.65 2.85 5.80
N PRO A 33 6.35 3.12 5.50
CA PRO A 33 5.77 4.40 5.87
C PRO A 33 5.47 4.45 7.37
N ASP A 34 5.04 5.62 7.81
CA ASP A 34 4.71 5.82 9.21
C ASP A 34 3.25 6.29 9.33
N GLN A 35 2.76 6.27 10.57
CA GLN A 35 1.39 6.68 10.84
C GLN A 35 1.09 8.00 10.13
N GLU A 36 2.15 8.75 9.87
CA GLU A 36 2.01 10.03 9.20
C GLU A 36 1.85 9.83 7.69
N ALA A 37 2.77 9.08 7.12
CA ALA A 37 2.74 8.80 5.70
C ALA A 37 1.41 8.14 5.34
N ILE A 38 0.97 7.24 6.22
CA ILE A 38 -0.28 6.54 6.01
C ILE A 38 -1.44 7.54 6.04
N HIS A 39 -1.39 8.43 7.01
CA HIS A 39 -2.41 9.44 7.15
C HIS A 39 -2.55 10.23 5.86
N THR A 40 -1.41 10.51 5.25
CA THR A 40 -1.38 11.25 3.99
C THR A 40 -2.00 10.42 2.87
N LEU A 41 -1.79 9.12 2.95
CA LEU A 41 -2.32 8.22 1.95
C LEU A 41 -3.82 8.07 2.15
N SER A 42 -4.23 8.09 3.41
CA SER A 42 -5.64 7.96 3.76
C SER A 42 -6.37 9.27 3.44
N ALA A 43 -5.58 10.33 3.27
CA ALA A 43 -6.14 11.63 2.98
C ALA A 43 -6.06 11.89 1.47
N GLN A 44 -4.84 12.01 0.99
CA GLN A 44 -4.62 12.26 -0.44
C GLN A 44 -5.56 11.40 -1.28
N LEU A 45 -5.69 10.14 -0.87
CA LEU A 45 -6.56 9.22 -1.57
C LEU A 45 -7.95 9.23 -0.93
N ASP A 46 -7.97 9.51 0.36
CA ASP A 46 -9.22 9.57 1.10
C ASP A 46 -9.63 8.14 1.50
N LEU A 47 -8.64 7.27 1.52
CA LEU A 47 -8.89 5.87 1.87
C LEU A 47 -8.57 5.67 3.36
N PRO A 48 -9.09 4.54 3.91
CA PRO A 48 -8.86 4.22 5.31
C PRO A 48 -7.43 3.72 5.53
N LYS A 49 -7.01 3.75 6.79
CA LYS A 49 -5.68 3.30 7.15
C LYS A 49 -5.55 1.80 6.88
N HIS A 50 -6.51 1.06 7.43
CA HIS A 50 -6.51 -0.39 7.26
C HIS A 50 -6.34 -0.73 5.77
N THR A 51 -7.18 -0.12 4.95
CA THR A 51 -7.11 -0.35 3.52
C THR A 51 -5.70 -0.11 2.99
N ILE A 52 -5.15 1.04 3.38
CA ILE A 52 -3.81 1.40 2.95
C ILE A 52 -2.81 0.39 3.53
N ILE A 53 -2.89 0.21 4.83
CA ILE A 53 -2.00 -0.71 5.52
C ILE A 53 -2.09 -2.08 4.85
N LYS A 54 -3.30 -2.63 4.84
CA LYS A 54 -3.53 -3.93 4.24
C LYS A 54 -2.71 -4.04 2.94
N PHE A 55 -3.08 -3.20 1.99
CA PHE A 55 -2.40 -3.19 0.70
C PHE A 55 -0.88 -3.26 0.88
N PHE A 56 -0.38 -2.35 1.71
CA PHE A 56 1.05 -2.30 1.99
C PHE A 56 1.56 -3.65 2.49
N GLN A 57 0.92 -4.15 3.53
CA GLN A 57 1.29 -5.42 4.11
C GLN A 57 1.63 -6.43 3.01
N ASN A 58 0.73 -6.51 2.04
CA ASN A 58 0.92 -7.43 0.93
C ASN A 58 2.14 -6.99 0.11
N GLN A 59 2.15 -5.71 -0.22
CA GLN A 59 3.25 -5.15 -0.99
C GLN A 59 4.59 -5.75 -0.53
N ARG A 60 4.84 -5.63 0.76
CA ARG A 60 6.06 -6.15 1.34
C ARG A 60 6.34 -7.56 0.80
N TYR A 61 5.41 -8.46 1.07
CA TYR A 61 5.54 -9.83 0.62
C TYR A 61 5.81 -9.89 -0.88
N HIS A 62 5.20 -8.96 -1.60
CA HIS A 62 5.36 -8.90 -3.04
C HIS A 62 6.34 -7.78 -3.40
N VAL A 63 7.61 -8.14 -3.43
CA VAL A 63 8.66 -7.18 -3.75
C VAL A 63 9.84 -7.91 -4.39
N LYS A 64 10.30 -7.37 -5.50
CA LYS A 64 11.42 -7.97 -6.22
C LYS A 64 12.53 -6.93 -6.37
N HIS A 65 13.42 -6.92 -5.38
CA HIS A 65 14.53 -5.98 -5.38
C HIS A 65 14.03 -4.59 -5.74
N SER A 66 13.50 -3.90 -4.74
CA SER A 66 12.98 -2.56 -4.94
C SER A 66 14.05 -1.52 -4.56
N GLY A 67 14.23 -0.55 -5.45
CA GLY A 67 15.21 0.49 -5.21
C GLY A 67 16.63 -0.07 -5.20
N PRO A 68 17.49 0.54 -4.35
CA PRO A 68 18.87 0.12 -4.24
C PRO A 68 18.97 -1.19 -3.44
N SER A 69 18.39 -2.24 -4.01
CA SER A 69 18.40 -3.54 -3.38
C SER A 69 19.44 -4.44 -4.06
N SER A 70 20.63 -4.45 -3.47
CA SER A 70 21.72 -5.26 -4.01
C SER A 70 22.41 -6.03 -2.88
N GLY A 71 22.19 -7.34 -2.89
CA GLY A 71 22.77 -8.20 -1.87
C GLY A 71 22.19 -7.89 -0.49
N GLY A 1 3.76 -23.81 10.37
CA GLY A 1 3.10 -23.60 9.10
C GLY A 1 3.95 -24.12 7.94
N SER A 2 3.34 -24.97 7.13
CA SER A 2 4.03 -25.54 5.99
C SER A 2 3.13 -25.49 4.75
N SER A 3 1.97 -26.12 4.88
CA SER A 3 1.01 -26.16 3.78
C SER A 3 0.06 -24.97 3.88
N GLY A 4 -0.14 -24.31 2.75
CA GLY A 4 -1.03 -23.16 2.70
C GLY A 4 -2.48 -23.59 2.47
N SER A 5 -3.39 -22.69 2.82
CA SER A 5 -4.81 -22.97 2.66
C SER A 5 -5.20 -22.81 1.19
N SER A 6 -4.99 -21.60 0.68
CA SER A 6 -5.33 -21.31 -0.71
C SER A 6 -4.43 -20.18 -1.23
N GLY A 7 -4.54 -19.03 -0.57
CA GLY A 7 -3.75 -17.87 -0.95
C GLY A 7 -4.18 -16.63 -0.17
N PRO A 8 -3.56 -15.48 -0.54
CA PRO A 8 -3.87 -14.22 0.11
C PRO A 8 -5.23 -13.68 -0.35
N ARG A 9 -6.00 -13.19 0.62
CA ARG A 9 -7.31 -12.65 0.33
C ARG A 9 -7.27 -11.12 0.34
N SER A 10 -7.67 -10.55 -0.79
CA SER A 10 -7.68 -9.09 -0.93
C SER A 10 -9.12 -8.59 -0.98
N ARG A 11 -9.26 -7.27 -0.85
CA ARG A 11 -10.57 -6.65 -0.87
C ARG A 11 -10.51 -5.32 -1.64
N THR A 12 -11.68 -4.86 -2.03
CA THR A 12 -11.78 -3.61 -2.77
C THR A 12 -10.86 -3.64 -3.99
N LYS A 13 -11.10 -2.69 -4.89
CA LYS A 13 -10.30 -2.60 -6.11
C LYS A 13 -10.07 -1.12 -6.44
N ILE A 14 -8.92 -0.63 -6.01
CA ILE A 14 -8.56 0.75 -6.26
C ILE A 14 -8.62 1.03 -7.76
N SER A 15 -9.42 2.01 -8.12
CA SER A 15 -9.56 2.38 -9.53
C SER A 15 -8.21 2.31 -10.23
N LEU A 16 -7.21 2.87 -9.59
CA LEU A 16 -5.87 2.88 -10.15
C LEU A 16 -5.09 4.09 -9.60
N GLU A 17 -5.55 5.26 -10.00
CA GLU A 17 -4.91 6.49 -9.55
C GLU A 17 -4.43 6.35 -8.11
N ALA A 18 -5.35 6.57 -7.19
CA ALA A 18 -5.04 6.48 -5.78
C ALA A 18 -3.90 5.47 -5.57
N LEU A 19 -4.15 4.25 -6.03
CA LEU A 19 -3.16 3.19 -5.91
C LEU A 19 -1.82 3.68 -6.48
N GLY A 20 -1.81 3.89 -7.79
CA GLY A 20 -0.61 4.36 -8.46
C GLY A 20 0.01 5.54 -7.72
N ILE A 21 -0.85 6.45 -7.29
CA ILE A 21 -0.41 7.63 -6.56
C ILE A 21 0.47 7.19 -5.39
N LEU A 22 -0.13 6.44 -4.49
CA LEU A 22 0.58 5.95 -3.31
C LEU A 22 1.71 5.03 -3.76
N GLN A 23 1.44 4.27 -4.82
CA GLN A 23 2.43 3.35 -5.34
C GLN A 23 3.73 4.09 -5.65
N SER A 24 3.59 5.27 -6.21
CA SER A 24 4.74 6.09 -6.56
C SER A 24 5.54 6.43 -5.30
N PHE A 25 4.81 6.71 -4.23
CA PHE A 25 5.44 7.05 -2.97
C PHE A 25 6.15 5.83 -2.37
N ILE A 26 5.63 4.66 -2.71
CA ILE A 26 6.20 3.43 -2.20
C ILE A 26 7.57 3.21 -2.84
N HIS A 27 7.65 3.48 -4.13
CA HIS A 27 8.88 3.32 -4.87
C HIS A 27 9.83 4.49 -4.54
N ASP A 28 9.27 5.50 -3.90
CA ASP A 28 10.04 6.68 -3.53
C ASP A 28 10.59 6.48 -2.11
N VAL A 29 9.68 6.18 -1.20
CA VAL A 29 10.06 5.98 0.19
C VAL A 29 10.60 4.56 0.36
N GLY A 30 9.87 3.61 -0.22
CA GLY A 30 10.26 2.21 -0.14
C GLY A 30 9.10 1.36 0.36
N LEU A 31 9.29 0.79 1.54
CA LEU A 31 8.28 -0.06 2.14
C LEU A 31 8.27 0.15 3.66
N TYR A 32 8.23 1.41 4.04
CA TYR A 32 8.22 1.77 5.46
C TYR A 32 7.47 3.08 5.69
N PRO A 33 6.13 3.02 5.46
CA PRO A 33 5.30 4.19 5.64
C PRO A 33 5.06 4.47 7.13
N ASP A 34 5.14 5.75 7.47
CA ASP A 34 4.94 6.17 8.85
C ASP A 34 3.48 6.61 9.05
N GLN A 35 3.03 6.54 10.28
CA GLN A 35 1.68 6.94 10.61
C GLN A 35 1.31 8.23 9.90
N GLU A 36 2.34 9.02 9.61
CA GLU A 36 2.13 10.29 8.93
C GLU A 36 1.93 10.06 7.42
N ALA A 37 2.77 9.19 6.87
CA ALA A 37 2.69 8.88 5.45
C ALA A 37 1.34 8.22 5.16
N ILE A 38 0.95 7.32 6.05
CA ILE A 38 -0.32 6.62 5.89
C ILE A 38 -1.47 7.63 5.96
N HIS A 39 -1.35 8.54 6.90
CA HIS A 39 -2.37 9.57 7.08
C HIS A 39 -2.53 10.36 5.78
N THR A 40 -1.42 10.56 5.10
CA THR A 40 -1.42 11.30 3.84
C THR A 40 -2.05 10.46 2.73
N LEU A 41 -1.83 9.16 2.83
CA LEU A 41 -2.37 8.24 1.83
C LEU A 41 -3.87 8.06 2.08
N SER A 42 -4.24 8.10 3.35
CA SER A 42 -5.63 7.94 3.73
C SER A 42 -6.40 9.23 3.44
N ALA A 43 -5.65 10.29 3.21
CA ALA A 43 -6.23 11.59 2.92
C ALA A 43 -6.19 11.83 1.41
N GLN A 44 -4.98 12.00 0.91
CA GLN A 44 -4.78 12.24 -0.51
C GLN A 44 -5.73 11.37 -1.34
N LEU A 45 -5.86 10.12 -0.90
CA LEU A 45 -6.73 9.18 -1.59
C LEU A 45 -8.09 9.16 -0.91
N ASP A 46 -8.07 9.44 0.39
CA ASP A 46 -9.31 9.46 1.17
C ASP A 46 -9.67 8.02 1.57
N LEU A 47 -8.66 7.16 1.56
CA LEU A 47 -8.87 5.77 1.91
C LEU A 47 -8.53 5.59 3.40
N PRO A 48 -9.02 4.45 3.95
CA PRO A 48 -8.78 4.13 5.35
C PRO A 48 -7.35 3.66 5.57
N LYS A 49 -6.92 3.77 6.82
CA LYS A 49 -5.57 3.36 7.19
C LYS A 49 -5.41 1.86 6.94
N HIS A 50 -6.34 1.10 7.53
CA HIS A 50 -6.31 -0.34 7.40
C HIS A 50 -6.15 -0.72 5.92
N THR A 51 -6.96 -0.10 5.09
CA THR A 51 -6.92 -0.35 3.66
C THR A 51 -5.50 -0.13 3.12
N ILE A 52 -4.97 1.04 3.41
CA ILE A 52 -3.63 1.39 2.98
C ILE A 52 -2.62 0.43 3.61
N ILE A 53 -2.77 0.24 4.91
CA ILE A 53 -1.89 -0.64 5.65
C ILE A 53 -1.93 -2.04 5.03
N LYS A 54 -3.11 -2.63 5.08
CA LYS A 54 -3.30 -3.97 4.52
C LYS A 54 -2.56 -4.06 3.18
N PHE A 55 -3.08 -3.34 2.21
CA PHE A 55 -2.49 -3.34 0.88
C PHE A 55 -0.96 -3.40 0.97
N PHE A 56 -0.41 -2.42 1.67
CA PHE A 56 1.03 -2.35 1.85
C PHE A 56 1.61 -3.70 2.29
N GLN A 57 1.09 -4.19 3.39
CA GLN A 57 1.53 -5.47 3.93
C GLN A 57 1.71 -6.49 2.79
N ASN A 58 0.76 -6.48 1.88
CA ASN A 58 0.80 -7.39 0.75
C ASN A 58 2.02 -7.06 -0.12
N GLN A 59 2.16 -5.78 -0.41
CA GLN A 59 3.27 -5.32 -1.23
C GLN A 59 4.57 -6.05 -0.82
N ARG A 60 4.83 -6.02 0.47
CA ARG A 60 6.03 -6.66 1.01
C ARG A 60 6.07 -8.13 0.57
N TYR A 61 5.07 -8.88 1.01
CA TYR A 61 4.99 -10.28 0.67
C TYR A 61 5.42 -10.53 -0.78
N HIS A 62 4.70 -9.90 -1.69
CA HIS A 62 5.00 -10.04 -3.10
C HIS A 62 5.88 -8.87 -3.57
N VAL A 63 7.17 -9.15 -3.64
CA VAL A 63 8.13 -8.14 -4.06
C VAL A 63 9.20 -8.79 -4.94
N LYS A 64 9.70 -8.01 -5.89
CA LYS A 64 10.73 -8.49 -6.80
C LYS A 64 12.01 -8.73 -6.01
N HIS A 65 12.86 -9.58 -6.58
CA HIS A 65 14.13 -9.90 -5.95
C HIS A 65 13.87 -10.71 -4.67
N SER A 66 14.94 -11.30 -4.17
CA SER A 66 14.85 -12.10 -2.95
C SER A 66 13.95 -13.31 -3.19
N GLY A 67 14.06 -14.28 -2.29
CA GLY A 67 13.26 -15.49 -2.39
C GLY A 67 12.45 -15.71 -1.11
N PRO A 68 11.10 -15.79 -1.30
CA PRO A 68 10.20 -16.01 -0.17
C PRO A 68 10.26 -17.47 0.30
N SER A 69 10.12 -18.37 -0.66
CA SER A 69 10.16 -19.79 -0.35
C SER A 69 10.67 -20.57 -1.55
N SER A 70 11.29 -21.71 -1.25
CA SER A 70 11.84 -22.56 -2.30
C SER A 70 10.71 -23.07 -3.21
N GLY A 71 11.11 -23.54 -4.38
CA GLY A 71 10.15 -24.06 -5.34
C GLY A 71 10.58 -23.72 -6.77
N GLY A 1 3.17 3.69 21.34
CA GLY A 1 3.40 3.01 20.08
C GLY A 1 2.24 3.29 19.10
N SER A 2 2.55 3.12 17.82
CA SER A 2 1.56 3.34 16.79
C SER A 2 0.40 2.35 16.94
N SER A 3 -0.80 2.86 16.75
CA SER A 3 -1.99 2.03 16.85
C SER A 3 -3.12 2.62 15.99
N GLY A 4 -4.07 1.76 15.67
CA GLY A 4 -5.20 2.17 14.86
C GLY A 4 -5.90 0.96 14.23
N SER A 5 -6.84 0.40 14.99
CA SER A 5 -7.58 -0.75 14.52
C SER A 5 -9.07 -0.60 14.86
N SER A 6 -9.81 -0.07 13.89
CA SER A 6 -11.24 0.15 14.07
C SER A 6 -12.00 -0.32 12.83
N GLY A 7 -13.23 -0.75 13.07
CA GLY A 7 -14.07 -1.23 11.98
C GLY A 7 -13.64 -2.63 11.53
N PRO A 8 -14.51 -3.26 10.69
CA PRO A 8 -14.22 -4.59 10.18
C PRO A 8 -13.15 -4.55 9.10
N ARG A 9 -12.95 -5.70 8.46
CA ARG A 9 -11.95 -5.80 7.40
C ARG A 9 -12.63 -6.02 6.06
N SER A 10 -12.09 -5.35 5.05
CA SER A 10 -12.63 -5.46 3.70
C SER A 10 -11.50 -5.67 2.70
N ARG A 11 -11.83 -6.34 1.61
CA ARG A 11 -10.86 -6.62 0.56
C ARG A 11 -10.41 -5.33 -0.11
N THR A 12 -9.10 -5.20 -0.29
CA THR A 12 -8.54 -4.02 -0.91
C THR A 12 -8.99 -3.92 -2.36
N LYS A 13 -9.07 -2.68 -2.83
CA LYS A 13 -9.49 -2.43 -4.21
C LYS A 13 -9.35 -0.94 -4.51
N ILE A 14 -8.47 -0.64 -5.46
CA ILE A 14 -8.24 0.74 -5.84
C ILE A 14 -8.35 0.86 -7.37
N SER A 15 -9.25 1.74 -7.80
CA SER A 15 -9.46 1.96 -9.22
C SER A 15 -8.12 1.92 -9.96
N LEU A 16 -7.15 2.62 -9.40
CA LEU A 16 -5.82 2.67 -10.00
C LEU A 16 -5.08 3.90 -9.48
N GLU A 17 -5.54 5.06 -9.93
CA GLU A 17 -4.93 6.32 -9.51
C GLU A 17 -4.48 6.23 -8.05
N ALA A 18 -5.44 6.48 -7.16
CA ALA A 18 -5.16 6.44 -5.73
C ALA A 18 -4.00 5.47 -5.47
N LEU A 19 -4.11 4.30 -6.07
CA LEU A 19 -3.09 3.28 -5.91
C LEU A 19 -1.76 3.80 -6.48
N GLY A 20 -1.67 3.82 -7.80
CA GLY A 20 -0.47 4.30 -8.46
C GLY A 20 0.07 5.55 -7.78
N ILE A 21 -0.83 6.28 -7.14
CA ILE A 21 -0.45 7.50 -6.44
C ILE A 21 0.42 7.13 -5.24
N LEU A 22 -0.18 6.41 -4.30
CA LEU A 22 0.54 6.00 -3.10
C LEU A 22 1.56 4.93 -3.47
N GLN A 23 1.36 4.33 -4.63
CA GLN A 23 2.26 3.29 -5.10
C GLN A 23 3.58 3.91 -5.59
N SER A 24 3.45 5.09 -6.18
CA SER A 24 4.62 5.80 -6.69
C SER A 24 5.49 6.27 -5.54
N PHE A 25 4.83 6.63 -4.44
CA PHE A 25 5.53 7.11 -3.26
C PHE A 25 6.22 5.94 -2.53
N ILE A 26 5.66 4.76 -2.71
CA ILE A 26 6.21 3.57 -2.08
C ILE A 26 7.56 3.23 -2.73
N HIS A 27 7.56 3.29 -4.05
CA HIS A 27 8.77 2.99 -4.80
C HIS A 27 9.77 4.15 -4.65
N ASP A 28 9.26 5.26 -4.14
CA ASP A 28 10.09 6.44 -3.94
C ASP A 28 10.67 6.42 -2.52
N VAL A 29 9.77 6.32 -1.55
CA VAL A 29 10.17 6.30 -0.16
C VAL A 29 10.71 4.90 0.18
N GLY A 30 9.96 3.90 -0.23
CA GLY A 30 10.34 2.52 0.02
C GLY A 30 9.16 1.72 0.56
N LEU A 31 9.47 0.84 1.51
CA LEU A 31 8.44 -0.01 2.11
C LEU A 31 8.53 0.11 3.64
N TYR A 32 8.42 1.34 4.11
CA TYR A 32 8.48 1.59 5.54
C TYR A 32 7.91 2.96 5.88
N PRO A 33 6.59 3.13 5.59
CA PRO A 33 5.91 4.38 5.87
C PRO A 33 5.64 4.55 7.36
N ASP A 34 5.15 5.73 7.71
CA ASP A 34 4.84 6.03 9.10
C ASP A 34 3.38 6.48 9.21
N GLN A 35 2.88 6.44 10.44
CA GLN A 35 1.51 6.84 10.69
C GLN A 35 1.19 8.16 9.98
N GLU A 36 2.24 8.92 9.73
CA GLU A 36 2.09 10.20 9.05
C GLU A 36 1.90 9.99 7.54
N ALA A 37 2.80 9.20 6.97
CA ALA A 37 2.73 8.91 5.55
C ALA A 37 1.40 8.24 5.22
N ILE A 38 1.04 7.28 6.04
CA ILE A 38 -0.21 6.55 5.85
C ILE A 38 -1.38 7.55 5.88
N HIS A 39 -1.35 8.41 6.89
CA HIS A 39 -2.39 9.41 7.03
C HIS A 39 -2.56 10.18 5.72
N THR A 40 -1.43 10.54 5.14
CA THR A 40 -1.44 11.28 3.89
C THR A 40 -2.07 10.43 2.78
N LEU A 41 -1.82 9.14 2.84
CA LEU A 41 -2.36 8.22 1.86
C LEU A 41 -3.86 8.05 2.09
N SER A 42 -4.23 8.09 3.36
CA SER A 42 -5.63 7.95 3.73
C SER A 42 -6.38 9.26 3.48
N ALA A 43 -5.61 10.31 3.29
CA ALA A 43 -6.19 11.63 3.04
C ALA A 43 -6.17 11.91 1.54
N GLN A 44 -4.97 12.04 1.00
CA GLN A 44 -4.80 12.31 -0.42
C GLN A 44 -5.79 11.48 -1.23
N LEU A 45 -5.95 10.23 -0.83
CA LEU A 45 -6.87 9.33 -1.51
C LEU A 45 -8.20 9.33 -0.78
N ASP A 46 -8.15 9.63 0.51
CA ASP A 46 -9.35 9.66 1.33
C ASP A 46 -9.73 8.23 1.72
N LEU A 47 -8.76 7.34 1.63
CA LEU A 47 -8.98 5.95 1.97
C LEU A 47 -8.60 5.72 3.43
N PRO A 48 -9.09 4.57 3.98
CA PRO A 48 -8.82 4.22 5.37
C PRO A 48 -7.38 3.73 5.54
N LYS A 49 -6.94 3.71 6.78
CA LYS A 49 -5.59 3.25 7.08
C LYS A 49 -5.48 1.76 6.80
N HIS A 50 -6.43 1.02 7.36
CA HIS A 50 -6.45 -0.43 7.18
C HIS A 50 -6.31 -0.76 5.70
N THR A 51 -7.01 0.00 4.88
CA THR A 51 -6.98 -0.20 3.44
C THR A 51 -5.56 -0.01 2.91
N ILE A 52 -5.03 1.19 3.15
CA ILE A 52 -3.69 1.51 2.71
C ILE A 52 -2.69 0.50 3.29
N ILE A 53 -2.81 0.30 4.60
CA ILE A 53 -1.95 -0.63 5.29
C ILE A 53 -2.08 -2.02 4.67
N LYS A 54 -3.31 -2.52 4.68
CA LYS A 54 -3.60 -3.83 4.12
C LYS A 54 -2.85 -3.99 2.81
N PHE A 55 -3.08 -3.05 1.90
CA PHE A 55 -2.44 -3.08 0.60
C PHE A 55 -0.92 -3.16 0.75
N PHE A 56 -0.39 -2.33 1.63
CA PHE A 56 1.04 -2.30 1.88
C PHE A 56 1.55 -3.68 2.32
N GLN A 57 0.82 -4.26 3.25
CA GLN A 57 1.18 -5.58 3.78
C GLN A 57 1.45 -6.54 2.63
N ASN A 58 0.62 -6.43 1.60
CA ASN A 58 0.76 -7.29 0.43
C ASN A 58 2.11 -7.03 -0.24
N GLN A 59 2.35 -5.76 -0.52
CA GLN A 59 3.60 -5.36 -1.15
C GLN A 59 4.78 -6.10 -0.52
N ARG A 60 4.98 -5.83 0.77
CA ARG A 60 6.06 -6.46 1.50
C ARG A 60 6.04 -7.97 1.29
N TYR A 61 5.00 -8.60 1.82
CA TYR A 61 4.84 -10.04 1.69
C TYR A 61 5.25 -10.51 0.30
N HIS A 62 4.58 -9.97 -0.71
CA HIS A 62 4.87 -10.32 -2.09
C HIS A 62 6.37 -10.28 -2.33
N VAL A 63 6.93 -9.09 -2.19
CA VAL A 63 8.36 -8.89 -2.39
C VAL A 63 9.12 -9.93 -1.58
N LYS A 64 10.04 -10.61 -2.26
CA LYS A 64 10.85 -11.63 -1.62
C LYS A 64 12.33 -11.27 -1.75
N HIS A 65 12.78 -11.24 -3.00
CA HIS A 65 14.17 -10.91 -3.27
C HIS A 65 14.24 -9.61 -4.08
N SER A 66 15.05 -8.69 -3.57
CA SER A 66 15.21 -7.40 -4.22
C SER A 66 16.69 -7.11 -4.46
N GLY A 67 17.44 -7.10 -3.35
CA GLY A 67 18.87 -6.84 -3.42
C GLY A 67 19.52 -7.01 -2.05
N PRO A 68 19.46 -5.91 -1.24
CA PRO A 68 20.04 -5.93 0.09
C PRO A 68 19.16 -6.72 1.06
N SER A 69 19.54 -7.97 1.27
CA SER A 69 18.80 -8.83 2.17
C SER A 69 19.02 -8.41 3.62
N SER A 70 18.09 -8.80 4.48
CA SER A 70 18.19 -8.47 5.89
C SER A 70 19.53 -8.93 6.44
N GLY A 71 19.88 -8.37 7.59
CA GLY A 71 21.14 -8.72 8.25
C GLY A 71 21.76 -7.51 8.92
N GLY A 1 -9.92 18.18 -7.64
CA GLY A 1 -10.81 18.03 -6.50
C GLY A 1 -11.34 16.61 -6.40
N SER A 2 -12.43 16.36 -7.10
CA SER A 2 -13.05 15.05 -7.10
C SER A 2 -13.54 14.70 -5.70
N SER A 3 -14.82 14.33 -5.63
CA SER A 3 -15.42 13.96 -4.36
C SER A 3 -15.23 12.48 -4.09
N GLY A 4 -15.32 12.12 -2.82
CA GLY A 4 -15.17 10.72 -2.42
C GLY A 4 -15.87 10.47 -1.09
N SER A 5 -16.66 9.40 -1.07
CA SER A 5 -17.40 9.02 0.13
C SER A 5 -17.72 7.53 0.09
N SER A 6 -18.42 7.13 -0.96
CA SER A 6 -18.80 5.73 -1.12
C SER A 6 -17.59 4.83 -0.89
N GLY A 7 -17.80 3.79 -0.10
CA GLY A 7 -16.74 2.85 0.20
C GLY A 7 -17.08 2.02 1.44
N PRO A 8 -17.98 1.01 1.23
CA PRO A 8 -18.40 0.15 2.32
C PRO A 8 -17.31 -0.86 2.67
N ARG A 9 -16.92 -1.63 1.66
CA ARG A 9 -15.88 -2.63 1.83
C ARG A 9 -15.37 -3.11 0.49
N SER A 10 -14.15 -3.64 0.50
CA SER A 10 -13.54 -4.14 -0.71
C SER A 10 -12.15 -4.72 -0.40
N ARG A 11 -11.78 -5.74 -1.17
CA ARG A 11 -10.49 -6.38 -0.99
C ARG A 11 -9.44 -5.74 -1.90
N THR A 12 -8.74 -4.76 -1.35
CA THR A 12 -7.71 -4.05 -2.10
C THR A 12 -8.16 -3.84 -3.54
N LYS A 13 -9.11 -2.93 -3.72
CA LYS A 13 -9.63 -2.63 -5.04
C LYS A 13 -9.52 -1.12 -5.29
N ILE A 14 -8.50 -0.74 -6.04
CA ILE A 14 -8.27 0.66 -6.35
C ILE A 14 -8.32 0.84 -7.87
N SER A 15 -9.15 1.78 -8.30
CA SER A 15 -9.28 2.06 -9.71
C SER A 15 -7.90 2.08 -10.39
N LEU A 16 -6.97 2.73 -9.71
CA LEU A 16 -5.61 2.83 -10.23
C LEU A 16 -4.93 4.06 -9.62
N GLU A 17 -5.41 5.22 -10.04
CA GLU A 17 -4.85 6.48 -9.56
C GLU A 17 -4.47 6.35 -8.08
N ALA A 18 -5.48 6.52 -7.23
CA ALA A 18 -5.26 6.43 -5.79
C ALA A 18 -4.08 5.48 -5.51
N LEU A 19 -4.15 4.32 -6.14
CA LEU A 19 -3.11 3.32 -5.96
C LEU A 19 -1.79 3.87 -6.53
N GLY A 20 -1.72 3.88 -7.86
CA GLY A 20 -0.54 4.38 -8.53
C GLY A 20 0.02 5.62 -7.83
N ILE A 21 -0.87 6.35 -7.17
CA ILE A 21 -0.49 7.55 -6.47
C ILE A 21 0.40 7.17 -5.28
N LEU A 22 -0.20 6.47 -4.34
CA LEU A 22 0.53 6.05 -3.15
C LEU A 22 1.56 4.99 -3.54
N GLN A 23 1.35 4.40 -4.71
CA GLN A 23 2.24 3.38 -5.21
C GLN A 23 3.55 4.00 -5.68
N SER A 24 3.43 5.20 -6.24
CA SER A 24 4.60 5.92 -6.74
C SER A 24 5.47 6.38 -5.57
N PHE A 25 4.81 6.67 -4.46
CA PHE A 25 5.51 7.13 -3.27
C PHE A 25 6.20 5.96 -2.56
N ILE A 26 5.64 4.78 -2.75
CA ILE A 26 6.18 3.58 -2.15
C ILE A 26 7.54 3.26 -2.78
N HIS A 27 7.59 3.45 -4.10
CA HIS A 27 8.82 3.18 -4.84
C HIS A 27 9.78 4.35 -4.66
N ASP A 28 9.24 5.45 -4.16
CA ASP A 28 10.04 6.65 -3.94
C ASP A 28 10.64 6.60 -2.53
N VAL A 29 9.77 6.30 -1.56
CA VAL A 29 10.20 6.22 -0.18
C VAL A 29 10.73 4.81 0.10
N GLY A 30 9.94 3.83 -0.29
CA GLY A 30 10.30 2.43 -0.08
C GLY A 30 9.12 1.63 0.45
N LEU A 31 9.42 0.76 1.41
CA LEU A 31 8.39 -0.08 2.00
C LEU A 31 8.49 0.01 3.52
N TYR A 32 8.43 1.24 4.01
CA TYR A 32 8.50 1.48 5.45
C TYR A 32 7.94 2.86 5.80
N PRO A 33 6.61 3.02 5.52
CA PRO A 33 5.94 4.28 5.80
C PRO A 33 5.66 4.43 7.30
N ASP A 34 5.12 5.58 7.65
CA ASP A 34 4.80 5.87 9.04
C ASP A 34 3.34 6.30 9.15
N GLN A 35 2.84 6.29 10.38
CA GLN A 35 1.47 6.69 10.63
C GLN A 35 1.16 8.00 9.93
N GLU A 36 2.22 8.77 9.67
CA GLU A 36 2.07 10.05 9.01
C GLU A 36 1.88 9.85 7.50
N ALA A 37 2.78 9.08 6.92
CA ALA A 37 2.72 8.82 5.49
C ALA A 37 1.39 8.15 5.16
N ILE A 38 1.01 7.19 6.00
CA ILE A 38 -0.24 6.48 5.80
C ILE A 38 -1.41 7.48 5.86
N HIS A 39 -1.33 8.37 6.84
CA HIS A 39 -2.37 9.37 7.02
C HIS A 39 -2.54 10.16 5.72
N THR A 40 -1.41 10.47 5.09
CA THR A 40 -1.42 11.22 3.85
C THR A 40 -2.07 10.39 2.74
N LEU A 41 -1.82 9.08 2.79
CA LEU A 41 -2.38 8.17 1.81
C LEU A 41 -3.88 8.01 2.04
N SER A 42 -4.25 8.04 3.31
CA SER A 42 -5.64 7.90 3.70
C SER A 42 -6.39 9.21 3.44
N ALA A 43 -5.62 10.28 3.29
CA ALA A 43 -6.19 11.59 3.05
C ALA A 43 -6.18 11.88 1.55
N GLN A 44 -4.97 11.99 1.01
CA GLN A 44 -4.81 12.27 -0.41
C GLN A 44 -5.80 11.43 -1.23
N LEU A 45 -5.95 10.18 -0.81
CA LEU A 45 -6.85 9.27 -1.49
C LEU A 45 -8.20 9.27 -0.78
N ASP A 46 -8.16 9.58 0.51
CA ASP A 46 -9.37 9.63 1.31
C ASP A 46 -9.75 8.20 1.72
N LEU A 47 -8.78 7.31 1.65
CA LEU A 47 -9.00 5.92 2.00
C LEU A 47 -8.62 5.72 3.48
N PRO A 48 -9.10 4.58 4.04
CA PRO A 48 -8.82 4.25 5.42
C PRO A 48 -7.38 3.77 5.60
N LYS A 49 -6.92 3.83 6.84
CA LYS A 49 -5.56 3.40 7.16
C LYS A 49 -5.43 1.91 6.89
N HIS A 50 -6.34 1.14 7.46
CA HIS A 50 -6.33 -0.30 7.29
C HIS A 50 -6.20 -0.64 5.80
N THR A 51 -7.01 0.03 5.01
CA THR A 51 -7.00 -0.19 3.57
C THR A 51 -5.58 -0.02 3.01
N ILE A 52 -4.99 1.13 3.33
CA ILE A 52 -3.66 1.42 2.87
C ILE A 52 -2.67 0.43 3.50
N ILE A 53 -2.83 0.24 4.81
CA ILE A 53 -1.98 -0.67 5.54
C ILE A 53 -2.04 -2.05 4.90
N LYS A 54 -3.23 -2.64 4.95
CA LYS A 54 -3.43 -3.96 4.38
C LYS A 54 -2.70 -4.05 3.05
N PHE A 55 -3.09 -3.19 2.13
CA PHE A 55 -2.47 -3.16 0.82
C PHE A 55 -0.95 -3.24 0.91
N PHE A 56 -0.39 -2.36 1.72
CA PHE A 56 1.05 -2.33 1.91
C PHE A 56 1.57 -3.70 2.35
N GLN A 57 0.96 -4.22 3.39
CA GLN A 57 1.35 -5.52 3.93
C GLN A 57 1.63 -6.49 2.78
N ASN A 58 0.65 -6.62 1.90
CA ASN A 58 0.78 -7.51 0.76
C ASN A 58 1.99 -7.10 -0.06
N GLN A 59 2.15 -5.80 -0.23
CA GLN A 59 3.27 -5.27 -0.99
C GLN A 59 4.60 -5.78 -0.41
N ARG A 60 4.69 -5.70 0.91
CA ARG A 60 5.89 -6.15 1.60
C ARG A 60 6.10 -7.65 1.39
N TYR A 61 5.15 -8.42 1.90
CA TYR A 61 5.22 -9.86 1.79
C TYR A 61 5.77 -10.28 0.42
N HIS A 62 5.13 -9.77 -0.63
CA HIS A 62 5.54 -10.08 -1.98
C HIS A 62 7.07 -9.99 -2.09
N VAL A 63 7.58 -8.81 -1.79
CA VAL A 63 9.02 -8.59 -1.83
C VAL A 63 9.72 -9.56 -0.89
N LYS A 64 10.48 -10.48 -1.49
CA LYS A 64 11.20 -11.47 -0.72
C LYS A 64 12.54 -11.77 -1.39
N HIS A 65 13.55 -12.02 -0.57
CA HIS A 65 14.88 -12.30 -1.08
C HIS A 65 15.11 -13.82 -1.07
N SER A 66 14.44 -14.48 -2.00
CA SER A 66 14.55 -15.93 -2.12
C SER A 66 13.77 -16.43 -3.34
N GLY A 67 14.15 -17.60 -3.81
CA GLY A 67 13.50 -18.20 -4.96
C GLY A 67 13.46 -19.72 -4.85
N PRO A 68 14.57 -20.37 -5.27
CA PRO A 68 14.66 -21.81 -5.22
C PRO A 68 14.89 -22.30 -3.78
N SER A 69 15.88 -21.69 -3.14
CA SER A 69 16.22 -22.05 -1.77
C SER A 69 15.08 -21.62 -0.84
N SER A 70 14.67 -22.56 0.00
CA SER A 70 13.60 -22.31 0.95
C SER A 70 13.30 -23.57 1.76
N GLY A 71 12.93 -24.61 1.04
CA GLY A 71 12.61 -25.88 1.68
C GLY A 71 13.41 -27.03 1.04
N GLY A 1 -3.13 -11.91 -28.16
CA GLY A 1 -4.45 -11.32 -28.24
C GLY A 1 -4.36 -9.84 -28.65
N SER A 2 -5.52 -9.27 -28.92
CA SER A 2 -5.59 -7.87 -29.33
C SER A 2 -6.89 -7.24 -28.83
N SER A 3 -6.74 -6.12 -28.14
CA SER A 3 -7.89 -5.42 -27.60
C SER A 3 -7.45 -4.13 -26.91
N GLY A 4 -8.41 -3.29 -26.60
CA GLY A 4 -8.13 -2.02 -25.93
C GLY A 4 -9.14 -1.77 -24.82
N SER A 5 -8.78 -0.84 -23.94
CA SER A 5 -9.64 -0.48 -22.82
C SER A 5 -9.24 0.90 -22.28
N SER A 6 -10.25 1.62 -21.81
CA SER A 6 -10.03 2.95 -21.26
C SER A 6 -11.34 3.54 -20.76
N GLY A 7 -11.27 4.18 -19.60
CA GLY A 7 -12.45 4.78 -19.00
C GLY A 7 -12.13 5.32 -17.60
N PRO A 8 -12.97 6.29 -17.15
CA PRO A 8 -12.79 6.89 -15.85
C PRO A 8 -13.25 5.94 -14.74
N ARG A 9 -13.11 6.41 -13.50
CA ARG A 9 -13.51 5.61 -12.35
C ARG A 9 -13.28 6.40 -11.06
N SER A 10 -14.31 7.13 -10.66
CA SER A 10 -14.25 7.92 -9.45
C SER A 10 -14.90 7.18 -8.29
N ARG A 11 -14.09 6.85 -7.30
CA ARG A 11 -14.59 6.14 -6.13
C ARG A 11 -13.53 6.13 -5.03
N THR A 12 -14.01 6.07 -3.80
CA THR A 12 -13.12 6.04 -2.65
C THR A 12 -12.13 4.88 -2.76
N LYS A 13 -12.58 3.84 -3.45
CA LYS A 13 -11.76 2.65 -3.63
C LYS A 13 -10.50 3.04 -4.42
N ILE A 14 -9.50 2.18 -4.31
CA ILE A 14 -8.23 2.41 -5.01
C ILE A 14 -8.51 2.59 -6.50
N SER A 15 -9.19 1.60 -7.08
CA SER A 15 -9.52 1.63 -8.49
C SER A 15 -8.24 1.53 -9.33
N LEU A 16 -7.41 2.55 -9.22
CA LEU A 16 -6.17 2.58 -9.96
C LEU A 16 -5.39 3.85 -9.60
N GLU A 17 -5.89 4.97 -10.11
CA GLU A 17 -5.26 6.26 -9.85
C GLU A 17 -4.63 6.26 -8.46
N ALA A 18 -5.46 6.50 -7.46
CA ALA A 18 -4.99 6.54 -6.09
C ALA A 18 -3.83 5.56 -5.92
N LEU A 19 -4.04 4.34 -6.40
CA LEU A 19 -3.02 3.31 -6.31
C LEU A 19 -1.66 3.92 -6.64
N GLY A 20 -1.45 4.17 -7.93
CA GLY A 20 -0.20 4.75 -8.39
C GLY A 20 0.23 5.90 -7.48
N ILE A 21 -0.67 6.85 -7.31
CA ILE A 21 -0.39 8.01 -6.48
C ILE A 21 0.38 7.55 -5.23
N LEU A 22 -0.14 6.49 -4.61
CA LEU A 22 0.48 5.96 -3.41
C LEU A 22 1.67 5.07 -3.81
N GLN A 23 1.52 4.41 -4.95
CA GLN A 23 2.56 3.53 -5.45
C GLN A 23 3.85 4.32 -5.68
N SER A 24 3.68 5.53 -6.20
CA SER A 24 4.82 6.38 -6.47
C SER A 24 5.59 6.67 -5.18
N PHE A 25 4.82 6.90 -4.11
CA PHE A 25 5.41 7.18 -2.82
C PHE A 25 6.14 5.94 -2.27
N ILE A 26 5.63 4.78 -2.65
CA ILE A 26 6.21 3.53 -2.20
C ILE A 26 7.60 3.36 -2.84
N HIS A 27 7.68 3.70 -4.12
CA HIS A 27 8.92 3.59 -4.85
C HIS A 27 9.85 4.74 -4.44
N ASP A 28 9.28 5.72 -3.76
CA ASP A 28 10.03 6.88 -3.32
C ASP A 28 10.58 6.61 -1.91
N VAL A 29 9.68 6.23 -1.01
CA VAL A 29 10.06 5.95 0.35
C VAL A 29 10.63 4.53 0.44
N GLY A 30 9.90 3.60 -0.15
CA GLY A 30 10.33 2.20 -0.15
C GLY A 30 9.18 1.28 0.26
N LEU A 31 9.28 0.76 1.47
CA LEU A 31 8.26 -0.14 1.99
C LEU A 31 8.15 0.03 3.50
N TYR A 32 8.23 1.28 3.92
CA TYR A 32 8.14 1.60 5.34
C TYR A 32 7.37 2.90 5.57
N PRO A 33 6.02 2.81 5.36
CA PRO A 33 5.15 3.95 5.54
C PRO A 33 4.95 4.26 7.03
N ASP A 34 5.09 5.54 7.37
CA ASP A 34 4.91 5.96 8.74
C ASP A 34 3.47 6.46 8.94
N GLN A 35 3.02 6.37 10.18
CA GLN A 35 1.67 6.79 10.52
C GLN A 35 1.35 8.11 9.82
N GLU A 36 2.39 8.88 9.56
CA GLU A 36 2.23 10.16 8.89
C GLU A 36 1.99 9.96 7.40
N ALA A 37 2.81 9.10 6.81
CA ALA A 37 2.71 8.82 5.39
C ALA A 37 1.34 8.18 5.11
N ILE A 38 0.97 7.26 5.98
CA ILE A 38 -0.30 6.58 5.84
C ILE A 38 -1.45 7.59 5.92
N HIS A 39 -1.29 8.54 6.84
CA HIS A 39 -2.30 9.57 7.03
C HIS A 39 -2.47 10.36 5.73
N THR A 40 -1.35 10.56 5.04
CA THR A 40 -1.36 11.30 3.78
C THR A 40 -2.01 10.45 2.68
N LEU A 41 -1.79 9.15 2.77
CA LEU A 41 -2.35 8.23 1.80
C LEU A 41 -3.85 8.07 2.04
N SER A 42 -4.20 8.08 3.32
CA SER A 42 -5.60 7.94 3.70
C SER A 42 -6.36 9.23 3.40
N ALA A 43 -5.60 10.29 3.20
CA ALA A 43 -6.19 11.59 2.90
C ALA A 43 -6.15 11.82 1.39
N GLN A 44 -4.94 11.98 0.87
CA GLN A 44 -4.75 12.21 -0.55
C GLN A 44 -5.71 11.33 -1.36
N LEU A 45 -5.78 10.07 -0.96
CA LEU A 45 -6.64 9.12 -1.63
C LEU A 45 -8.01 9.12 -0.97
N ASP A 46 -8.01 9.42 0.32
CA ASP A 46 -9.24 9.45 1.08
C ASP A 46 -9.62 8.03 1.51
N LEU A 47 -8.61 7.18 1.57
CA LEU A 47 -8.83 5.79 1.95
C LEU A 47 -8.51 5.63 3.44
N PRO A 48 -9.00 4.50 4.02
CA PRO A 48 -8.77 4.21 5.42
C PRO A 48 -7.34 3.74 5.65
N LYS A 49 -6.90 3.86 6.90
CA LYS A 49 -5.56 3.45 7.27
C LYS A 49 -5.40 1.94 7.05
N HIS A 50 -6.33 1.19 7.64
CA HIS A 50 -6.32 -0.25 7.51
C HIS A 50 -6.14 -0.64 6.05
N THR A 51 -6.94 0.00 5.20
CA THR A 51 -6.91 -0.27 3.77
C THR A 51 -5.48 -0.09 3.24
N ILE A 52 -4.98 1.13 3.40
CA ILE A 52 -3.65 1.46 2.94
C ILE A 52 -2.65 0.45 3.52
N ILE A 53 -2.78 0.24 4.83
CA ILE A 53 -1.90 -0.69 5.52
C ILE A 53 -2.02 -2.07 4.87
N LYS A 54 -3.24 -2.58 4.87
CA LYS A 54 -3.50 -3.89 4.30
C LYS A 54 -2.76 -4.01 2.96
N PHE A 55 -3.17 -3.19 2.02
CA PHE A 55 -2.56 -3.19 0.69
C PHE A 55 -1.04 -3.34 0.80
N PHE A 56 -0.46 -2.46 1.60
CA PHE A 56 0.99 -2.47 1.80
C PHE A 56 1.46 -3.86 2.24
N GLN A 57 0.85 -4.34 3.32
CA GLN A 57 1.20 -5.64 3.86
C GLN A 57 1.46 -6.63 2.72
N ASN A 58 0.62 -6.55 1.70
CA ASN A 58 0.75 -7.44 0.56
C ASN A 58 2.07 -7.15 -0.16
N GLN A 59 2.28 -5.87 -0.45
CA GLN A 59 3.50 -5.45 -1.12
C GLN A 59 4.72 -6.12 -0.49
N ARG A 60 4.83 -5.96 0.81
CA ARG A 60 5.94 -6.54 1.55
C ARG A 60 6.03 -8.04 1.28
N TYR A 61 5.00 -8.75 1.71
CA TYR A 61 4.94 -10.19 1.52
C TYR A 61 5.47 -10.58 0.13
N HIS A 62 4.94 -9.90 -0.87
CA HIS A 62 5.34 -10.17 -2.24
C HIS A 62 6.87 -10.07 -2.36
N VAL A 63 7.34 -8.84 -2.37
CA VAL A 63 8.78 -8.59 -2.47
C VAL A 63 9.51 -9.41 -1.40
N LYS A 64 10.75 -9.75 -1.71
CA LYS A 64 11.56 -10.53 -0.79
C LYS A 64 12.89 -9.80 -0.55
N HIS A 65 13.64 -9.65 -1.63
CA HIS A 65 14.93 -8.98 -1.56
C HIS A 65 14.89 -7.71 -2.41
N SER A 66 14.76 -7.92 -3.72
CA SER A 66 14.72 -6.81 -4.65
C SER A 66 16.10 -6.14 -4.73
N GLY A 67 16.48 -5.50 -3.64
CA GLY A 67 17.77 -4.83 -3.59
C GLY A 67 18.48 -5.13 -2.27
N PRO A 68 19.41 -6.11 -2.33
CA PRO A 68 20.17 -6.51 -1.16
C PRO A 68 21.25 -5.46 -0.83
N SER A 69 20.92 -4.60 0.12
CA SER A 69 21.84 -3.55 0.53
C SER A 69 21.86 -3.45 2.06
N SER A 70 22.83 -4.14 2.66
CA SER A 70 22.96 -4.13 4.10
C SER A 70 23.54 -2.79 4.57
N GLY A 71 22.65 -1.83 4.75
CA GLY A 71 23.06 -0.51 5.19
C GLY A 71 23.84 -0.59 6.50
N GLY A 1 5.68 -2.32 19.79
CA GLY A 1 5.53 -2.97 18.50
C GLY A 1 4.06 -3.25 18.19
N SER A 2 3.85 -3.93 17.07
CA SER A 2 2.50 -4.27 16.65
C SER A 2 2.52 -5.52 15.77
N SER A 3 1.33 -6.08 15.55
CA SER A 3 1.21 -7.27 14.74
C SER A 3 0.03 -7.12 13.78
N GLY A 4 -1.15 -6.91 14.36
CA GLY A 4 -2.35 -6.75 13.58
C GLY A 4 -2.84 -8.09 13.03
N SER A 5 -3.90 -8.03 12.24
CA SER A 5 -4.47 -9.23 11.65
C SER A 5 -3.92 -9.44 10.23
N SER A 6 -3.83 -10.70 9.86
CA SER A 6 -3.32 -11.05 8.54
C SER A 6 -4.41 -11.75 7.73
N GLY A 7 -5.14 -10.96 6.95
CA GLY A 7 -6.21 -11.49 6.13
C GLY A 7 -6.30 -10.74 4.80
N PRO A 8 -5.49 -11.23 3.82
CA PRO A 8 -5.47 -10.62 2.49
C PRO A 8 -6.72 -11.00 1.70
N ARG A 9 -7.60 -10.01 1.54
CA ARG A 9 -8.84 -10.22 0.81
C ARG A 9 -8.94 -9.22 -0.34
N SER A 10 -8.80 -7.95 0.01
CA SER A 10 -8.88 -6.89 -0.98
C SER A 10 -7.55 -6.75 -1.72
N ARG A 11 -6.49 -6.57 -0.94
CA ARG A 11 -5.16 -6.44 -1.51
C ARG A 11 -5.06 -5.15 -2.32
N THR A 12 -5.64 -5.19 -3.52
CA THR A 12 -5.62 -4.04 -4.40
C THR A 12 -7.04 -3.70 -4.85
N LYS A 13 -7.72 -2.91 -4.03
CA LYS A 13 -9.08 -2.50 -4.33
C LYS A 13 -9.10 -1.00 -4.66
N ILE A 14 -8.10 -0.58 -5.42
CA ILE A 14 -8.00 0.81 -5.80
C ILE A 14 -8.21 0.94 -7.31
N SER A 15 -9.14 1.80 -7.67
CA SER A 15 -9.46 2.03 -9.08
C SER A 15 -8.17 2.03 -9.90
N LEU A 16 -7.16 2.73 -9.38
CA LEU A 16 -5.88 2.82 -10.05
C LEU A 16 -5.14 4.05 -9.55
N GLU A 17 -5.60 5.21 -10.00
CA GLU A 17 -4.99 6.47 -9.61
C GLU A 17 -4.49 6.39 -8.17
N ALA A 18 -5.42 6.62 -7.24
CA ALA A 18 -5.09 6.57 -5.83
C ALA A 18 -3.93 5.60 -5.60
N LEU A 19 -4.04 4.43 -6.24
CA LEU A 19 -3.01 3.42 -6.12
C LEU A 19 -1.69 3.97 -6.64
N GLY A 20 -1.59 4.01 -7.96
CA GLY A 20 -0.39 4.51 -8.61
C GLY A 20 0.15 5.75 -7.89
N ILE A 21 -0.77 6.46 -7.24
CA ILE A 21 -0.40 7.66 -6.51
C ILE A 21 0.45 7.28 -5.31
N LEU A 22 -0.17 6.54 -4.39
CA LEU A 22 0.52 6.10 -3.19
C LEU A 22 1.55 5.04 -3.56
N GLN A 23 1.37 4.46 -4.73
CA GLN A 23 2.27 3.42 -5.22
C GLN A 23 3.59 4.05 -5.67
N SER A 24 3.47 5.21 -6.30
CA SER A 24 4.64 5.91 -6.80
C SER A 24 5.51 6.36 -5.62
N PHE A 25 4.84 6.69 -4.52
CA PHE A 25 5.54 7.15 -3.33
C PHE A 25 6.22 5.98 -2.62
N ILE A 26 5.65 4.80 -2.81
CA ILE A 26 6.19 3.60 -2.19
C ILE A 26 7.56 3.29 -2.81
N HIS A 27 7.61 3.43 -4.13
CA HIS A 27 8.84 3.16 -4.86
C HIS A 27 9.81 4.34 -4.68
N ASP A 28 9.26 5.44 -4.20
CA ASP A 28 10.06 6.63 -3.97
C ASP A 28 10.64 6.60 -2.55
N VAL A 29 9.76 6.35 -1.60
CA VAL A 29 10.16 6.29 -0.20
C VAL A 29 10.69 4.89 0.11
N GLY A 30 9.92 3.90 -0.30
CA GLY A 30 10.30 2.51 -0.07
C GLY A 30 9.11 1.69 0.44
N LEU A 31 9.41 0.76 1.34
CA LEU A 31 8.37 -0.09 1.90
C LEU A 31 8.44 -0.02 3.43
N TYR A 32 8.35 1.21 3.94
CA TYR A 32 8.41 1.42 5.38
C TYR A 32 7.87 2.81 5.74
N PRO A 33 6.55 3.00 5.44
CA PRO A 33 5.90 4.27 5.73
C PRO A 33 5.61 4.41 7.23
N ASP A 34 5.16 5.60 7.60
CA ASP A 34 4.84 5.87 9.00
C ASP A 34 3.38 6.32 9.11
N GLN A 35 2.86 6.24 10.32
CA GLN A 35 1.49 6.65 10.58
C GLN A 35 1.18 7.97 9.89
N GLU A 36 2.25 8.75 9.68
CA GLU A 36 2.10 10.04 9.04
C GLU A 36 1.90 9.87 7.53
N ALA A 37 2.77 9.07 6.94
CA ALA A 37 2.69 8.82 5.51
C ALA A 37 1.36 8.15 5.18
N ILE A 38 0.99 7.19 6.00
CA ILE A 38 -0.27 6.47 5.82
C ILE A 38 -1.43 7.47 5.88
N HIS A 39 -1.36 8.35 6.86
CA HIS A 39 -2.40 9.36 7.05
C HIS A 39 -2.57 10.15 5.75
N THR A 40 -1.44 10.50 5.14
CA THR A 40 -1.45 11.25 3.90
C THR A 40 -2.09 10.43 2.79
N LEU A 41 -1.85 9.13 2.83
CA LEU A 41 -2.39 8.24 1.83
C LEU A 41 -3.90 8.07 2.06
N SER A 42 -4.28 8.08 3.34
CA SER A 42 -5.68 7.93 3.70
C SER A 42 -6.42 9.24 3.44
N ALA A 43 -5.64 10.30 3.29
CA ALA A 43 -6.21 11.62 3.03
C ALA A 43 -6.18 11.89 1.53
N GLN A 44 -4.98 12.03 1.01
CA GLN A 44 -4.79 12.30 -0.41
C GLN A 44 -5.76 11.45 -1.24
N LEU A 45 -5.90 10.20 -0.82
CA LEU A 45 -6.78 9.27 -1.51
C LEU A 45 -8.15 9.27 -0.84
N ASP A 46 -8.13 9.56 0.46
CA ASP A 46 -9.36 9.60 1.23
C ASP A 46 -9.75 8.18 1.64
N LEU A 47 -8.76 7.30 1.60
CA LEU A 47 -8.98 5.90 1.96
C LEU A 47 -8.61 5.70 3.44
N PRO A 48 -9.09 4.56 3.99
CA PRO A 48 -8.81 4.23 5.38
C PRO A 48 -7.38 3.74 5.56
N LYS A 49 -6.95 3.71 6.81
CA LYS A 49 -5.60 3.27 7.12
C LYS A 49 -5.48 1.77 6.86
N HIS A 50 -6.43 1.02 7.41
CA HIS A 50 -6.44 -0.41 7.23
C HIS A 50 -6.28 -0.76 5.75
N THR A 51 -7.06 -0.08 4.93
CA THR A 51 -7.01 -0.30 3.50
C THR A 51 -5.59 -0.08 2.97
N ILE A 52 -5.06 1.09 3.27
CA ILE A 52 -3.71 1.43 2.84
C ILE A 52 -2.72 0.44 3.42
N ILE A 53 -2.87 0.20 4.73
CA ILE A 53 -1.99 -0.72 5.43
C ILE A 53 -2.07 -2.09 4.75
N LYS A 54 -3.28 -2.64 4.76
CA LYS A 54 -3.50 -3.95 4.16
C LYS A 54 -2.74 -4.04 2.83
N PHE A 55 -3.08 -3.13 1.93
CA PHE A 55 -2.44 -3.09 0.62
C PHE A 55 -0.92 -3.07 0.76
N PHE A 56 -0.46 -2.40 1.82
CA PHE A 56 0.97 -2.30 2.08
C PHE A 56 1.52 -3.60 2.65
N GLN A 57 0.72 -4.22 3.51
CA GLN A 57 1.11 -5.48 4.12
C GLN A 57 1.39 -6.54 3.05
N ASN A 58 0.72 -6.36 1.91
CA ASN A 58 0.88 -7.29 0.81
C ASN A 58 2.22 -7.03 0.12
N GLN A 59 2.50 -5.75 -0.10
CA GLN A 59 3.73 -5.36 -0.75
C GLN A 59 4.93 -6.07 -0.11
N ARG A 60 4.93 -6.08 1.22
CA ARG A 60 6.00 -6.72 1.96
C ARG A 60 6.10 -8.20 1.58
N TYR A 61 5.06 -8.94 1.95
CA TYR A 61 5.02 -10.37 1.67
C TYR A 61 5.60 -10.66 0.29
N HIS A 62 5.25 -9.81 -0.67
CA HIS A 62 5.72 -9.96 -2.03
C HIS A 62 7.25 -9.80 -2.06
N VAL A 63 7.67 -8.55 -2.07
CA VAL A 63 9.09 -8.24 -2.10
C VAL A 63 9.83 -9.13 -1.11
N LYS A 64 11.07 -9.44 -1.44
CA LYS A 64 11.89 -10.28 -0.59
C LYS A 64 13.33 -10.27 -1.09
N HIS A 65 13.52 -10.85 -2.27
CA HIS A 65 14.84 -10.91 -2.88
C HIS A 65 15.38 -9.50 -3.06
N SER A 66 16.70 -9.39 -3.07
CA SER A 66 17.35 -8.10 -3.25
C SER A 66 16.90 -7.14 -2.15
N GLY A 67 17.72 -6.12 -1.93
CA GLY A 67 17.42 -5.12 -0.92
C GLY A 67 17.93 -3.74 -1.34
N PRO A 68 17.25 -2.69 -0.80
CA PRO A 68 17.63 -1.33 -1.11
C PRO A 68 18.92 -0.93 -0.38
N SER A 69 19.96 -1.72 -0.61
CA SER A 69 21.24 -1.45 0.02
C SER A 69 22.36 -2.13 -0.78
N SER A 70 23.18 -1.30 -1.42
CA SER A 70 24.28 -1.80 -2.22
C SER A 70 25.39 -2.34 -1.30
N GLY A 71 25.84 -1.47 -0.40
CA GLY A 71 26.90 -1.84 0.53
C GLY A 71 26.73 -1.10 1.86
#